data_9Q55
#
_entry.id   9Q55
#
_cell.length_a   59.538
_cell.length_b   151.891
_cell.length_c   108.160
_cell.angle_alpha   90.00
_cell.angle_beta   90.76
_cell.angle_gamma   90.00
#
_symmetry.space_group_name_H-M   'P 1 21 1'
#
loop_
_entity.id
_entity.type
_entity.pdbx_description
1 polymer 'Nitric oxide synthase 3'
2 non-polymer 'PROTOPORPHYRIN IX CONTAINING FE'
3 non-polymer 5,6,7,8-TETRAHYDROBIOPTERIN
4 non-polymer 6-({2,3-difluoro-5-[2-(4-fluoropiperidin-1-yl)ethyl]phenoxy}methyl)-4-methylpyridin-2-amine
5 non-polymer 2-[BIS-(2-HYDROXY-ETHYL)-AMINO]-2-HYDROXYMETHYL-PROPANE-1,3-DIOL
6 non-polymer GLYCEROL
7 non-polymer 'CHLORIDE ION'
8 non-polymer 'ZINC ION'
9 non-polymer 'CALCIUM ION'
10 non-polymer 'GADOLINIUM ATOM'
11 water water
#
_entity_poly.entity_id   1
_entity_poly.type   'polypeptide(L)'
_entity_poly.pdbx_seq_one_letter_code
;APASLLPPAPEHSPPSSPLTQPPEGPKFPRVKNWEVGSITYDTLSAQAQQDGPCTPRRCLGSLVFPRKLQGRPSPGPPAP
EQLLSQARDFINQYYSSIKRSGSQAHEQRLQEVEAEVAATGTYQLRESELVFGAKQAWRNAPRCVGRIQWGKLQVFDARD
CRSAQEMFTYICNHIKYATNRGNLRSAITVFPQRCPGRGDFRIWNSQLVRYAGYRQQDGSVRGDPANVEITELCIQHGWT
PGNGRFDVLPLLLQAPDEPPELFLLPPELVLEVPLEHPTLEWFAALGLRWYALPAVSNMLLEIGGLEFPAAPFSGWYMST
EIGTRNLCDPHRYNILEDVAVCMDLDTRTTSSLWKDKAAVEINVAVLHSYQLAKVTIVDHHAATASFMKHLENEQKARGG
CPADWAWIVPPISGSLTPVFHQEMVNYFLSPAFRYQPDPW
;
_entity_poly.pdbx_strand_id   A,B,C,D
#
loop_
_chem_comp.id
_chem_comp.type
_chem_comp.name
_chem_comp.formula
A1CN8 non-polymer 6-({2,3-difluoro-5-[2-(4-fluoropiperidin-1-yl)ethyl]phenoxy}methyl)-4-methylpyridin-2-amine 'C20 H24 F3 N3 O'
BTB non-polymer 2-[BIS-(2-HYDROXY-ETHYL)-AMINO]-2-HYDROXYMETHYL-PROPANE-1,3-DIOL 'C8 H19 N O5'
CA non-polymer 'CALCIUM ION' 'Ca 2'
CL non-polymer 'CHLORIDE ION' 'Cl -1'
GD non-polymer 'GADOLINIUM ATOM' Gd
GOL non-polymer GLYCEROL 'C3 H8 O3'
H4B non-polymer 5,6,7,8-TETRAHYDROBIOPTERIN 'C9 H15 N5 O3'
HEM non-polymer 'PROTOPORPHYRIN IX CONTAINING FE' 'C34 H32 Fe N4 O4'
ZN non-polymer 'ZINC ION' 'Zn 2'
#
# COMPACT_ATOMS: atom_id res chain seq x y z
N LYS A 27 -17.38 -39.90 34.91
CA LYS A 27 -16.26 -40.50 34.18
C LYS A 27 -16.43 -40.44 32.66
N PHE A 28 -17.69 -40.44 32.19
CA PHE A 28 -17.97 -40.34 30.78
C PHE A 28 -18.42 -38.93 30.45
N PRO A 29 -17.61 -38.13 29.74
CA PRO A 29 -17.98 -36.73 29.49
C PRO A 29 -19.36 -36.60 28.86
N ARG A 30 -20.17 -35.74 29.44
CA ARG A 30 -21.45 -35.36 28.84
C ARG A 30 -21.19 -34.33 27.75
N VAL A 31 -21.80 -34.53 26.59
CA VAL A 31 -21.52 -33.72 25.42
C VAL A 31 -22.85 -33.25 24.84
N LYS A 32 -23.05 -31.94 24.83
CA LYS A 32 -24.30 -31.34 24.41
C LYS A 32 -24.18 -30.73 23.01
N ASN A 33 -25.27 -30.81 22.26
CA ASN A 33 -25.44 -30.01 21.05
C ASN A 33 -26.44 -28.91 21.37
N TRP A 34 -25.99 -27.65 21.24
CA TRP A 34 -26.76 -26.52 21.73
C TRP A 34 -27.79 -26.04 20.73
N GLU A 35 -27.68 -26.46 19.47
CA GLU A 35 -28.70 -26.15 18.48
C GLU A 35 -29.93 -27.02 18.66
N VAL A 36 -29.72 -28.30 18.97
CA VAL A 36 -30.78 -29.30 19.04
C VAL A 36 -31.19 -29.56 20.48
N GLY A 37 -30.24 -29.38 21.41
CA GLY A 37 -30.44 -29.75 22.80
C GLY A 37 -30.10 -31.20 23.11
N SER A 38 -29.62 -31.95 22.13
CA SER A 38 -29.37 -33.37 22.30
C SER A 38 -28.10 -33.62 23.12
N ILE A 39 -28.13 -34.70 23.88
CA ILE A 39 -27.04 -35.11 24.78
C ILE A 39 -26.50 -36.46 24.32
N THR A 40 -25.17 -36.57 24.23
CA THR A 40 -24.52 -37.88 24.19
C THR A 40 -23.44 -37.95 25.26
N TYR A 41 -22.99 -39.18 25.53
CA TYR A 41 -21.85 -39.42 26.41
C TYR A 41 -20.74 -40.02 25.58
N ASP A 42 -19.52 -39.48 25.72
CA ASP A 42 -18.39 -40.01 24.98
C ASP A 42 -17.76 -41.12 25.82
N THR A 43 -18.15 -42.37 25.52
CA THR A 43 -17.54 -43.51 26.19
C THR A 43 -16.22 -43.93 25.54
N LEU A 44 -15.95 -43.46 24.32
CA LEU A 44 -14.71 -43.81 23.64
C LEU A 44 -13.49 -43.12 24.27
N SER A 45 -13.69 -41.94 24.85
CA SER A 45 -12.56 -41.20 25.42
C SER A 45 -11.82 -42.01 26.48
N ALA A 46 -12.50 -42.94 27.13
CA ALA A 46 -11.87 -43.74 28.18
C ALA A 46 -10.75 -44.64 27.65
N GLN A 47 -10.67 -44.85 26.34
CA GLN A 47 -9.60 -45.63 25.71
C GLN A 47 -8.47 -44.75 25.19
N ALA A 48 -8.39 -43.48 25.60
CA ALA A 48 -7.35 -42.60 25.11
C ALA A 48 -5.97 -43.20 25.37
N GLN A 49 -5.29 -43.62 24.30
CA GLN A 49 -4.03 -44.34 24.45
C GLN A 49 -2.95 -43.47 25.08
N GLN A 50 -2.80 -42.24 24.62
CA GLN A 50 -1.72 -41.37 25.06
C GLN A 50 -2.31 -40.19 25.84
N ASP A 51 -1.44 -39.28 26.26
CA ASP A 51 -1.83 -38.13 27.03
C ASP A 51 -1.73 -36.88 26.18
N GLY A 52 -2.76 -36.06 26.23
CA GLY A 52 -2.73 -34.76 25.57
C GLY A 52 -2.10 -33.70 26.46
N PRO A 53 -2.17 -32.45 26.03
CA PRO A 53 -1.41 -31.40 26.71
C PRO A 53 -2.09 -30.80 27.91
N CYS A 54 -3.35 -31.15 28.18
CA CYS A 54 -4.16 -30.42 29.13
C CYS A 54 -4.04 -31.04 30.52
N THR A 55 -4.23 -30.22 31.53
CA THR A 55 -4.29 -30.69 32.92
C THR A 55 -5.47 -30.02 33.60
N PRO A 56 -5.89 -30.52 34.76
CA PRO A 56 -6.94 -29.83 35.52
C PRO A 56 -6.61 -28.37 35.81
N ARG A 57 -5.31 -28.07 35.86
CA ARG A 57 -4.88 -26.71 36.15
C ARG A 57 -5.10 -25.77 34.98
N ARG A 58 -4.98 -26.27 33.74
CA ARG A 58 -4.94 -25.39 32.56
C ARG A 58 -5.20 -26.16 31.28
N CYS A 59 -6.04 -25.60 30.42
CA CYS A 59 -6.35 -26.21 29.14
C CYS A 59 -5.46 -25.60 28.05
N LEU A 60 -4.77 -26.47 27.29
CA LEU A 60 -3.89 -26.08 26.21
C LEU A 60 -4.42 -26.54 24.86
N GLY A 61 -5.73 -26.72 24.75
CA GLY A 61 -6.33 -27.21 23.52
C GLY A 61 -6.12 -26.32 22.30
N SER A 62 -5.82 -25.05 22.49
CA SER A 62 -5.63 -24.18 21.33
C SER A 62 -4.22 -24.21 20.77
N LEU A 63 -3.27 -24.91 21.41
CA LEU A 63 -1.91 -24.92 20.91
C LEU A 63 -1.82 -25.84 19.70
N VAL A 64 -1.16 -25.38 18.64
CA VAL A 64 -1.04 -26.22 17.45
C VAL A 64 -0.18 -27.44 17.74
N PHE A 65 0.99 -27.21 18.32
CA PHE A 65 1.90 -28.28 18.76
C PHE A 65 1.99 -28.22 20.29
N PRO A 66 1.35 -29.14 21.02
CA PRO A 66 1.32 -29.21 22.49
C PRO A 66 2.68 -29.09 23.21
N GLU A 81 10.34 -53.76 22.56
CA GLU A 81 9.93 -55.01 23.20
C GLU A 81 8.70 -54.75 24.08
N GLN A 82 8.68 -53.61 24.78
CA GLN A 82 7.40 -53.06 25.20
C GLN A 82 6.60 -52.53 24.02
N LEU A 83 7.24 -52.43 22.85
CA LEU A 83 6.57 -52.32 21.56
C LEU A 83 5.52 -53.41 21.36
N LEU A 84 5.61 -54.50 22.14
CA LEU A 84 4.67 -55.62 22.01
C LEU A 84 3.26 -55.22 22.43
N SER A 85 3.13 -54.47 23.53
CA SER A 85 1.80 -54.17 24.05
C SER A 85 1.04 -53.25 23.11
N GLN A 86 1.73 -52.31 22.46
CA GLN A 86 1.11 -51.53 21.39
C GLN A 86 0.67 -52.45 20.25
N ALA A 87 1.63 -53.23 19.73
CA ALA A 87 1.34 -54.18 18.66
C ALA A 87 0.21 -55.12 19.06
N ARG A 88 0.25 -55.65 20.28
CA ARG A 88 -0.84 -56.49 20.76
C ARG A 88 -2.18 -55.77 20.65
N ASP A 89 -2.29 -54.57 21.25
CA ASP A 89 -3.58 -53.90 21.30
C ASP A 89 -4.10 -53.57 19.90
N PHE A 90 -3.22 -53.17 18.98
CA PHE A 90 -3.67 -52.92 17.61
C PHE A 90 -4.22 -54.19 16.96
N ILE A 91 -3.56 -55.34 17.16
CA ILE A 91 -4.05 -56.58 16.57
C ILE A 91 -5.43 -56.92 17.12
N ASN A 92 -5.62 -56.71 18.43
CA ASN A 92 -6.92 -56.89 19.05
C ASN A 92 -7.96 -55.97 18.42
N GLN A 93 -7.59 -54.72 18.18
CA GLN A 93 -8.46 -53.80 17.45
C GLN A 93 -8.85 -54.39 16.11
N TYR A 94 -7.84 -54.77 15.33
CA TYR A 94 -8.08 -55.28 13.99
C TYR A 94 -9.03 -56.48 13.99
N TYR A 95 -8.76 -57.46 14.85
CA TYR A 95 -9.60 -58.66 14.78
C TYR A 95 -10.98 -58.40 15.38
N SER A 96 -11.08 -57.54 16.38
CA SER A 96 -12.39 -57.07 16.81
C SER A 96 -13.13 -56.39 15.66
N SER A 97 -12.39 -55.63 14.85
CA SER A 97 -13.00 -54.91 13.73
C SER A 97 -13.53 -55.85 12.65
N ILE A 98 -12.88 -56.97 12.44
CA ILE A 98 -13.39 -57.90 11.43
C ILE A 98 -14.16 -59.02 12.13
N LYS A 99 -14.49 -58.81 13.41
CA LYS A 99 -15.34 -59.73 14.17
C LYS A 99 -14.73 -61.13 14.27
N ARG A 100 -13.41 -61.18 14.40
CA ARG A 100 -12.67 -62.43 14.54
C ARG A 100 -11.86 -62.41 15.82
N SER A 101 -12.43 -61.85 16.89
CA SER A 101 -11.68 -61.65 18.11
C SER A 101 -11.48 -62.97 18.85
N GLY A 102 -10.29 -63.14 19.41
CA GLY A 102 -9.96 -64.33 20.17
C GLY A 102 -9.97 -65.62 19.36
N SER A 103 -10.25 -65.51 18.06
CA SER A 103 -10.30 -66.66 17.18
C SER A 103 -8.91 -67.23 16.98
N GLN A 104 -8.85 -68.34 16.24
CA GLN A 104 -7.56 -68.97 15.95
C GLN A 104 -6.67 -68.02 15.17
N ALA A 105 -7.22 -67.38 14.13
CA ALA A 105 -6.44 -66.41 13.35
C ALA A 105 -5.93 -65.28 14.23
N HIS A 106 -6.75 -64.82 15.18
CA HIS A 106 -6.29 -63.81 16.13
C HIS A 106 -5.07 -64.31 16.91
N GLU A 107 -5.21 -65.47 17.55
CA GLU A 107 -4.15 -65.99 18.41
C GLU A 107 -2.88 -66.30 17.63
N GLN A 108 -2.99 -66.51 16.33
CA GLN A 108 -1.81 -66.86 15.55
C GLN A 108 -1.01 -65.63 15.15
N ARG A 109 -1.70 -64.57 14.72
CA ARG A 109 -1.02 -63.32 14.44
C ARG A 109 -0.32 -62.79 15.69
N LEU A 110 -0.97 -62.94 16.85
CA LEU A 110 -0.34 -62.54 18.11
C LEU A 110 1.02 -63.19 18.27
N GLN A 111 1.07 -64.52 18.24
CA GLN A 111 2.35 -65.19 18.43
C GLN A 111 3.31 -64.93 17.28
N GLU A 112 2.79 -64.60 16.09
CA GLU A 112 3.66 -64.25 14.97
C GLU A 112 4.42 -62.94 15.23
N VAL A 113 3.70 -61.89 15.61
CA VAL A 113 4.39 -60.62 15.88
C VAL A 113 5.34 -60.78 17.06
N GLU A 114 4.94 -61.55 18.08
CA GLU A 114 5.85 -61.82 19.19
C GLU A 114 7.17 -62.39 18.71
N ALA A 115 7.11 -63.39 17.83
CA ALA A 115 8.32 -64.04 17.34
C ALA A 115 9.13 -63.11 16.43
N GLU A 116 8.44 -62.33 15.58
CA GLU A 116 9.11 -61.37 14.70
C GLU A 116 9.89 -60.34 15.50
N VAL A 117 9.28 -59.79 16.54
CA VAL A 117 9.97 -58.80 17.35
C VAL A 117 11.16 -59.44 18.06
N ALA A 118 11.01 -60.70 18.48
CA ALA A 118 12.12 -61.41 19.11
C ALA A 118 13.26 -61.66 18.12
N ALA A 119 12.91 -62.05 16.89
CA ALA A 119 13.93 -62.26 15.86
C ALA A 119 14.55 -60.96 15.37
N THR A 120 13.71 -59.96 15.03
CA THR A 120 14.21 -58.79 14.30
C THR A 120 14.25 -57.49 15.09
N GLY A 121 13.59 -57.41 16.25
CA GLY A 121 13.47 -56.15 16.96
C GLY A 121 12.30 -55.29 16.53
N THR A 122 11.67 -55.63 15.42
CA THR A 122 10.47 -54.96 14.92
C THR A 122 9.55 -56.06 14.39
N TYR A 123 8.59 -55.68 13.57
CA TYR A 123 7.74 -56.66 12.90
C TYR A 123 7.00 -55.96 11.77
N GLN A 124 6.47 -56.78 10.87
CA GLN A 124 5.83 -56.29 9.66
C GLN A 124 4.33 -56.45 9.76
N LEU A 125 3.59 -55.44 9.28
CA LEU A 125 2.14 -55.55 9.17
C LEU A 125 1.76 -56.37 7.95
N ARG A 126 0.73 -57.20 8.12
CA ARG A 126 0.05 -57.75 6.95
C ARG A 126 -0.53 -56.60 6.15
N GLU A 127 -0.65 -56.80 4.84
CA GLU A 127 -1.15 -55.74 3.97
C GLU A 127 -2.49 -55.22 4.44
N SER A 128 -3.39 -56.11 4.87
CA SER A 128 -4.72 -55.69 5.26
C SER A 128 -4.71 -54.92 6.58
N GLU A 129 -3.89 -55.34 7.54
CA GLU A 129 -3.71 -54.57 8.76
C GLU A 129 -3.22 -53.18 8.44
N LEU A 130 -2.31 -53.05 7.47
CA LEU A 130 -1.85 -51.74 7.04
C LEU A 130 -3.00 -50.90 6.51
N VAL A 131 -3.87 -51.51 5.69
CA VAL A 131 -5.05 -50.80 5.22
C VAL A 131 -5.91 -50.36 6.39
N PHE A 132 -6.15 -51.25 7.34
CA PHE A 132 -7.01 -50.92 8.47
C PHE A 132 -6.37 -49.84 9.33
N GLY A 133 -5.04 -49.92 9.53
CA GLY A 133 -4.35 -48.93 10.33
C GLY A 133 -4.37 -47.54 9.70
N ALA A 134 -4.08 -47.46 8.40
CA ALA A 134 -4.12 -46.16 7.73
C ALA A 134 -5.51 -45.53 7.84
N LYS A 135 -6.57 -46.32 7.64
CA LYS A 135 -7.92 -45.79 7.74
C LYS A 135 -8.24 -45.35 9.16
N GLN A 136 -7.85 -46.17 10.15
CA GLN A 136 -8.09 -45.82 11.54
C GLN A 136 -7.35 -44.55 11.93
N ALA A 137 -6.10 -44.42 11.50
CA ALA A 137 -5.33 -43.23 11.84
C ALA A 137 -6.05 -41.98 11.33
N TRP A 138 -6.59 -42.04 10.12
CA TRP A 138 -7.42 -40.93 9.63
C TRP A 138 -8.68 -40.78 10.48
N ARG A 139 -9.36 -41.90 10.74
CA ARG A 139 -10.58 -41.88 11.52
C ARG A 139 -10.37 -41.30 12.91
N ASN A 140 -9.16 -41.45 13.45
CA ASN A 140 -8.87 -40.98 14.79
C ASN A 140 -8.28 -39.58 14.81
N ALA A 141 -8.07 -38.96 13.67
CA ALA A 141 -7.49 -37.62 13.59
C ALA A 141 -8.46 -36.58 14.10
N PRO A 142 -8.25 -35.98 15.29
CA PRO A 142 -9.30 -35.13 15.86
C PRO A 142 -9.49 -33.83 15.11
N ARG A 143 -8.47 -33.35 14.41
CA ARG A 143 -8.58 -32.06 13.76
C ARG A 143 -9.06 -32.16 12.32
N CYS A 144 -9.44 -33.35 11.85
CA CYS A 144 -9.86 -33.52 10.46
C CYS A 144 -11.38 -33.48 10.37
N VAL A 145 -11.91 -32.49 9.64
CA VAL A 145 -13.35 -32.40 9.43
C VAL A 145 -13.83 -33.29 8.30
N GLY A 146 -12.94 -33.95 7.58
CA GLY A 146 -13.33 -34.71 6.41
C GLY A 146 -13.57 -36.19 6.65
N ARG A 147 -13.64 -36.61 7.91
CA ARG A 147 -13.59 -38.03 8.25
C ARG A 147 -14.84 -38.80 7.89
N ILE A 148 -15.91 -38.14 7.45
CA ILE A 148 -17.04 -38.89 6.90
C ILE A 148 -16.56 -39.86 5.82
N GLN A 149 -15.42 -39.53 5.20
CA GLN A 149 -14.82 -40.27 4.11
C GLN A 149 -13.85 -41.35 4.56
N TRP A 150 -13.75 -41.61 5.87
CA TRP A 150 -12.60 -42.37 6.36
C TRP A 150 -12.57 -43.80 5.81
N GLY A 151 -13.72 -44.39 5.48
CA GLY A 151 -13.73 -45.75 4.97
C GLY A 151 -13.27 -45.89 3.52
N LYS A 152 -13.34 -44.83 2.73
CA LYS A 152 -12.82 -44.84 1.36
C LYS A 152 -11.44 -44.18 1.37
N LEU A 153 -10.40 -45.00 1.43
CA LEU A 153 -9.04 -44.52 1.37
C LEU A 153 -8.21 -45.53 0.59
N GLN A 154 -7.63 -45.10 -0.50
CA GLN A 154 -6.74 -45.95 -1.28
C GLN A 154 -5.38 -45.99 -0.60
N VAL A 155 -5.00 -47.16 -0.09
CA VAL A 155 -3.71 -47.34 0.56
C VAL A 155 -2.75 -47.95 -0.43
N PHE A 156 -1.61 -47.30 -0.64
CA PHE A 156 -0.57 -47.75 -1.56
C PHE A 156 0.61 -48.23 -0.74
N ASP A 157 0.88 -49.52 -0.80
CA ASP A 157 1.98 -50.12 -0.06
C ASP A 157 3.30 -49.89 -0.81
N ALA A 158 4.12 -48.98 -0.28
CA ALA A 158 5.44 -48.71 -0.81
C ALA A 158 6.52 -49.17 0.17
N ARG A 159 6.21 -50.13 1.03
CA ARG A 159 7.17 -50.60 2.03
C ARG A 159 8.35 -51.35 1.41
N ASP A 160 8.26 -51.71 0.14
CA ASP A 160 9.34 -52.34 -0.59
C ASP A 160 10.26 -51.33 -1.26
N CYS A 161 10.17 -50.07 -0.89
CA CYS A 161 10.89 -48.99 -1.54
C CYS A 161 12.30 -48.86 -0.97
N ARG A 162 13.24 -48.52 -1.84
CA ARG A 162 14.59 -48.09 -1.46
C ARG A 162 15.07 -47.10 -2.49
N SER A 163 15.96 -46.20 -2.07
CA SER A 163 16.42 -45.06 -2.87
C SER A 163 15.33 -44.01 -3.06
N ALA A 164 15.76 -42.76 -3.26
CA ALA A 164 14.81 -41.65 -3.43
C ALA A 164 14.16 -41.71 -4.81
N GLN A 165 14.86 -42.22 -5.82
CA GLN A 165 14.26 -42.31 -7.14
C GLN A 165 12.98 -43.15 -7.11
N GLU A 166 12.98 -44.22 -6.32
CA GLU A 166 11.76 -45.01 -6.18
C GLU A 166 10.68 -44.25 -5.42
N MET A 167 11.06 -43.54 -4.36
CA MET A 167 10.13 -42.65 -3.68
C MET A 167 9.41 -41.76 -4.69
N PHE A 168 10.18 -41.13 -5.58
CA PHE A 168 9.60 -40.19 -6.52
C PHE A 168 8.57 -40.87 -7.41
N THR A 169 8.85 -42.11 -7.80
CA THR A 169 7.92 -42.85 -8.64
C THR A 169 6.66 -43.21 -7.88
N TYR A 170 6.79 -43.78 -6.68
CA TYR A 170 5.62 -44.01 -5.83
C TYR A 170 4.80 -42.74 -5.61
N ILE A 171 5.46 -41.57 -5.58
CA ILE A 171 4.76 -40.34 -5.28
C ILE A 171 4.00 -39.82 -6.48
N CYS A 172 4.62 -39.89 -7.67
CA CYS A 172 3.92 -39.47 -8.89
C CYS A 172 2.73 -40.37 -9.18
N ASN A 173 2.82 -41.65 -8.81
CA ASN A 173 1.68 -42.54 -8.99
C ASN A 173 0.55 -42.11 -8.07
N HIS A 174 0.85 -41.94 -6.78
CA HIS A 174 -0.09 -41.33 -5.85
C HIS A 174 -0.71 -40.09 -6.44
N ILE A 175 0.12 -39.14 -6.88
CA ILE A 175 -0.37 -37.85 -7.33
C ILE A 175 -1.29 -38.03 -8.54
N LYS A 176 -0.86 -38.83 -9.52
CA LYS A 176 -1.70 -39.12 -10.66
C LYS A 176 -2.99 -39.81 -10.23
N TYR A 177 -2.89 -40.84 -9.38
CA TYR A 177 -4.08 -41.54 -8.94
C TYR A 177 -5.02 -40.61 -8.17
N ALA A 178 -4.48 -39.90 -7.17
CA ALA A 178 -5.32 -39.07 -6.31
C ALA A 178 -5.93 -37.91 -7.09
N THR A 179 -5.18 -37.33 -8.03
CA THR A 179 -5.71 -36.23 -8.83
C THR A 179 -6.82 -36.71 -9.75
N ASN A 180 -6.59 -37.80 -10.48
CA ASN A 180 -7.63 -38.42 -11.30
C ASN A 180 -8.32 -37.40 -12.20
N ARG A 181 -7.53 -36.49 -12.77
CA ARG A 181 -8.05 -35.48 -13.72
C ARG A 181 -9.07 -34.55 -13.06
N GLY A 182 -8.89 -34.29 -11.75
CA GLY A 182 -9.77 -33.42 -11.03
C GLY A 182 -10.87 -34.12 -10.26
N ASN A 183 -11.12 -35.39 -10.55
CA ASN A 183 -12.09 -36.15 -9.76
C ASN A 183 -11.34 -36.75 -8.57
N LEU A 184 -11.20 -35.96 -7.52
CA LEU A 184 -10.20 -36.30 -6.50
C LEU A 184 -10.60 -37.52 -5.69
N ARG A 185 -9.60 -38.28 -5.28
CA ARG A 185 -9.77 -39.56 -4.61
C ARG A 185 -8.76 -39.66 -3.48
N SER A 186 -9.25 -39.96 -2.28
CA SER A 186 -8.35 -40.05 -1.13
C SER A 186 -7.36 -41.17 -1.31
N ALA A 187 -6.16 -40.96 -0.79
CA ALA A 187 -5.12 -41.96 -0.94
C ALA A 187 -4.05 -41.74 0.11
N ILE A 188 -3.32 -42.80 0.40
CA ILE A 188 -2.10 -42.71 1.19
C ILE A 188 -1.10 -43.68 0.59
N THR A 189 0.16 -43.28 0.59
CA THR A 189 1.27 -44.17 0.24
C THR A 189 2.13 -44.33 1.48
N VAL A 190 2.35 -45.57 1.87
CA VAL A 190 3.11 -45.89 3.08
C VAL A 190 4.49 -46.37 2.68
N PHE A 191 5.51 -45.64 3.10
CA PHE A 191 6.90 -45.99 2.80
C PHE A 191 7.46 -46.84 3.94
N PRO A 192 8.68 -47.38 3.84
CA PRO A 192 9.14 -48.33 4.86
C PRO A 192 9.15 -47.73 6.25
N GLN A 193 8.75 -48.55 7.22
CA GLN A 193 8.73 -48.14 8.61
C GLN A 193 10.13 -47.85 9.13
N ARG A 194 10.19 -46.97 10.13
CA ARG A 194 11.40 -46.82 10.92
C ARG A 194 11.76 -48.14 11.58
N CYS A 195 13.03 -48.49 11.58
CA CYS A 195 13.51 -49.65 12.31
C CYS A 195 14.83 -49.28 12.98
N PRO A 196 15.20 -50.00 14.05
CA PRO A 196 16.44 -49.67 14.75
C PRO A 196 17.66 -49.73 13.83
N GLY A 197 18.63 -48.86 14.12
CA GLY A 197 19.92 -48.88 13.44
C GLY A 197 19.92 -48.39 12.01
N ARG A 198 18.73 -48.24 11.43
CA ARG A 198 18.57 -47.78 10.06
C ARG A 198 18.01 -46.36 10.03
N GLY A 199 18.44 -45.60 9.04
CA GLY A 199 17.89 -44.28 8.83
C GLY A 199 16.41 -44.29 8.50
N ASP A 200 15.89 -43.14 8.10
CA ASP A 200 14.45 -42.99 7.89
C ASP A 200 14.17 -42.49 6.48
N PHE A 201 13.05 -42.95 5.94
CA PHE A 201 12.47 -42.31 4.77
C PHE A 201 11.76 -41.04 5.21
N ARG A 202 12.11 -39.92 4.59
CA ARG A 202 11.50 -38.64 4.95
C ARG A 202 11.25 -37.84 3.68
N ILE A 203 10.02 -37.38 3.51
CA ILE A 203 9.73 -36.32 2.55
C ILE A 203 9.93 -35.00 3.27
N TRP A 204 10.91 -34.21 2.83
CA TRP A 204 11.22 -32.96 3.53
C TRP A 204 10.11 -31.93 3.36
N ASN A 205 9.41 -31.94 2.23
CA ASN A 205 8.34 -30.97 2.02
C ASN A 205 7.15 -31.30 2.92
N SER A 206 6.47 -30.24 3.38
CA SER A 206 5.31 -30.43 4.24
C SER A 206 4.09 -30.89 3.46
N GLN A 207 3.98 -30.49 2.20
CA GLN A 207 3.02 -31.07 1.27
C GLN A 207 3.72 -31.45 -0.03
N LEU A 208 3.09 -32.35 -0.78
CA LEU A 208 3.66 -32.72 -2.08
C LEU A 208 3.61 -31.54 -3.04
N VAL A 209 2.58 -30.70 -2.94
CA VAL A 209 2.46 -29.51 -3.77
C VAL A 209 2.50 -28.29 -2.86
N ARG A 210 3.57 -27.51 -2.98
CA ARG A 210 3.78 -26.29 -2.23
C ARG A 210 4.30 -25.22 -3.16
N TYR A 211 3.81 -24.00 -3.00
CA TYR A 211 4.30 -22.86 -3.76
C TYR A 211 5.52 -22.25 -3.08
N ALA A 212 6.50 -21.84 -3.88
CA ALA A 212 7.72 -21.27 -3.35
C ALA A 212 7.46 -19.95 -2.63
N GLY A 213 8.38 -19.60 -1.73
CA GLY A 213 8.40 -18.32 -1.08
C GLY A 213 9.80 -17.75 -1.06
N TYR A 214 9.97 -16.54 -1.61
CA TYR A 214 11.27 -15.89 -1.76
C TYR A 214 11.30 -14.60 -0.96
N ARG A 215 12.48 -14.22 -0.47
CA ARG A 215 12.66 -12.97 0.27
C ARG A 215 13.43 -11.96 -0.56
N GLN A 216 13.37 -10.69 -0.12
CA GLN A 216 14.09 -9.61 -0.79
C GLN A 216 14.62 -8.61 0.25
N GLN A 217 15.43 -7.66 -0.21
CA GLN A 217 16.03 -6.68 0.69
C GLN A 217 15.07 -5.57 1.10
N ASP A 218 13.76 -5.88 1.04
CA ASP A 218 12.75 -5.17 1.82
C ASP A 218 12.05 -6.13 2.77
N GLY A 219 12.69 -7.25 3.11
CA GLY A 219 12.20 -8.18 4.12
C GLY A 219 11.00 -9.02 3.73
N SER A 220 10.20 -8.55 2.76
CA SER A 220 8.94 -9.19 2.42
C SER A 220 9.17 -10.50 1.67
N VAL A 221 8.08 -11.22 1.43
CA VAL A 221 8.12 -12.50 0.76
C VAL A 221 7.25 -12.45 -0.48
N ARG A 222 7.76 -13.00 -1.58
CA ARG A 222 7.02 -13.20 -2.82
C ARG A 222 6.78 -14.70 -2.97
N GLY A 223 5.52 -15.08 -3.15
CA GLY A 223 5.14 -16.48 -3.06
C GLY A 223 4.50 -16.79 -1.73
N ASP A 224 4.68 -18.00 -1.23
CA ASP A 224 4.00 -18.43 -0.01
C ASP A 224 4.93 -18.21 1.17
N PRO A 225 4.65 -17.24 2.05
CA PRO A 225 5.54 -17.02 3.19
C PRO A 225 5.75 -18.23 4.06
N ALA A 226 4.84 -19.20 4.05
CA ALA A 226 5.00 -20.39 4.88
C ALA A 226 6.12 -21.29 4.39
N ASN A 227 6.63 -21.07 3.20
CA ASN A 227 7.56 -21.99 2.56
C ASN A 227 8.93 -21.38 2.34
N VAL A 228 9.24 -20.29 3.04
CA VAL A 228 10.55 -19.65 2.88
C VAL A 228 11.66 -20.63 3.23
N GLU A 229 11.46 -21.47 4.25
CA GLU A 229 12.53 -22.36 4.71
C GLU A 229 12.72 -23.52 3.74
N ILE A 230 11.64 -24.21 3.40
CA ILE A 230 11.78 -25.30 2.43
C ILE A 230 12.24 -24.77 1.08
N THR A 231 11.89 -23.53 0.73
CA THR A 231 12.31 -23.00 -0.56
C THR A 231 13.81 -22.75 -0.61
N GLU A 232 14.39 -22.22 0.47
CA GLU A 232 15.83 -21.99 0.45
C GLU A 232 16.61 -23.30 0.59
N LEU A 233 16.03 -24.33 1.19
CA LEU A 233 16.65 -25.64 1.16
C LEU A 233 16.73 -26.17 -0.26
N CYS A 234 15.62 -26.09 -1.00
CA CYS A 234 15.63 -26.54 -2.39
C CYS A 234 16.67 -25.78 -3.20
N ILE A 235 16.78 -24.47 -2.97
CA ILE A 235 17.83 -23.70 -3.62
C ILE A 235 19.20 -24.23 -3.22
N GLN A 236 19.42 -24.43 -1.92
CA GLN A 236 20.73 -24.87 -1.45
C GLN A 236 21.07 -26.28 -1.94
N HIS A 237 20.07 -27.13 -2.12
CA HIS A 237 20.28 -28.48 -2.63
C HIS A 237 20.14 -28.57 -4.14
N GLY A 238 20.21 -27.45 -4.85
CA GLY A 238 20.33 -27.49 -6.29
C GLY A 238 19.33 -26.67 -7.08
N TRP A 239 18.14 -26.45 -6.51
CA TRP A 239 17.01 -26.01 -7.33
C TRP A 239 17.23 -24.60 -7.87
N THR A 240 16.80 -24.39 -9.11
CA THR A 240 16.90 -23.09 -9.75
C THR A 240 15.64 -22.29 -9.41
N PRO A 241 15.75 -21.22 -8.63
CA PRO A 241 14.54 -20.52 -8.15
C PRO A 241 13.87 -19.75 -9.26
N GLY A 242 12.57 -20.00 -9.45
CA GLY A 242 11.75 -19.11 -10.23
C GLY A 242 11.61 -17.78 -9.52
N ASN A 243 10.74 -16.93 -10.07
CA ASN A 243 10.49 -15.62 -9.45
C ASN A 243 9.01 -15.33 -9.32
N GLY A 244 8.13 -16.30 -9.55
CA GLY A 244 6.70 -16.09 -9.49
C GLY A 244 6.16 -16.19 -8.07
N ARG A 245 4.86 -15.95 -7.95
CA ARG A 245 4.15 -16.09 -6.69
C ARG A 245 3.54 -17.46 -6.51
N PHE A 246 3.53 -18.28 -7.56
CA PHE A 246 2.97 -19.62 -7.50
C PHE A 246 3.89 -20.61 -8.18
N ASP A 247 5.19 -20.48 -7.96
CA ASP A 247 6.17 -21.45 -8.44
C ASP A 247 6.07 -22.71 -7.60
N VAL A 248 5.67 -23.83 -8.22
CA VAL A 248 5.63 -25.12 -7.51
C VAL A 248 7.04 -25.54 -7.13
N LEU A 249 7.23 -25.86 -5.87
CA LEU A 249 8.54 -26.26 -5.38
C LEU A 249 8.90 -27.65 -5.90
N PRO A 250 10.18 -28.00 -5.88
CA PRO A 250 10.56 -29.40 -6.12
C PRO A 250 10.42 -30.21 -4.85
N LEU A 251 10.48 -31.52 -5.02
CA LEU A 251 10.43 -32.44 -3.89
C LEU A 251 11.84 -32.70 -3.38
N LEU A 252 12.00 -32.65 -2.07
CA LEU A 252 13.26 -33.02 -1.40
C LEU A 252 13.01 -34.36 -0.70
N LEU A 253 13.31 -35.44 -1.41
CA LEU A 253 13.09 -36.79 -0.91
C LEU A 253 14.39 -37.35 -0.34
N GLN A 254 14.26 -38.10 0.75
CA GLN A 254 15.42 -38.62 1.46
C GLN A 254 15.17 -40.07 1.83
N ALA A 255 15.96 -40.97 1.25
CA ALA A 255 16.09 -42.37 1.63
C ALA A 255 17.02 -42.49 2.83
N PRO A 256 17.00 -43.62 3.55
CA PRO A 256 17.86 -43.75 4.74
C PRO A 256 19.34 -43.50 4.49
N ASP A 257 19.91 -42.58 5.27
CA ASP A 257 21.36 -42.40 5.40
C ASP A 257 22.02 -41.87 4.15
N GLU A 258 21.25 -41.27 3.26
CA GLU A 258 21.74 -40.47 2.16
C GLU A 258 21.20 -39.05 2.32
N PRO A 259 21.83 -38.06 1.71
CA PRO A 259 21.25 -36.72 1.74
C PRO A 259 19.97 -36.67 0.92
N PRO A 260 19.12 -35.66 1.14
CA PRO A 260 17.90 -35.55 0.34
C PRO A 260 18.22 -35.22 -1.12
N GLU A 261 17.38 -35.72 -2.02
CA GLU A 261 17.57 -35.54 -3.46
C GLU A 261 16.45 -34.68 -4.03
N LEU A 262 16.84 -33.66 -4.81
CA LEU A 262 15.85 -32.88 -5.53
C LEU A 262 15.12 -33.73 -6.56
N PHE A 263 13.81 -33.53 -6.65
CA PHE A 263 13.03 -34.07 -7.75
C PHE A 263 12.03 -33.02 -8.17
N LEU A 264 11.98 -32.72 -9.47
CA LEU A 264 10.99 -31.79 -10.01
C LEU A 264 9.75 -32.56 -10.42
N LEU A 265 8.60 -32.07 -10.01
CA LEU A 265 7.35 -32.70 -10.42
C LEU A 265 7.05 -32.30 -11.85
N PRO A 266 6.73 -33.24 -12.74
CA PRO A 266 6.34 -32.89 -14.12
C PRO A 266 5.17 -31.94 -14.10
N PRO A 267 5.22 -30.88 -14.92
CA PRO A 267 4.14 -29.87 -14.85
C PRO A 267 2.75 -30.44 -15.10
N GLU A 268 2.58 -31.28 -16.14
CA GLU A 268 1.31 -31.94 -16.44
C GLU A 268 0.82 -32.85 -15.31
N LEU A 269 1.61 -33.03 -14.28
CA LEU A 269 1.22 -33.87 -13.16
C LEU A 269 0.52 -33.07 -12.05
N VAL A 270 0.85 -31.79 -11.91
CA VAL A 270 0.40 -30.96 -10.80
C VAL A 270 -0.75 -30.11 -11.30
N LEU A 271 -1.98 -30.54 -11.02
CA LEU A 271 -3.16 -29.87 -11.54
C LEU A 271 -3.45 -28.63 -10.71
N GLU A 272 -3.51 -27.47 -11.38
CA GLU A 272 -3.78 -26.21 -10.70
C GLU A 272 -5.06 -25.58 -11.25
N VAL A 273 -5.65 -24.73 -10.43
CA VAL A 273 -6.93 -24.09 -10.74
C VAL A 273 -6.74 -22.57 -10.74
N PRO A 274 -6.72 -21.93 -11.90
CA PRO A 274 -6.68 -20.46 -11.90
C PRO A 274 -7.94 -19.94 -11.25
N LEU A 275 -7.80 -18.93 -10.41
CA LEU A 275 -8.93 -18.46 -9.61
C LEU A 275 -9.60 -17.30 -10.32
N GLU A 276 -10.91 -17.42 -10.51
CA GLU A 276 -11.72 -16.37 -11.08
C GLU A 276 -13.00 -16.29 -10.28
N HIS A 277 -13.73 -15.20 -10.45
CA HIS A 277 -14.95 -14.97 -9.71
C HIS A 277 -16.15 -14.97 -10.65
N PRO A 278 -17.28 -15.57 -10.26
CA PRO A 278 -18.41 -15.65 -11.19
C PRO A 278 -18.93 -14.31 -11.66
N THR A 279 -18.73 -13.24 -10.90
CA THR A 279 -19.26 -11.94 -11.32
C THR A 279 -18.28 -10.77 -11.19
N LEU A 280 -17.17 -10.92 -10.47
CA LEU A 280 -16.16 -9.87 -10.36
C LEU A 280 -15.12 -10.17 -11.42
N GLU A 281 -15.27 -9.51 -12.58
CA GLU A 281 -14.50 -9.89 -13.76
C GLU A 281 -13.01 -9.60 -13.59
N TRP A 282 -12.68 -8.56 -12.82
CA TRP A 282 -11.29 -8.26 -12.52
C TRP A 282 -10.62 -9.32 -11.64
N PHE A 283 -11.40 -10.18 -10.97
CA PHE A 283 -10.77 -11.13 -10.03
C PHE A 283 -9.79 -12.02 -10.76
N ALA A 284 -10.15 -12.48 -11.96
CA ALA A 284 -9.24 -13.27 -12.78
C ALA A 284 -7.88 -12.58 -12.93
N ALA A 285 -7.90 -11.26 -13.13
CA ALA A 285 -6.65 -10.55 -13.41
C ALA A 285 -5.69 -10.56 -12.23
N LEU A 286 -6.16 -10.86 -11.02
CA LEU A 286 -5.23 -10.93 -9.92
C LEU A 286 -4.24 -12.08 -10.07
N GLY A 287 -4.45 -12.97 -11.05
CA GLY A 287 -3.48 -14.02 -11.29
C GLY A 287 -3.38 -15.04 -10.19
N LEU A 288 -4.42 -15.16 -9.35
CA LEU A 288 -4.40 -16.12 -8.27
C LEU A 288 -4.66 -17.53 -8.79
N ARG A 289 -3.97 -18.49 -8.19
CA ARG A 289 -4.13 -19.89 -8.51
C ARG A 289 -3.97 -20.66 -7.21
N TRP A 290 -4.55 -21.86 -7.19
CA TRP A 290 -4.17 -22.83 -6.18
C TRP A 290 -4.09 -24.19 -6.84
N TYR A 291 -3.66 -25.18 -6.08
CA TYR A 291 -3.50 -26.51 -6.66
C TYR A 291 -4.63 -27.40 -6.22
N ALA A 292 -4.84 -28.48 -6.98
CA ALA A 292 -6.00 -29.33 -6.79
C ALA A 292 -5.88 -30.18 -5.55
N LEU A 293 -4.68 -30.68 -5.28
CA LEU A 293 -4.52 -31.85 -4.41
C LEU A 293 -3.88 -31.45 -3.10
N PRO A 294 -4.62 -31.48 -1.97
CA PRO A 294 -3.97 -31.32 -0.67
C PRO A 294 -3.35 -32.65 -0.25
N ALA A 295 -2.03 -32.69 -0.21
CA ALA A 295 -1.32 -33.95 0.05
C ALA A 295 -0.25 -33.70 1.10
N VAL A 296 -0.59 -34.03 2.34
CA VAL A 296 0.31 -33.82 3.47
C VAL A 296 1.38 -34.91 3.47
N SER A 297 2.64 -34.49 3.54
CA SER A 297 3.76 -35.38 3.29
C SER A 297 4.76 -35.46 4.43
N ASN A 298 4.55 -34.76 5.53
CA ASN A 298 5.57 -34.69 6.57
C ASN A 298 5.07 -35.17 7.92
N MET A 299 4.01 -35.97 7.96
CA MET A 299 3.52 -36.48 9.22
C MET A 299 3.87 -37.95 9.38
N LEU A 300 3.98 -38.37 10.64
CA LEU A 300 4.37 -39.72 10.96
C LEU A 300 3.12 -40.55 11.20
N LEU A 301 3.02 -41.67 10.51
CA LEU A 301 1.92 -42.61 10.69
C LEU A 301 2.35 -43.67 11.68
N GLU A 302 1.53 -43.91 12.69
CA GLU A 302 1.83 -44.84 13.77
C GLU A 302 0.78 -45.93 13.82
N ILE A 303 1.21 -47.19 13.74
CA ILE A 303 0.31 -48.34 13.73
C ILE A 303 0.90 -49.43 14.61
N GLY A 304 0.15 -49.84 15.63
CA GLY A 304 0.54 -50.92 16.52
C GLY A 304 1.98 -50.83 16.97
N GLY A 305 2.41 -49.64 17.36
CA GLY A 305 3.77 -49.43 17.80
C GLY A 305 4.78 -49.22 16.70
N LEU A 306 4.39 -49.40 15.45
CA LEU A 306 5.27 -49.13 14.32
C LEU A 306 5.08 -47.69 13.88
N GLU A 307 6.12 -47.16 13.24
CA GLU A 307 6.18 -45.75 12.89
C GLU A 307 6.65 -45.59 11.45
N PHE A 308 5.89 -44.83 10.67
CA PHE A 308 6.21 -44.58 9.27
C PHE A 308 6.45 -43.08 9.10
N PRO A 309 7.70 -42.63 9.07
CA PRO A 309 7.95 -41.18 9.00
C PRO A 309 7.69 -40.62 7.61
N ALA A 310 7.40 -41.48 6.64
CA ALA A 310 7.04 -41.09 5.29
C ALA A 310 5.81 -41.89 4.92
N ALA A 311 4.65 -41.23 4.92
CA ALA A 311 3.39 -41.85 4.54
C ALA A 311 2.45 -40.77 4.04
N PRO A 312 2.75 -40.17 2.89
CA PRO A 312 1.95 -39.03 2.43
C PRO A 312 0.52 -39.45 2.13
N PHE A 313 -0.42 -38.57 2.48
CA PHE A 313 -1.84 -38.81 2.27
C PHE A 313 -2.47 -37.58 1.63
N SER A 314 -3.56 -37.80 0.91
CA SER A 314 -4.21 -36.70 0.25
C SER A 314 -5.71 -36.92 0.23
N GLY A 315 -6.44 -35.82 0.13
CA GLY A 315 -7.86 -35.88 -0.01
C GLY A 315 -8.26 -34.87 -1.05
N TRP A 316 -9.29 -34.09 -0.76
CA TRP A 316 -9.59 -32.90 -1.54
C TRP A 316 -9.77 -31.74 -0.59
N TYR A 317 -9.78 -30.54 -1.15
CA TYR A 317 -9.82 -29.34 -0.32
C TYR A 317 -11.22 -29.02 0.14
N MET A 318 -11.31 -28.53 1.37
CA MET A 318 -12.40 -27.67 1.78
C MET A 318 -12.05 -26.24 1.39
N SER A 319 -13.03 -25.51 0.84
CA SER A 319 -12.70 -24.24 0.20
C SER A 319 -12.13 -23.22 1.18
N THR A 320 -12.52 -23.25 2.46
CA THR A 320 -11.97 -22.26 3.38
C THR A 320 -10.49 -22.48 3.64
N GLU A 321 -9.96 -23.67 3.37
CA GLU A 321 -8.51 -23.83 3.53
C GLU A 321 -7.77 -22.98 2.53
N ILE A 322 -8.26 -22.96 1.30
CA ILE A 322 -7.65 -22.17 0.25
C ILE A 322 -8.03 -20.71 0.38
N GLY A 323 -9.33 -20.42 0.39
CA GLY A 323 -9.77 -19.04 0.25
C GLY A 323 -9.55 -18.22 1.51
N THR A 324 -9.74 -18.82 2.68
CA THR A 324 -9.58 -18.07 3.92
C THR A 324 -8.16 -18.19 4.47
N ARG A 325 -7.67 -19.41 4.69
CA ARG A 325 -6.38 -19.55 5.36
C ARG A 325 -5.21 -19.26 4.42
N ASN A 326 -5.15 -19.95 3.27
CA ASN A 326 -3.96 -19.83 2.43
C ASN A 326 -3.89 -18.45 1.77
N LEU A 327 -5.02 -17.89 1.39
CA LEU A 327 -4.96 -16.63 0.66
C LEU A 327 -5.15 -15.42 1.56
N CYS A 328 -5.87 -15.56 2.66
CA CYS A 328 -6.21 -14.41 3.49
C CYS A 328 -5.49 -14.35 4.83
N ASP A 329 -4.77 -15.38 5.25
CA ASP A 329 -4.05 -15.27 6.51
C ASP A 329 -3.04 -14.14 6.39
N PRO A 330 -2.83 -13.37 7.46
CA PRO A 330 -1.89 -12.24 7.37
C PRO A 330 -0.46 -12.67 7.11
N HIS A 331 -0.13 -13.90 7.47
CA HIS A 331 1.21 -14.45 7.27
C HIS A 331 1.26 -15.42 6.09
N ARG A 332 0.19 -15.51 5.31
CA ARG A 332 0.25 -16.29 4.07
C ARG A 332 0.17 -15.31 2.91
N TYR A 333 -0.62 -15.59 1.88
CA TYR A 333 -0.67 -14.67 0.74
C TYR A 333 -1.28 -13.32 1.11
N ASN A 334 -2.14 -13.26 2.12
CA ASN A 334 -2.56 -11.97 2.68
C ASN A 334 -3.17 -11.06 1.60
N ILE A 335 -4.00 -11.64 0.73
CA ILE A 335 -4.57 -10.89 -0.40
C ILE A 335 -5.83 -10.14 -0.04
N LEU A 336 -6.27 -10.19 1.23
CA LEU A 336 -7.60 -9.66 1.57
C LEU A 336 -7.75 -8.20 1.15
N GLU A 337 -6.78 -7.35 1.54
CA GLU A 337 -6.93 -5.94 1.26
C GLU A 337 -6.82 -5.66 -0.24
N ASP A 338 -6.04 -6.46 -0.95
CA ASP A 338 -5.99 -6.37 -2.41
C ASP A 338 -7.38 -6.54 -3.01
N VAL A 339 -8.08 -7.58 -2.59
CA VAL A 339 -9.44 -7.83 -3.06
C VAL A 339 -10.39 -6.74 -2.62
N ALA A 340 -10.28 -6.30 -1.36
CA ALA A 340 -11.19 -5.27 -0.86
C ALA A 340 -11.05 -3.99 -1.68
N VAL A 341 -9.82 -3.60 -1.98
CA VAL A 341 -9.59 -2.42 -2.81
C VAL A 341 -10.28 -2.58 -4.17
N CYS A 342 -10.20 -3.77 -4.76
CA CYS A 342 -10.86 -3.98 -6.05
C CYS A 342 -12.37 -3.98 -5.92
N MET A 343 -12.91 -4.38 -4.77
CA MET A 343 -14.35 -4.32 -4.58
C MET A 343 -14.84 -2.94 -4.22
N ASP A 344 -13.96 -1.94 -4.16
CA ASP A 344 -14.29 -0.58 -3.75
C ASP A 344 -14.95 -0.59 -2.37
N LEU A 345 -14.38 -1.36 -1.46
CA LEU A 345 -14.89 -1.41 -0.11
C LEU A 345 -14.24 -0.31 0.72
N ASP A 346 -14.90 0.07 1.81
CA ASP A 346 -14.39 1.08 2.72
C ASP A 346 -13.40 0.43 3.69
N THR A 347 -12.12 0.41 3.30
CA THR A 347 -11.12 -0.26 4.13
C THR A 347 -10.59 0.59 5.27
N ARG A 348 -11.13 1.79 5.48
CA ARG A 348 -10.58 2.67 6.50
C ARG A 348 -11.39 2.64 7.79
N THR A 349 -12.45 1.85 7.86
CA THR A 349 -13.14 1.60 9.12
C THR A 349 -13.45 0.12 9.22
N THR A 350 -13.06 -0.50 10.34
CA THR A 350 -13.34 -1.92 10.54
C THR A 350 -14.83 -2.22 10.46
N SER A 351 -15.67 -1.27 10.84
CA SER A 351 -17.08 -1.57 11.03
C SER A 351 -17.85 -1.66 9.74
N SER A 352 -17.24 -1.39 8.59
CA SER A 352 -17.91 -1.74 7.34
C SER A 352 -17.79 -3.23 7.02
N LEU A 353 -17.02 -3.99 7.81
CA LEU A 353 -16.85 -5.43 7.58
C LEU A 353 -16.31 -5.73 6.19
N TRP A 354 -15.46 -4.81 5.69
CA TRP A 354 -14.80 -5.01 4.40
C TRP A 354 -13.96 -6.28 4.39
N LYS A 355 -13.35 -6.63 5.52
CA LYS A 355 -12.61 -7.88 5.57
C LYS A 355 -13.54 -9.07 5.41
N ASP A 356 -14.72 -9.01 6.03
CA ASP A 356 -15.67 -10.11 5.92
C ASP A 356 -16.22 -10.22 4.50
N LYS A 357 -16.54 -9.09 3.88
CA LYS A 357 -17.10 -9.14 2.54
C LYS A 357 -16.07 -9.61 1.54
N ALA A 358 -14.83 -9.15 1.68
CA ALA A 358 -13.79 -9.58 0.74
C ALA A 358 -13.51 -11.06 0.90
N ALA A 359 -13.51 -11.55 2.14
CA ALA A 359 -13.23 -12.96 2.39
C ALA A 359 -14.29 -13.85 1.77
N VAL A 360 -15.57 -13.48 1.90
CA VAL A 360 -16.62 -14.31 1.35
C VAL A 360 -16.44 -14.44 -0.16
N GLU A 361 -16.17 -13.31 -0.83
CA GLU A 361 -16.02 -13.32 -2.28
C GLU A 361 -14.80 -14.12 -2.71
N ILE A 362 -13.70 -14.08 -1.92
CA ILE A 362 -12.57 -14.94 -2.24
C ILE A 362 -12.96 -16.41 -2.13
N ASN A 363 -13.71 -16.77 -1.10
CA ASN A 363 -14.20 -18.14 -1.00
C ASN A 363 -15.17 -18.48 -2.12
N VAL A 364 -16.02 -17.52 -2.52
CA VAL A 364 -16.92 -17.75 -3.65
C VAL A 364 -16.11 -18.02 -4.91
N ALA A 365 -15.10 -17.18 -5.15
CA ALA A 365 -14.18 -17.37 -6.26
C ALA A 365 -13.55 -18.77 -6.25
N VAL A 366 -13.10 -19.22 -5.07
CA VAL A 366 -12.47 -20.53 -4.95
C VAL A 366 -13.48 -21.62 -5.32
N LEU A 367 -14.66 -21.60 -4.71
CA LEU A 367 -15.67 -22.61 -5.02
C LEU A 367 -16.02 -22.57 -6.50
N HIS A 368 -16.23 -21.38 -7.05
CA HIS A 368 -16.62 -21.28 -8.45
C HIS A 368 -15.53 -21.81 -9.36
N SER A 369 -14.26 -21.49 -9.06
CA SER A 369 -13.17 -21.84 -9.96
C SER A 369 -12.88 -23.33 -9.94
N TYR A 370 -13.03 -23.96 -8.78
CA TYR A 370 -12.83 -25.41 -8.69
C TYR A 370 -13.96 -26.16 -9.40
N GLN A 371 -15.21 -25.73 -9.21
CA GLN A 371 -16.33 -26.33 -9.91
C GLN A 371 -16.18 -26.18 -11.42
N LEU A 372 -15.82 -24.97 -11.88
CA LEU A 372 -15.69 -24.72 -13.30
C LEU A 372 -14.62 -25.62 -13.93
N ALA A 373 -13.52 -25.84 -13.22
CA ALA A 373 -12.47 -26.73 -13.67
C ALA A 373 -12.75 -28.19 -13.33
N LYS A 374 -13.91 -28.48 -12.73
CA LYS A 374 -14.29 -29.84 -12.36
C LYS A 374 -13.22 -30.50 -11.50
N VAL A 375 -12.73 -29.75 -10.52
CA VAL A 375 -11.84 -30.26 -9.49
C VAL A 375 -12.66 -30.40 -8.21
N THR A 376 -12.56 -31.55 -7.57
CA THR A 376 -13.31 -31.80 -6.35
C THR A 376 -12.95 -30.76 -5.30
N ILE A 377 -13.99 -30.16 -4.73
CA ILE A 377 -13.85 -29.22 -3.64
C ILE A 377 -15.14 -29.25 -2.84
N VAL A 378 -15.06 -28.92 -1.56
CA VAL A 378 -16.24 -28.97 -0.72
C VAL A 378 -16.28 -27.69 0.10
N ASP A 379 -17.46 -27.11 0.23
CA ASP A 379 -17.52 -25.89 1.00
C ASP A 379 -17.68 -26.20 2.47
N HIS A 380 -17.41 -25.21 3.31
CA HIS A 380 -17.42 -25.45 4.74
C HIS A 380 -18.82 -25.79 5.26
N HIS A 381 -19.89 -25.35 4.59
CA HIS A 381 -21.21 -25.74 5.06
C HIS A 381 -21.47 -27.22 4.82
N ALA A 382 -21.19 -27.68 3.58
CA ALA A 382 -21.36 -29.10 3.28
C ALA A 382 -20.41 -29.95 4.12
N ALA A 383 -19.18 -29.47 4.33
CA ALA A 383 -18.20 -30.25 5.07
C ALA A 383 -18.60 -30.38 6.54
N THR A 384 -18.99 -29.28 7.17
CA THR A 384 -19.38 -29.37 8.57
C THR A 384 -20.66 -30.18 8.73
N ALA A 385 -21.58 -30.14 7.76
CA ALA A 385 -22.77 -30.98 7.86
C ALA A 385 -22.42 -32.45 7.75
N SER A 386 -21.48 -32.78 6.85
CA SER A 386 -21.03 -34.17 6.78
CA SER A 386 -21.01 -34.17 6.77
C SER A 386 -20.33 -34.60 8.06
N PHE A 387 -19.59 -33.70 8.70
CA PHE A 387 -18.92 -34.08 9.94
C PHE A 387 -19.94 -34.34 11.04
N MET A 388 -21.02 -33.57 11.08
CA MET A 388 -22.09 -33.87 12.03
C MET A 388 -22.58 -35.30 11.83
N LYS A 389 -22.84 -35.68 10.58
CA LYS A 389 -23.23 -37.06 10.28
C LYS A 389 -22.17 -38.05 10.74
N HIS A 390 -20.89 -37.73 10.47
CA HIS A 390 -19.81 -38.59 10.96
C HIS A 390 -19.87 -38.76 12.48
N LEU A 391 -20.13 -37.68 13.23
CA LEU A 391 -20.20 -37.77 14.69
C LEU A 391 -21.31 -38.73 15.11
N GLU A 392 -22.47 -38.60 14.45
CA GLU A 392 -23.59 -39.49 14.75
C GLU A 392 -23.22 -40.95 14.43
N ASN A 393 -22.61 -41.20 13.27
CA ASN A 393 -22.17 -42.56 12.95
C ASN A 393 -21.17 -43.06 13.97
N GLU A 394 -20.18 -42.23 14.31
CA GLU A 394 -19.17 -42.68 15.25
C GLU A 394 -19.75 -42.90 16.63
N GLN A 395 -20.74 -42.09 17.03
CA GLN A 395 -21.36 -42.32 18.33
C GLN A 395 -21.97 -43.71 18.37
N LYS A 396 -22.67 -44.11 17.31
CA LYS A 396 -23.22 -45.46 17.28
C LYS A 396 -22.12 -46.50 17.10
N ALA A 397 -21.11 -46.21 16.28
CA ALA A 397 -20.11 -47.23 15.98
C ALA A 397 -19.20 -47.52 17.17
N ARG A 398 -18.69 -46.46 17.85
CA ARG A 398 -17.79 -46.70 18.98
C ARG A 398 -18.06 -45.81 20.18
N GLY A 399 -19.24 -45.20 20.30
CA GLY A 399 -19.58 -44.45 21.49
C GLY A 399 -18.91 -43.11 21.64
N GLY A 400 -18.38 -42.54 20.57
CA GLY A 400 -17.76 -41.23 20.65
C GLY A 400 -16.90 -40.97 19.44
N CYS A 401 -16.27 -39.82 19.47
CA CYS A 401 -15.40 -39.45 18.35
C CYS A 401 -14.47 -38.34 18.81
N PRO A 402 -13.15 -38.56 18.76
CA PRO A 402 -12.22 -37.47 19.10
C PRO A 402 -12.30 -36.35 18.08
N ALA A 403 -12.52 -35.14 18.59
CA ALA A 403 -12.76 -33.98 17.75
C ALA A 403 -12.16 -32.77 18.46
N ASP A 404 -11.38 -32.01 17.73
CA ASP A 404 -10.75 -30.79 18.24
C ASP A 404 -11.54 -29.62 17.66
N TRP A 405 -12.43 -29.10 18.50
CA TRP A 405 -13.41 -28.10 18.09
C TRP A 405 -12.79 -26.95 17.32
N ALA A 406 -11.65 -26.45 17.82
CA ALA A 406 -11.01 -25.28 17.23
C ALA A 406 -10.63 -25.52 15.77
N TRP A 407 -10.40 -26.78 15.39
CA TRP A 407 -10.04 -27.09 14.01
C TRP A 407 -11.23 -27.58 13.20
N ILE A 408 -12.24 -28.14 13.87
CA ILE A 408 -13.43 -28.57 13.17
C ILE A 408 -14.24 -27.35 12.70
N VAL A 409 -14.43 -26.37 13.57
CA VAL A 409 -15.17 -25.16 13.20
C VAL A 409 -14.42 -24.42 12.10
N PRO A 410 -15.06 -24.09 10.98
CA PRO A 410 -14.37 -23.37 9.87
C PRO A 410 -13.87 -22.00 10.29
N PRO A 411 -12.84 -21.47 9.62
CA PRO A 411 -12.29 -20.16 10.00
C PRO A 411 -13.10 -18.97 9.52
N ILE A 412 -14.17 -19.16 8.77
CA ILE A 412 -15.15 -18.10 8.52
C ILE A 412 -16.52 -18.72 8.77
N SER A 413 -17.49 -17.87 9.13
CA SER A 413 -18.88 -18.30 9.32
C SER A 413 -19.02 -19.40 10.35
N GLY A 414 -18.16 -19.37 11.38
CA GLY A 414 -18.14 -20.36 12.44
C GLY A 414 -19.50 -20.80 12.93
N SER A 415 -20.25 -19.89 13.55
CA SER A 415 -21.53 -20.28 14.14
C SER A 415 -22.61 -20.52 13.10
N LEU A 416 -22.35 -20.27 11.81
CA LEU A 416 -23.33 -20.60 10.80
C LEU A 416 -23.30 -22.08 10.41
N THR A 417 -22.31 -22.82 10.89
CA THR A 417 -22.17 -24.24 10.69
C THR A 417 -22.57 -24.99 11.95
N PRO A 418 -23.10 -26.21 11.78
CA PRO A 418 -23.63 -26.93 12.95
C PRO A 418 -22.56 -27.39 13.92
N VAL A 419 -21.30 -27.52 13.49
CA VAL A 419 -20.29 -27.99 14.43
C VAL A 419 -19.97 -26.94 15.49
N PHE A 420 -20.22 -25.66 15.19
CA PHE A 420 -19.97 -24.62 16.19
C PHE A 420 -20.76 -24.89 17.46
N HIS A 421 -21.98 -25.39 17.32
CA HIS A 421 -22.87 -25.65 18.45
C HIS A 421 -22.71 -27.05 19.01
N GLN A 422 -21.76 -27.81 18.54
CA GLN A 422 -21.56 -29.17 18.99
C GLN A 422 -20.38 -29.19 19.95
N GLU A 423 -20.65 -29.49 21.22
CA GLU A 423 -19.55 -29.74 22.13
C GLU A 423 -18.76 -30.96 21.66
N MET A 424 -17.46 -30.93 21.88
CA MET A 424 -16.61 -32.00 21.40
C MET A 424 -15.62 -32.38 22.48
N VAL A 425 -15.13 -33.61 22.38
CA VAL A 425 -14.11 -34.16 23.27
C VAL A 425 -12.90 -34.51 22.43
N ASN A 426 -11.75 -33.97 22.81
CA ASN A 426 -10.51 -34.20 22.12
C ASN A 426 -9.64 -35.15 22.95
N TYR A 427 -9.19 -36.23 22.33
CA TYR A 427 -8.29 -37.21 22.94
C TYR A 427 -7.56 -37.95 21.83
N PHE A 428 -6.54 -38.71 22.21
CA PHE A 428 -5.65 -39.35 21.24
C PHE A 428 -5.91 -40.85 21.22
N LEU A 429 -6.39 -41.35 20.10
CA LEU A 429 -6.48 -42.79 19.89
C LEU A 429 -5.39 -43.22 18.93
N SER A 430 -5.12 -44.52 18.94
CA SER A 430 -4.16 -45.11 18.02
C SER A 430 -4.85 -46.22 17.24
N PRO A 431 -4.47 -46.44 15.96
CA PRO A 431 -3.44 -45.78 15.15
C PRO A 431 -3.66 -44.29 14.93
N ALA A 432 -2.61 -43.58 14.56
CA ALA A 432 -2.70 -42.13 14.53
C ALA A 432 -1.66 -41.53 13.59
N PHE A 433 -1.98 -40.35 13.07
CA PHE A 433 -0.99 -39.47 12.47
C PHE A 433 -0.45 -38.53 13.53
N ARG A 434 0.88 -38.36 13.56
CA ARG A 434 1.50 -37.46 14.51
C ARG A 434 2.40 -36.48 13.76
N TYR A 435 2.57 -35.31 14.34
CA TYR A 435 3.62 -34.43 13.88
C TYR A 435 4.96 -35.03 14.29
N GLN A 436 6.01 -34.65 13.59
CA GLN A 436 7.34 -35.17 13.90
C GLN A 436 8.36 -34.07 13.68
N PRO A 437 9.55 -34.19 14.28
CA PRO A 437 10.58 -33.19 14.05
C PRO A 437 10.98 -33.14 12.58
N ASP A 438 11.20 -31.93 12.07
CA ASP A 438 11.69 -31.78 10.71
C ASP A 438 13.03 -32.49 10.57
N PRO A 439 13.32 -33.05 9.40
CA PRO A 439 14.50 -33.93 9.27
C PRO A 439 15.82 -33.18 9.23
N TRP A 440 15.88 -32.00 9.85
CA TRP A 440 17.12 -31.23 9.87
C TRP A 440 17.23 -30.34 11.11
N LYS B 27 7.56 -27.06 32.78
CA LYS B 27 7.93 -25.66 32.79
C LYS B 27 6.68 -24.77 32.95
N PHE B 28 6.41 -24.02 31.90
CA PHE B 28 5.31 -23.08 31.72
C PHE B 28 4.88 -23.24 30.27
N PRO B 29 3.57 -23.26 29.99
CA PRO B 29 3.12 -23.37 28.60
C PRO B 29 3.76 -22.36 27.66
N ARG B 30 4.37 -22.85 26.58
CA ARG B 30 4.86 -21.97 25.54
C ARG B 30 3.71 -21.63 24.62
N VAL B 31 3.50 -20.35 24.41
CA VAL B 31 2.35 -19.82 23.68
C VAL B 31 2.88 -19.10 22.44
N LYS B 32 2.33 -19.45 21.29
CA LYS B 32 2.81 -18.87 20.04
C LYS B 32 1.73 -18.01 19.39
N ASN B 33 2.13 -16.88 18.84
CA ASN B 33 1.29 -16.14 17.91
C ASN B 33 1.74 -16.49 16.51
N TRP B 34 0.85 -17.04 15.70
CA TRP B 34 1.22 -17.53 14.38
C TRP B 34 1.23 -16.44 13.32
N GLU B 35 0.54 -15.33 13.55
CA GLU B 35 0.59 -14.22 12.61
C GLU B 35 1.97 -13.57 12.62
N VAL B 36 2.51 -13.36 13.82
CA VAL B 36 3.76 -12.66 14.03
C VAL B 36 4.96 -13.60 14.14
N GLY B 37 4.73 -14.86 14.53
CA GLY B 37 5.80 -15.78 14.82
C GLY B 37 6.33 -15.71 16.24
N SER B 38 5.75 -14.86 17.10
CA SER B 38 6.29 -14.60 18.42
C SER B 38 5.82 -15.64 19.45
N ILE B 39 6.57 -15.72 20.53
CA ILE B 39 6.42 -16.76 21.54
C ILE B 39 6.43 -16.12 22.92
N THR B 40 5.47 -16.51 23.76
CA THR B 40 5.48 -16.16 25.17
C THR B 40 5.36 -17.43 26.00
N TYR B 41 5.62 -17.29 27.29
CA TYR B 41 5.37 -18.33 28.27
C TYR B 41 4.35 -17.80 29.25
N ASP B 42 3.32 -18.60 29.53
CA ASP B 42 2.30 -18.19 30.47
C ASP B 42 2.71 -18.75 31.83
N THR B 43 3.44 -17.93 32.59
CA THR B 43 3.81 -18.29 33.95
C THR B 43 2.65 -18.10 34.92
N LEU B 44 1.68 -17.25 34.55
CA LEU B 44 0.55 -17.02 35.42
C LEU B 44 -0.27 -18.29 35.65
N SER B 45 -0.35 -19.15 34.63
CA SER B 45 -1.18 -20.34 34.73
C SER B 45 -0.79 -21.21 35.92
N ALA B 46 0.47 -21.18 36.32
CA ALA B 46 0.92 -21.95 37.48
C ALA B 46 0.22 -21.52 38.76
N GLN B 47 -0.29 -20.28 38.82
CA GLN B 47 -1.05 -19.81 39.96
C GLN B 47 -2.53 -20.19 39.93
N ALA B 48 -2.97 -20.98 38.95
CA ALA B 48 -4.37 -21.34 38.85
C ALA B 48 -4.78 -22.17 40.07
N GLN B 49 -5.92 -21.81 40.67
CA GLN B 49 -6.40 -22.58 41.81
C GLN B 49 -7.46 -23.58 41.38
N GLN B 50 -8.72 -23.16 41.35
CA GLN B 50 -9.81 -24.07 41.02
C GLN B 50 -9.52 -24.81 39.72
N ASP B 51 -9.80 -26.11 39.73
CA ASP B 51 -9.41 -26.94 38.61
C ASP B 51 -10.43 -26.83 37.49
N GLY B 52 -9.93 -26.96 36.26
CA GLY B 52 -10.78 -26.95 35.10
C GLY B 52 -11.20 -28.35 34.76
N PRO B 53 -11.82 -28.54 33.60
CA PRO B 53 -12.41 -29.85 33.29
C PRO B 53 -11.51 -30.79 32.48
N CYS B 54 -10.35 -30.33 32.05
CA CYS B 54 -9.48 -31.13 31.21
C CYS B 54 -8.57 -32.00 32.04
N THR B 55 -8.13 -33.09 31.44
CA THR B 55 -7.13 -33.97 32.01
C THR B 55 -6.13 -34.32 30.91
N PRO B 56 -5.00 -34.95 31.23
CA PRO B 56 -4.13 -35.47 30.17
C PRO B 56 -4.83 -36.47 29.25
N ARG B 57 -5.92 -37.09 29.68
CA ARG B 57 -6.56 -38.09 28.83
C ARG B 57 -7.49 -37.46 27.79
N ARG B 58 -8.07 -36.31 28.10
CA ARG B 58 -9.12 -35.76 27.25
C ARG B 58 -9.29 -34.27 27.56
N CYS B 59 -9.35 -33.45 26.51
CA CYS B 59 -9.62 -32.03 26.63
C CYS B 59 -11.11 -31.79 26.49
N LEU B 60 -11.69 -31.06 27.45
CA LEU B 60 -13.08 -30.64 27.42
C LEU B 60 -13.22 -29.14 27.26
N GLY B 61 -12.21 -28.49 26.69
CA GLY B 61 -12.25 -27.06 26.51
C GLY B 61 -13.45 -26.55 25.74
N SER B 62 -14.10 -27.39 24.96
CA SER B 62 -15.23 -26.92 24.17
C SER B 62 -16.56 -26.97 24.92
N LEU B 63 -16.61 -27.52 26.13
CA LEU B 63 -17.87 -27.61 26.84
C LEU B 63 -18.27 -26.24 27.40
N VAL B 64 -19.57 -25.92 27.30
CA VAL B 64 -20.04 -24.62 27.75
C VAL B 64 -20.04 -24.56 29.27
N PHE B 65 -20.69 -25.53 29.91
CA PHE B 65 -20.64 -25.73 31.35
C PHE B 65 -19.88 -27.01 31.61
N PRO B 66 -18.62 -26.95 31.98
CA PRO B 66 -17.95 -28.21 32.24
C PRO B 66 -18.03 -28.62 33.72
N ALA B 79 -15.76 -24.22 57.23
CA ALA B 79 -14.69 -24.24 56.23
C ALA B 79 -13.73 -23.08 56.40
N PRO B 80 -13.19 -22.88 57.62
CA PRO B 80 -12.47 -21.63 57.89
C PRO B 80 -11.10 -21.57 57.25
N GLU B 81 -10.38 -22.69 57.17
CA GLU B 81 -9.01 -22.67 56.65
C GLU B 81 -9.00 -22.42 55.15
N GLN B 82 -9.94 -23.01 54.41
CA GLN B 82 -10.00 -22.74 52.98
C GLN B 82 -10.48 -21.33 52.71
N LEU B 83 -11.40 -20.81 53.54
CA LEU B 83 -11.82 -19.42 53.38
C LEU B 83 -10.66 -18.47 53.64
N LEU B 84 -9.89 -18.73 54.71
CA LEU B 84 -8.75 -17.87 55.05
C LEU B 84 -7.68 -17.91 53.99
N SER B 85 -7.39 -19.11 53.48
CA SER B 85 -6.40 -19.23 52.41
C SER B 85 -6.80 -18.37 51.20
N GLN B 86 -8.06 -18.44 50.79
CA GLN B 86 -8.55 -17.59 49.71
C GLN B 86 -8.55 -16.12 50.10
N ALA B 87 -8.95 -15.83 51.34
CA ALA B 87 -8.98 -14.43 51.79
C ALA B 87 -7.58 -13.85 51.79
N ARG B 88 -6.63 -14.58 52.40
CA ARG B 88 -5.24 -14.18 52.43
C ARG B 88 -4.73 -13.89 51.03
N ASP B 89 -4.94 -14.81 50.10
CA ASP B 89 -4.41 -14.60 48.77
C ASP B 89 -5.02 -13.36 48.14
N PHE B 90 -6.32 -13.13 48.36
CA PHE B 90 -6.94 -11.95 47.78
C PHE B 90 -6.36 -10.66 48.37
N ILE B 91 -6.20 -10.62 49.70
CA ILE B 91 -5.60 -9.45 50.34
C ILE B 91 -4.20 -9.22 49.81
N ASN B 92 -3.43 -10.30 49.61
CA ASN B 92 -2.12 -10.16 48.99
C ASN B 92 -2.26 -9.54 47.61
N GLN B 93 -3.27 -9.98 46.86
CA GLN B 93 -3.46 -9.42 45.54
C GLN B 93 -3.76 -7.93 45.63
N TYR B 94 -4.61 -7.55 46.59
CA TYR B 94 -4.96 -6.15 46.72
C TYR B 94 -3.75 -5.31 47.08
N TYR B 95 -2.94 -5.75 48.04
CA TYR B 95 -1.81 -4.91 48.41
C TYR B 95 -0.71 -4.92 47.35
N SER B 96 -0.63 -5.95 46.50
CA SER B 96 0.23 -5.86 45.32
C SER B 96 -0.24 -4.77 44.37
N SER B 97 -1.55 -4.71 44.12
CA SER B 97 -2.05 -3.81 43.09
C SER B 97 -1.74 -2.36 43.42
N ILE B 98 -1.72 -2.00 44.70
CA ILE B 98 -1.41 -0.64 45.13
C ILE B 98 0.04 -0.50 45.57
N LYS B 99 0.89 -1.47 45.22
CA LYS B 99 2.33 -1.40 45.47
C LYS B 99 2.62 -1.18 46.95
N ARG B 100 1.89 -1.89 47.80
CA ARG B 100 2.11 -1.77 49.24
C ARG B 100 2.27 -3.14 49.88
N SER B 101 2.76 -4.12 49.12
CA SER B 101 2.96 -5.45 49.68
CA SER B 101 2.98 -5.46 49.68
C SER B 101 3.91 -5.40 50.88
N GLY B 102 3.67 -6.28 51.85
CA GLY B 102 4.51 -6.37 53.03
C GLY B 102 4.44 -5.20 53.99
N SER B 103 3.69 -4.17 53.65
CA SER B 103 3.60 -2.99 54.51
C SER B 103 2.87 -3.32 55.80
N GLN B 104 2.94 -2.39 56.76
CA GLN B 104 2.18 -2.54 58.00
C GLN B 104 0.68 -2.69 57.70
N ALA B 105 0.14 -1.81 56.86
CA ALA B 105 -1.28 -1.87 56.55
C ALA B 105 -1.64 -3.24 55.96
N HIS B 106 -0.74 -3.82 55.17
CA HIS B 106 -0.98 -5.13 54.60
C HIS B 106 -1.02 -6.20 55.70
N GLU B 107 0.00 -6.24 56.55
CA GLU B 107 0.01 -7.18 57.67
C GLU B 107 -1.23 -7.03 58.54
N GLN B 108 -1.66 -5.80 58.75
CA GLN B 108 -2.75 -5.56 59.69
C GLN B 108 -4.09 -5.98 59.10
N ARG B 109 -4.29 -5.75 57.80
CA ARG B 109 -5.51 -6.19 57.14
C ARG B 109 -5.60 -7.72 57.13
N LEU B 110 -4.47 -8.41 56.95
CA LEU B 110 -4.46 -9.88 57.05
C LEU B 110 -4.86 -10.33 58.46
N GLN B 111 -4.22 -9.73 59.47
CA GLN B 111 -4.57 -10.02 60.86
C GLN B 111 -6.04 -9.77 61.13
N GLU B 112 -6.56 -8.65 60.61
CA GLU B 112 -7.96 -8.32 60.79
C GLU B 112 -8.87 -9.37 60.16
N VAL B 113 -8.58 -9.78 58.92
CA VAL B 113 -9.44 -10.77 58.27
C VAL B 113 -9.39 -12.09 59.03
N GLU B 114 -8.21 -12.48 59.49
CA GLU B 114 -8.08 -13.70 60.29
C GLU B 114 -8.99 -13.64 61.52
N ALA B 115 -8.98 -12.52 62.22
CA ALA B 115 -9.73 -12.44 63.47
C ALA B 115 -11.23 -12.46 63.21
N GLU B 116 -11.67 -11.80 62.13
CA GLU B 116 -13.08 -11.83 61.81
C GLU B 116 -13.53 -13.23 61.46
N VAL B 117 -12.74 -13.95 60.66
CA VAL B 117 -13.08 -15.32 60.31
C VAL B 117 -13.08 -16.21 61.55
N ALA B 118 -12.12 -16.00 62.45
CA ALA B 118 -12.07 -16.79 63.67
C ALA B 118 -13.29 -16.57 64.55
N ALA B 119 -13.85 -15.36 64.55
CA ALA B 119 -15.00 -15.05 65.41
C ALA B 119 -16.34 -15.33 64.74
N THR B 120 -16.45 -15.06 63.44
CA THR B 120 -17.73 -15.07 62.75
C THR B 120 -17.83 -16.16 61.70
N GLY B 121 -16.72 -16.83 61.38
CA GLY B 121 -16.70 -17.75 60.26
C GLY B 121 -16.71 -17.09 58.90
N THR B 122 -16.76 -15.76 58.83
CA THR B 122 -16.73 -15.03 57.58
C THR B 122 -16.07 -13.67 57.82
N TYR B 123 -16.00 -12.84 56.76
CA TYR B 123 -15.48 -11.50 56.95
C TYR B 123 -16.15 -10.57 55.94
N GLN B 124 -15.83 -9.29 56.04
CA GLN B 124 -16.37 -8.29 55.13
C GLN B 124 -15.24 -7.67 54.35
N LEU B 125 -15.48 -7.44 53.06
CA LEU B 125 -14.52 -6.69 52.27
C LEU B 125 -14.53 -5.23 52.66
N ARG B 126 -13.35 -4.61 52.70
CA ARG B 126 -13.34 -3.17 52.66
C ARG B 126 -13.95 -2.71 51.33
N GLU B 127 -14.41 -1.46 51.29
CA GLU B 127 -14.97 -0.95 50.05
C GLU B 127 -13.93 -0.96 48.93
N SER B 128 -12.68 -0.59 49.24
CA SER B 128 -11.65 -0.60 48.21
CA SER B 128 -11.63 -0.60 48.22
C SER B 128 -11.38 -2.01 47.70
N GLU B 129 -11.43 -3.00 48.58
CA GLU B 129 -11.22 -4.38 48.20
C GLU B 129 -12.33 -4.88 47.29
N LEU B 130 -13.58 -4.47 47.55
CA LEU B 130 -14.67 -4.86 46.68
C LEU B 130 -14.50 -4.29 45.27
N VAL B 131 -14.10 -3.02 45.15
CA VAL B 131 -13.88 -2.45 43.83
C VAL B 131 -12.77 -3.20 43.12
N PHE B 132 -11.65 -3.38 43.81
CA PHE B 132 -10.55 -4.14 43.26
C PHE B 132 -10.99 -5.55 42.90
N GLY B 133 -11.73 -6.21 43.79
CA GLY B 133 -12.16 -7.58 43.53
C GLY B 133 -13.02 -7.71 42.27
N ALA B 134 -13.97 -6.79 42.08
CA ALA B 134 -14.83 -6.88 40.91
C ALA B 134 -14.05 -6.64 39.62
N LYS B 135 -13.16 -5.65 39.62
CA LYS B 135 -12.31 -5.46 38.45
C LYS B 135 -11.44 -6.68 38.18
N GLN B 136 -10.91 -7.31 39.24
CA GLN B 136 -10.08 -8.50 39.01
C GLN B 136 -10.91 -9.65 38.49
N ALA B 137 -12.14 -9.81 38.95
CA ALA B 137 -12.97 -10.89 38.45
C ALA B 137 -13.19 -10.73 36.93
N TRP B 138 -13.44 -9.51 36.47
CA TRP B 138 -13.56 -9.24 35.04
C TRP B 138 -12.24 -9.55 34.34
N ARG B 139 -11.15 -9.02 34.86
CA ARG B 139 -9.83 -9.26 34.30
C ARG B 139 -9.52 -10.74 34.18
N ASN B 140 -10.04 -11.54 35.11
CA ASN B 140 -9.78 -12.97 35.17
C ASN B 140 -10.73 -13.80 34.30
N ALA B 141 -11.79 -13.21 33.72
CA ALA B 141 -12.81 -13.94 32.98
C ALA B 141 -12.27 -14.46 31.64
N PRO B 142 -12.00 -15.76 31.49
CA PRO B 142 -11.27 -16.23 30.30
C PRO B 142 -12.04 -16.04 29.01
N ARG B 143 -13.36 -16.05 29.06
CA ARG B 143 -14.19 -16.00 27.87
C ARG B 143 -14.57 -14.59 27.47
N CYS B 144 -14.08 -13.56 28.16
CA CYS B 144 -14.45 -12.18 27.85
C CYS B 144 -13.41 -11.56 26.93
N VAL B 145 -13.84 -11.17 25.73
CA VAL B 145 -12.95 -10.47 24.81
C VAL B 145 -12.86 -8.97 25.10
N GLY B 146 -13.75 -8.42 25.93
CA GLY B 146 -13.69 -6.99 26.20
C GLY B 146 -12.83 -6.56 27.38
N ARG B 147 -11.83 -7.36 27.76
CA ARG B 147 -11.11 -7.11 29.00
C ARG B 147 -10.07 -6.02 28.90
N ILE B 148 -9.84 -5.44 27.71
CA ILE B 148 -8.99 -4.25 27.65
C ILE B 148 -9.53 -3.18 28.60
N GLN B 149 -10.83 -3.21 28.87
CA GLN B 149 -11.56 -2.23 29.64
C GLN B 149 -11.60 -2.53 31.14
N TRP B 150 -10.96 -3.61 31.60
CA TRP B 150 -11.24 -4.16 32.93
C TRP B 150 -10.99 -3.14 34.04
N GLY B 151 -10.03 -2.23 33.85
CA GLY B 151 -9.77 -1.23 34.87
C GLY B 151 -10.75 -0.08 34.90
N LYS B 152 -11.65 -0.01 33.92
CA LYS B 152 -12.67 1.04 33.83
C LYS B 152 -14.01 0.35 34.03
N LEU B 153 -14.38 0.24 35.28
CA LEU B 153 -15.57 -0.50 35.70
C LEU B 153 -16.14 0.30 36.85
N GLN B 154 -17.38 0.76 36.74
CA GLN B 154 -18.03 1.45 37.84
C GLN B 154 -18.61 0.38 38.77
N VAL B 155 -18.23 0.41 40.04
CA VAL B 155 -18.67 -0.57 41.01
C VAL B 155 -19.67 0.10 41.93
N PHE B 156 -20.91 -0.37 41.90
CA PHE B 156 -21.92 0.10 42.83
C PHE B 156 -22.01 -0.86 44.00
N ASP B 157 -21.77 -0.37 45.20
CA ASP B 157 -21.81 -1.18 46.41
C ASP B 157 -23.25 -1.23 46.92
N ALA B 158 -23.92 -2.36 46.70
CA ALA B 158 -25.27 -2.54 47.23
C ALA B 158 -25.30 -3.56 48.36
N ARG B 159 -24.19 -3.69 49.10
CA ARG B 159 -24.12 -4.70 50.16
C ARG B 159 -25.05 -4.42 51.32
N ASP B 160 -25.64 -3.23 51.42
CA ASP B 160 -26.61 -2.97 52.47
C ASP B 160 -28.05 -3.08 51.97
N CYS B 161 -28.25 -3.65 50.80
CA CYS B 161 -29.58 -3.90 50.30
C CYS B 161 -30.32 -4.85 51.22
N ARG B 162 -31.62 -4.61 51.40
CA ARG B 162 -32.38 -5.41 52.35
C ARG B 162 -33.67 -6.00 51.80
N SER B 163 -34.11 -5.63 50.61
CA SER B 163 -35.38 -6.15 50.11
C SER B 163 -35.32 -6.22 48.60
N ALA B 164 -36.32 -6.88 48.01
CA ALA B 164 -36.37 -6.98 46.55
C ALA B 164 -36.66 -5.61 45.94
N GLN B 165 -37.51 -4.82 46.60
CA GLN B 165 -37.79 -3.47 46.15
C GLN B 165 -36.51 -2.65 46.07
N GLU B 166 -35.73 -2.65 47.15
CA GLU B 166 -34.48 -1.90 47.12
C GLU B 166 -33.53 -2.46 46.07
N MET B 167 -33.56 -3.79 45.90
CA MET B 167 -32.80 -4.42 44.84
C MET B 167 -33.20 -3.88 43.46
N PHE B 168 -34.50 -3.67 43.24
CA PHE B 168 -34.96 -3.12 41.98
C PHE B 168 -34.48 -1.68 41.79
N THR B 169 -34.46 -0.89 42.86
CA THR B 169 -33.98 0.48 42.76
C THR B 169 -32.51 0.51 42.39
N TYR B 170 -31.70 -0.36 43.01
CA TYR B 170 -30.31 -0.50 42.61
C TYR B 170 -30.16 -0.88 41.15
N ILE B 171 -31.00 -1.79 40.66
CA ILE B 171 -30.86 -2.27 39.30
C ILE B 171 -31.23 -1.17 38.32
N CYS B 172 -32.30 -0.44 38.60
CA CYS B 172 -32.69 0.68 37.75
C CYS B 172 -31.60 1.74 37.70
N ASN B 173 -31.02 2.07 38.84
CA ASN B 173 -29.93 3.04 38.82
C ASN B 173 -28.72 2.50 38.06
N HIS B 174 -28.44 1.19 38.20
CA HIS B 174 -27.42 0.58 37.38
C HIS B 174 -27.74 0.76 35.90
N ILE B 175 -28.94 0.36 35.49
CA ILE B 175 -29.30 0.42 34.07
C ILE B 175 -29.24 1.86 33.58
N LYS B 176 -29.76 2.79 34.37
CA LYS B 176 -29.64 4.20 34.01
C LYS B 176 -28.18 4.61 33.89
N TYR B 177 -27.36 4.29 34.89
CA TYR B 177 -25.96 4.69 34.83
C TYR B 177 -25.26 4.08 33.60
N ALA B 178 -25.45 2.78 33.39
CA ALA B 178 -24.68 2.08 32.36
C ALA B 178 -25.11 2.48 30.98
N THR B 179 -26.42 2.68 30.79
CA THR B 179 -26.94 3.07 29.49
C THR B 179 -26.49 4.46 29.11
N ASN B 180 -26.67 5.43 30.02
CA ASN B 180 -26.16 6.77 29.81
C ASN B 180 -26.59 7.28 28.44
N ARG B 181 -27.85 7.02 28.12
CA ARG B 181 -28.50 7.44 26.88
C ARG B 181 -27.74 6.98 25.62
N GLY B 182 -27.14 5.80 25.66
CA GLY B 182 -26.47 5.26 24.50
C GLY B 182 -24.97 5.34 24.57
N ASN B 183 -24.39 6.12 25.48
CA ASN B 183 -22.93 6.19 25.63
C ASN B 183 -22.53 5.26 26.78
N LEU B 184 -22.51 3.96 26.48
CA LEU B 184 -22.52 2.94 27.52
C LEU B 184 -21.27 2.98 28.41
N ARG B 185 -21.47 2.71 29.70
CA ARG B 185 -20.40 2.68 30.68
C ARG B 185 -20.47 1.35 31.40
N SER B 186 -19.33 0.68 31.53
CA SER B 186 -19.31 -0.61 32.21
C SER B 186 -19.63 -0.43 33.68
N ALA B 187 -20.37 -1.38 34.26
CA ALA B 187 -20.79 -1.19 35.63
C ALA B 187 -21.14 -2.54 36.23
N ILE B 188 -20.97 -2.63 37.55
CA ILE B 188 -21.41 -3.79 38.29
C ILE B 188 -22.01 -3.31 39.60
N THR B 189 -23.12 -3.93 40.00
CA THR B 189 -23.74 -3.65 41.28
C THR B 189 -23.61 -4.90 42.12
N VAL B 190 -23.00 -4.79 43.28
CA VAL B 190 -22.75 -5.96 44.13
C VAL B 190 -23.74 -5.93 45.28
N PHE B 191 -24.63 -6.90 45.29
CA PHE B 191 -25.60 -7.09 46.35
C PHE B 191 -24.97 -7.87 47.49
N PRO B 192 -25.67 -8.03 48.63
CA PRO B 192 -25.01 -8.61 49.81
C PRO B 192 -24.46 -10.01 49.54
N GLN B 193 -23.36 -10.32 50.21
CA GLN B 193 -22.72 -11.61 50.06
C GLN B 193 -23.55 -12.72 50.69
N ARG B 194 -23.36 -13.92 50.18
CA ARG B 194 -23.91 -15.10 50.80
C ARG B 194 -23.38 -15.20 52.22
N CYS B 195 -24.27 -15.48 53.16
CA CYS B 195 -23.83 -15.71 54.53
C CYS B 195 -24.67 -16.80 55.15
N PRO B 196 -24.14 -17.48 56.17
CA PRO B 196 -24.89 -18.58 56.78
C PRO B 196 -26.16 -18.10 57.43
N GLY B 197 -27.19 -18.94 57.39
CA GLY B 197 -28.43 -18.63 58.08
C GLY B 197 -29.35 -17.67 57.39
N ARG B 198 -29.19 -17.50 56.08
CA ARG B 198 -30.00 -16.55 55.35
C ARG B 198 -29.87 -16.90 53.88
N GLY B 199 -30.98 -16.84 53.16
CA GLY B 199 -30.96 -17.11 51.74
C GLY B 199 -30.15 -16.06 50.99
N ASP B 200 -29.98 -16.33 49.70
CA ASP B 200 -29.25 -15.43 48.83
C ASP B 200 -30.17 -14.38 48.22
N PHE B 201 -29.61 -13.22 47.96
CA PHE B 201 -30.18 -12.39 46.89
C PHE B 201 -29.94 -13.09 45.58
N ARG B 202 -30.95 -13.14 44.72
CA ARG B 202 -30.80 -13.68 43.39
C ARG B 202 -31.62 -12.88 42.39
N ILE B 203 -31.05 -12.66 41.23
CA ILE B 203 -31.78 -12.20 40.07
C ILE B 203 -32.09 -13.42 39.21
N TRP B 204 -33.37 -13.73 39.02
CA TRP B 204 -33.69 -14.95 38.29
C TRP B 204 -33.34 -14.83 36.82
N ASN B 205 -33.57 -13.65 36.24
CA ASN B 205 -33.24 -13.40 34.84
C ASN B 205 -31.75 -13.56 34.60
N SER B 206 -31.40 -14.09 33.42
CA SER B 206 -30.00 -14.24 33.06
C SER B 206 -29.38 -12.91 32.64
N GLN B 207 -30.20 -11.97 32.19
CA GLN B 207 -29.73 -10.63 31.88
C GLN B 207 -30.79 -9.64 32.32
N LEU B 208 -30.38 -8.42 32.60
CA LEU B 208 -31.36 -7.44 33.04
C LEU B 208 -32.38 -7.13 31.95
N VAL B 209 -31.96 -7.20 30.69
CA VAL B 209 -32.83 -6.94 29.56
C VAL B 209 -32.82 -8.19 28.69
N ARG B 210 -34.00 -8.80 28.52
CA ARG B 210 -34.18 -10.00 27.71
C ARG B 210 -35.53 -9.89 27.02
N TYR B 211 -35.60 -10.43 25.82
CA TYR B 211 -36.87 -10.43 25.12
C TYR B 211 -37.63 -11.69 25.47
N ALA B 212 -38.94 -11.57 25.61
CA ALA B 212 -39.76 -12.74 25.90
C ALA B 212 -39.69 -13.76 24.76
N GLY B 213 -39.76 -15.03 25.12
CA GLY B 213 -39.95 -16.10 24.17
C GLY B 213 -41.19 -16.89 24.55
N TYR B 214 -42.25 -16.70 23.80
CA TYR B 214 -43.52 -17.36 24.07
C TYR B 214 -43.56 -18.70 23.37
N ARG B 215 -43.59 -19.78 24.14
CA ARG B 215 -43.76 -21.11 23.56
C ARG B 215 -45.07 -21.14 22.80
N GLN B 216 -45.01 -21.10 21.48
CA GLN B 216 -46.22 -21.27 20.70
C GLN B 216 -46.75 -22.68 20.88
N GLN B 217 -48.04 -22.83 20.62
CA GLN B 217 -48.69 -24.10 20.91
C GLN B 217 -48.20 -25.22 19.99
N ASP B 218 -47.69 -24.87 18.80
CA ASP B 218 -47.13 -25.88 17.90
C ASP B 218 -45.92 -26.55 18.53
N GLY B 219 -45.12 -25.80 19.28
CA GLY B 219 -43.78 -26.20 19.65
C GLY B 219 -42.72 -25.21 19.19
N SER B 220 -43.08 -24.29 18.31
CA SER B 220 -42.22 -23.19 17.90
C SER B 220 -42.17 -22.15 19.02
N VAL B 221 -41.50 -21.03 18.77
CA VAL B 221 -41.42 -19.94 19.73
C VAL B 221 -41.64 -18.61 19.00
N ARG B 222 -42.43 -17.74 19.60
CA ARG B 222 -42.51 -16.33 19.21
C ARG B 222 -41.63 -15.52 20.15
N GLY B 223 -40.64 -14.84 19.59
CA GLY B 223 -39.68 -14.08 20.37
C GLY B 223 -38.36 -14.82 20.48
N ASP B 224 -37.68 -14.65 21.61
CA ASP B 224 -36.36 -15.23 21.79
C ASP B 224 -36.51 -16.62 22.36
N PRO B 225 -36.14 -17.68 21.61
CA PRO B 225 -36.25 -19.04 22.17
C PRO B 225 -35.34 -19.28 23.36
N ALA B 226 -34.26 -18.52 23.50
CA ALA B 226 -33.40 -18.70 24.66
C ALA B 226 -34.12 -18.39 25.95
N ASN B 227 -35.25 -17.67 25.89
CA ASN B 227 -35.89 -17.12 27.07
C ASN B 227 -37.26 -17.75 27.34
N VAL B 228 -37.53 -18.93 26.77
CA VAL B 228 -38.82 -19.57 26.99
C VAL B 228 -39.03 -19.88 28.46
N GLU B 229 -38.00 -20.39 29.13
CA GLU B 229 -38.17 -20.81 30.52
C GLU B 229 -38.44 -19.60 31.41
N ILE B 230 -37.60 -18.56 31.32
CA ILE B 230 -37.77 -17.41 32.19
C ILE B 230 -39.06 -16.68 31.87
N THR B 231 -39.45 -16.68 30.59
CA THR B 231 -40.73 -16.11 30.22
C THR B 231 -41.88 -16.82 30.93
N GLU B 232 -41.87 -18.16 30.91
CA GLU B 232 -42.92 -18.91 31.58
C GLU B 232 -42.88 -18.69 33.09
N LEU B 233 -41.69 -18.44 33.64
CA LEU B 233 -41.63 -18.14 35.07
C LEU B 233 -42.19 -16.76 35.37
N CYS B 234 -41.99 -15.80 34.47
CA CYS B 234 -42.59 -14.48 34.67
C CYS B 234 -44.10 -14.56 34.63
N ILE B 235 -44.65 -15.25 33.63
CA ILE B 235 -46.10 -15.38 33.54
C ILE B 235 -46.65 -16.05 34.79
N GLN B 236 -46.06 -17.19 35.14
CA GLN B 236 -46.45 -17.93 36.33
C GLN B 236 -46.34 -17.08 37.59
N HIS B 237 -45.50 -16.06 37.59
CA HIS B 237 -45.38 -15.18 38.75
C HIS B 237 -46.18 -13.90 38.60
N GLY B 238 -47.18 -13.90 37.73
CA GLY B 238 -48.12 -12.81 37.64
C GLY B 238 -47.94 -11.85 36.50
N TRP B 239 -46.98 -12.09 35.60
CA TRP B 239 -46.76 -11.16 34.49
C TRP B 239 -47.77 -11.42 33.39
N THR B 240 -48.48 -10.39 33.00
CA THR B 240 -49.32 -10.46 31.83
C THR B 240 -48.45 -10.38 30.58
N PRO B 241 -48.38 -11.44 29.78
CA PRO B 241 -47.46 -11.47 28.64
C PRO B 241 -47.98 -10.69 27.46
N GLY B 242 -47.05 -10.27 26.61
CA GLY B 242 -47.37 -9.71 25.32
C GLY B 242 -47.42 -10.80 24.28
N ASN B 243 -47.36 -10.38 23.00
CA ASN B 243 -47.27 -11.35 21.91
C ASN B 243 -46.29 -10.91 20.83
N GLY B 244 -45.50 -9.87 21.06
CA GLY B 244 -44.48 -9.50 20.11
C GLY B 244 -43.26 -10.40 20.15
N ARG B 245 -42.36 -10.17 19.20
CA ARG B 245 -41.08 -10.85 19.16
C ARG B 245 -40.02 -10.13 19.98
N PHE B 246 -40.28 -8.91 20.42
CA PHE B 246 -39.30 -8.14 21.17
C PHE B 246 -39.95 -7.53 22.42
N ASP B 247 -40.65 -8.37 23.18
CA ASP B 247 -41.25 -7.96 24.43
C ASP B 247 -40.20 -8.05 25.54
N VAL B 248 -39.86 -6.91 26.12
CA VAL B 248 -38.90 -6.91 27.21
C VAL B 248 -39.48 -7.62 28.41
N LEU B 249 -38.73 -8.57 28.95
CA LEU B 249 -39.18 -9.31 30.12
C LEU B 249 -39.15 -8.46 31.39
N PRO B 250 -40.00 -8.75 32.36
CA PRO B 250 -39.87 -8.14 33.68
C PRO B 250 -38.76 -8.83 34.47
N LEU B 251 -38.35 -8.16 35.54
CA LEU B 251 -37.33 -8.72 36.43
C LEU B 251 -38.00 -9.55 37.51
N LEU B 252 -37.45 -10.74 37.77
CA LEU B 252 -37.81 -11.55 38.92
C LEU B 252 -36.66 -11.46 39.89
N LEU B 253 -36.90 -10.79 41.01
CA LEU B 253 -35.88 -10.50 42.01
C LEU B 253 -36.20 -11.27 43.28
N GLN B 254 -35.18 -11.87 43.87
CA GLN B 254 -35.34 -12.74 45.03
C GLN B 254 -34.55 -12.12 46.17
N ALA B 255 -35.20 -11.73 47.13
CA ALA B 255 -34.58 -11.31 48.37
C ALA B 255 -34.45 -12.52 49.27
N PRO B 256 -33.52 -12.50 50.24
CA PRO B 256 -33.26 -13.70 51.03
C PRO B 256 -34.53 -14.31 51.62
N ASP B 257 -34.72 -15.61 51.35
CA ASP B 257 -35.77 -16.42 51.96
C ASP B 257 -37.15 -15.94 51.55
N GLU B 258 -37.28 -15.60 50.27
CA GLU B 258 -38.48 -15.03 49.72
C GLU B 258 -38.70 -15.61 48.33
N PRO B 259 -39.96 -15.83 47.96
CA PRO B 259 -40.27 -16.08 46.55
C PRO B 259 -39.83 -14.90 45.70
N PRO B 260 -39.55 -15.11 44.42
CA PRO B 260 -39.17 -13.98 43.59
C PRO B 260 -40.32 -13.00 43.47
N GLU B 261 -39.98 -11.72 43.39
CA GLU B 261 -40.97 -10.67 43.19
C GLU B 261 -40.78 -10.06 41.81
N LEU B 262 -41.89 -9.76 41.15
CA LEU B 262 -41.90 -9.30 39.78
C LEU B 262 -41.85 -7.79 39.71
N PHE B 263 -40.94 -7.25 38.89
CA PHE B 263 -40.77 -5.82 38.69
C PHE B 263 -40.69 -5.52 37.20
N LEU B 264 -41.49 -4.57 36.74
CA LEU B 264 -41.48 -4.15 35.34
C LEU B 264 -40.45 -3.06 35.13
N LEU B 265 -39.57 -3.24 34.16
CA LEU B 265 -38.61 -2.18 33.86
C LEU B 265 -39.36 -1.02 33.21
N PRO B 266 -39.14 0.22 33.65
CA PRO B 266 -39.76 1.37 32.99
C PRO B 266 -39.29 1.45 31.54
N PRO B 267 -40.23 1.46 30.60
CA PRO B 267 -39.83 1.47 29.17
C PRO B 267 -38.78 2.52 28.83
N GLU B 268 -38.82 3.70 29.46
CA GLU B 268 -37.82 4.72 29.20
C GLU B 268 -36.44 4.33 29.69
N LEU B 269 -36.34 3.29 30.51
CA LEU B 269 -35.05 2.84 31.02
C LEU B 269 -34.36 1.89 30.08
N VAL B 270 -35.10 1.24 29.18
CA VAL B 270 -34.62 0.15 28.35
C VAL B 270 -34.41 0.72 26.95
N LEU B 271 -33.17 1.09 26.64
CA LEU B 271 -32.86 1.66 25.35
C LEU B 271 -32.76 0.55 24.30
N GLU B 272 -33.49 0.70 23.20
CA GLU B 272 -33.51 -0.27 22.12
C GLU B 272 -33.12 0.41 20.82
N VAL B 273 -32.62 -0.39 19.89
CA VAL B 273 -32.12 0.11 18.62
C VAL B 273 -32.90 -0.60 17.53
N PRO B 274 -33.72 0.12 16.75
CA PRO B 274 -34.33 -0.48 15.57
C PRO B 274 -33.24 -0.80 14.56
N LEU B 275 -33.35 -1.95 13.92
CA LEU B 275 -32.32 -2.41 13.00
C LEU B 275 -32.74 -2.04 11.57
N GLU B 276 -31.88 -1.29 10.91
CA GLU B 276 -32.00 -1.01 9.49
C GLU B 276 -30.64 -1.26 8.85
N HIS B 277 -30.61 -1.34 7.52
CA HIS B 277 -29.36 -1.62 6.84
C HIS B 277 -28.98 -0.42 5.99
N PRO B 278 -27.70 -0.05 5.92
CA PRO B 278 -27.35 1.22 5.26
C PRO B 278 -27.72 1.24 3.78
N THR B 279 -27.79 0.09 3.13
CA THR B 279 -28.16 0.08 1.73
C THR B 279 -29.21 -0.98 1.43
N LEU B 280 -29.74 -1.71 2.38
CA LEU B 280 -30.83 -2.65 2.05
C LEU B 280 -32.07 -2.10 2.74
N GLU B 281 -32.83 -1.29 1.99
CA GLU B 281 -33.89 -0.49 2.57
C GLU B 281 -35.05 -1.35 3.07
N TRP B 282 -35.25 -2.53 2.48
CA TRP B 282 -36.31 -3.40 2.98
C TRP B 282 -35.96 -3.98 4.34
N PHE B 283 -34.69 -3.95 4.73
CA PHE B 283 -34.30 -4.55 6.00
C PHE B 283 -35.09 -3.96 7.16
N ALA B 284 -35.32 -2.64 7.14
CA ALA B 284 -36.09 -2.02 8.21
C ALA B 284 -37.48 -2.64 8.33
N ALA B 285 -38.07 -3.05 7.20
CA ALA B 285 -39.38 -3.67 7.21
C ALA B 285 -39.41 -5.00 7.95
N LEU B 286 -38.26 -5.65 8.15
CA LEU B 286 -38.25 -6.86 8.95
C LEU B 286 -38.69 -6.57 10.38
N GLY B 287 -38.62 -5.32 10.81
CA GLY B 287 -39.03 -4.95 12.16
C GLY B 287 -38.15 -5.49 13.26
N LEU B 288 -36.86 -5.67 12.97
CA LEU B 288 -35.92 -6.18 13.96
C LEU B 288 -35.45 -5.05 14.89
N ARG B 289 -35.19 -5.44 16.14
CA ARG B 289 -34.73 -4.56 17.19
C ARG B 289 -33.79 -5.36 18.07
N TRP B 290 -32.83 -4.68 18.68
CA TRP B 290 -32.14 -5.27 19.81
C TRP B 290 -31.97 -4.19 20.87
N TYR B 291 -31.59 -4.61 22.07
CA TYR B 291 -31.47 -3.65 23.17
C TYR B 291 -30.02 -3.16 23.31
N ALA B 292 -29.89 -2.02 23.97
CA ALA B 292 -28.59 -1.35 24.02
C ALA B 292 -27.63 -2.07 24.94
N LEU B 293 -28.14 -2.60 26.04
CA LEU B 293 -27.34 -2.84 27.24
C LEU B 293 -27.25 -4.34 27.50
N PRO B 294 -26.07 -4.97 27.31
CA PRO B 294 -25.87 -6.36 27.74
C PRO B 294 -25.51 -6.37 29.23
N ALA B 295 -26.40 -6.90 30.03
CA ALA B 295 -26.22 -6.85 31.49
C ALA B 295 -26.43 -8.23 32.08
N VAL B 296 -25.34 -8.97 32.30
CA VAL B 296 -25.43 -10.34 32.79
C VAL B 296 -25.75 -10.29 34.29
N SER B 297 -26.82 -10.98 34.70
CA SER B 297 -27.32 -10.86 36.06
C SER B 297 -27.39 -12.17 36.84
N ASN B 298 -26.93 -13.30 36.28
CA ASN B 298 -27.10 -14.58 36.95
C ASN B 298 -25.78 -15.23 37.31
N MET B 299 -24.66 -14.54 37.16
CA MET B 299 -23.42 -15.14 37.61
C MET B 299 -23.12 -14.79 39.07
N LEU B 300 -22.32 -15.64 39.69
CA LEU B 300 -21.84 -15.45 41.04
C LEU B 300 -20.48 -14.78 40.98
N LEU B 301 -20.32 -13.72 41.75
CA LEU B 301 -19.04 -13.06 41.87
C LEU B 301 -18.34 -13.57 43.13
N GLU B 302 -17.12 -14.10 42.97
CA GLU B 302 -16.36 -14.64 44.10
C GLU B 302 -15.11 -13.82 44.29
N ILE B 303 -14.91 -13.33 45.52
CA ILE B 303 -13.80 -12.47 45.89
C ILE B 303 -13.27 -12.94 47.23
N GLY B 304 -12.02 -13.39 47.28
CA GLY B 304 -11.40 -13.75 48.55
C GLY B 304 -12.20 -14.74 49.36
N GLY B 305 -12.82 -15.70 48.69
CA GLY B 305 -13.62 -16.71 49.36
C GLY B 305 -15.05 -16.31 49.61
N LEU B 306 -15.37 -15.03 49.53
CA LEU B 306 -16.76 -14.59 49.70
C LEU B 306 -17.49 -14.70 48.38
N GLU B 307 -18.78 -14.96 48.48
CA GLU B 307 -19.60 -15.25 47.33
C GLU B 307 -20.71 -14.23 47.27
N PHE B 308 -20.86 -13.58 46.11
CA PHE B 308 -21.93 -12.63 45.88
C PHE B 308 -22.81 -13.23 44.80
N PRO B 309 -23.90 -13.91 45.18
CA PRO B 309 -24.73 -14.58 44.17
C PRO B 309 -25.53 -13.65 43.31
N ALA B 310 -25.62 -12.38 43.68
CA ALA B 310 -26.29 -11.37 42.87
C ALA B 310 -25.32 -10.22 42.73
N ALA B 311 -24.80 -10.05 41.51
CA ALA B 311 -23.86 -8.98 41.19
C ALA B 311 -23.93 -8.71 39.70
N PRO B 312 -25.05 -8.16 39.22
CA PRO B 312 -25.22 -7.95 37.77
C PRO B 312 -24.18 -6.99 37.24
N PHE B 313 -23.67 -7.27 36.03
CA PHE B 313 -22.64 -6.45 35.42
C PHE B 313 -22.97 -6.23 33.95
N SER B 314 -22.49 -5.12 33.42
CA SER B 314 -22.84 -4.76 32.05
C SER B 314 -21.68 -4.04 31.39
N GLY B 315 -21.59 -4.17 30.06
CA GLY B 315 -20.71 -3.32 29.29
C GLY B 315 -21.43 -2.85 28.05
N TRP B 316 -20.86 -3.12 26.88
CA TRP B 316 -21.52 -2.81 25.62
C TRP B 316 -21.32 -3.98 24.67
N TYR B 317 -22.18 -4.04 23.68
CA TYR B 317 -22.20 -5.22 22.82
C TYR B 317 -21.03 -5.22 21.86
N MET B 318 -20.52 -6.42 21.59
CA MET B 318 -19.80 -6.68 20.35
C MET B 318 -20.82 -7.12 19.29
N SER B 319 -20.74 -6.55 18.10
CA SER B 319 -21.87 -6.66 17.18
C SER B 319 -22.18 -8.09 16.78
N THR B 320 -21.18 -8.97 16.79
CA THR B 320 -21.48 -10.35 16.41
C THR B 320 -22.35 -11.05 17.44
N GLU B 321 -22.39 -10.60 18.70
CA GLU B 321 -23.32 -11.22 19.65
C GLU B 321 -24.75 -11.00 19.19
N ILE B 322 -25.07 -9.80 18.74
CA ILE B 322 -26.40 -9.51 18.23
C ILE B 322 -26.58 -10.11 16.84
N GLY B 323 -25.70 -9.76 15.92
CA GLY B 323 -25.97 -10.00 14.50
C GLY B 323 -25.86 -11.47 14.14
N THR B 324 -24.80 -12.12 14.60
CA THR B 324 -24.55 -13.51 14.27
C THR B 324 -25.24 -14.45 15.25
N ARG B 325 -24.98 -14.28 16.56
CA ARG B 325 -25.53 -15.24 17.51
C ARG B 325 -27.02 -15.01 17.75
N ASN B 326 -27.39 -13.83 18.25
CA ASN B 326 -28.78 -13.63 18.67
C ASN B 326 -29.74 -13.68 17.49
N LEU B 327 -29.34 -13.16 16.33
CA LEU B 327 -30.26 -13.11 15.19
C LEU B 327 -30.14 -14.29 14.25
N CYS B 328 -28.94 -14.90 14.08
CA CYS B 328 -28.76 -15.95 13.09
C CYS B 328 -28.59 -17.36 13.66
N ASP B 329 -28.43 -17.53 14.97
CA ASP B 329 -28.40 -18.89 15.50
C ASP B 329 -29.70 -19.59 15.11
N PRO B 330 -29.64 -20.86 14.67
CA PRO B 330 -30.87 -21.55 14.28
C PRO B 330 -31.85 -21.69 15.42
N HIS B 331 -31.36 -21.80 16.65
CA HIS B 331 -32.19 -21.92 17.85
C HIS B 331 -32.44 -20.58 18.51
N ARG B 332 -32.05 -19.48 17.87
CA ARG B 332 -32.43 -18.17 18.37
C ARG B 332 -33.44 -17.56 17.41
N TYR B 333 -33.26 -16.28 17.03
CA TYR B 333 -34.22 -15.67 16.12
C TYR B 333 -34.16 -16.23 14.70
N ASN B 334 -33.05 -16.84 14.30
CA ASN B 334 -32.99 -17.66 13.10
C ASN B 334 -33.52 -16.93 11.86
N ILE B 335 -32.95 -15.75 11.56
CA ILE B 335 -33.46 -14.91 10.46
C ILE B 335 -32.64 -15.06 9.18
N LEU B 336 -31.61 -15.93 9.19
CA LEU B 336 -30.59 -15.90 8.15
C LEU B 336 -31.18 -16.19 6.78
N GLU B 337 -32.01 -17.23 6.70
CA GLU B 337 -32.55 -17.65 5.41
C GLU B 337 -33.56 -16.62 4.89
N ASP B 338 -34.29 -15.96 5.79
CA ASP B 338 -35.24 -14.95 5.33
C ASP B 338 -34.51 -13.70 4.83
N VAL B 339 -33.42 -13.31 5.48
CA VAL B 339 -32.60 -12.21 4.96
C VAL B 339 -32.00 -12.60 3.61
N ALA B 340 -31.47 -13.82 3.51
CA ALA B 340 -30.88 -14.30 2.26
C ALA B 340 -31.90 -14.30 1.12
N VAL B 341 -33.11 -14.80 1.41
CA VAL B 341 -34.16 -14.83 0.39
C VAL B 341 -34.54 -13.42 -0.01
N CYS B 342 -34.63 -12.51 0.96
CA CYS B 342 -34.87 -11.11 0.64
C CYS B 342 -33.73 -10.55 -0.20
N MET B 343 -32.51 -10.96 0.10
CA MET B 343 -31.35 -10.50 -0.68
C MET B 343 -31.31 -11.10 -2.08
N ASP B 344 -32.24 -12.02 -2.38
CA ASP B 344 -32.32 -12.75 -3.65
C ASP B 344 -31.05 -13.56 -3.92
N LEU B 345 -30.53 -14.18 -2.86
CA LEU B 345 -29.39 -15.09 -2.96
C LEU B 345 -29.86 -16.49 -3.31
N ASP B 346 -28.98 -17.25 -3.96
CA ASP B 346 -29.30 -18.62 -4.33
C ASP B 346 -29.21 -19.52 -3.11
N THR B 347 -30.33 -19.69 -2.39
CA THR B 347 -30.30 -20.51 -1.17
C THR B 347 -30.45 -21.99 -1.45
N ARG B 348 -30.49 -22.41 -2.72
CA ARG B 348 -30.68 -23.83 -3.01
C ARG B 348 -29.40 -24.62 -2.82
N THR B 349 -28.24 -24.00 -2.94
CA THR B 349 -26.98 -24.68 -2.72
C THR B 349 -26.14 -23.92 -1.71
N THR B 350 -25.46 -24.66 -0.83
CA THR B 350 -24.56 -24.03 0.12
C THR B 350 -23.37 -23.38 -0.58
N SER B 351 -22.97 -23.89 -1.76
CA SER B 351 -21.77 -23.38 -2.42
C SER B 351 -21.90 -21.93 -2.89
N SER B 352 -23.10 -21.36 -2.91
CA SER B 352 -23.18 -19.94 -3.21
C SER B 352 -22.72 -19.08 -2.03
N LEU B 353 -22.55 -19.68 -0.86
CA LEU B 353 -22.21 -18.97 0.37
C LEU B 353 -23.26 -17.92 0.70
N TRP B 354 -24.52 -18.23 0.41
CA TRP B 354 -25.59 -17.30 0.77
C TRP B 354 -25.66 -17.10 2.28
N LYS B 355 -25.32 -18.12 3.05
CA LYS B 355 -25.36 -17.97 4.50
C LYS B 355 -24.33 -16.95 4.96
N ASP B 356 -23.11 -17.05 4.46
CA ASP B 356 -22.07 -16.09 4.85
C ASP B 356 -22.41 -14.69 4.37
N LYS B 357 -22.98 -14.57 3.17
CA LYS B 357 -23.33 -13.23 2.68
C LYS B 357 -24.45 -12.61 3.51
N ALA B 358 -25.49 -13.38 3.80
CA ALA B 358 -26.60 -12.83 4.58
C ALA B 358 -26.13 -12.43 5.97
N ALA B 359 -25.28 -13.26 6.57
CA ALA B 359 -24.82 -13.01 7.93
C ALA B 359 -23.97 -11.75 8.00
N VAL B 360 -23.10 -11.55 7.00
CA VAL B 360 -22.31 -10.31 6.98
C VAL B 360 -23.24 -9.10 6.96
N GLU B 361 -24.23 -9.11 6.05
CA GLU B 361 -25.12 -7.96 5.95
C GLU B 361 -25.93 -7.76 7.23
N ILE B 362 -26.32 -8.84 7.90
CA ILE B 362 -27.02 -8.67 9.17
C ILE B 362 -26.12 -7.98 10.17
N ASN B 363 -24.83 -8.36 10.19
CA ASN B 363 -23.88 -7.70 11.08
C ASN B 363 -23.61 -6.25 10.66
N VAL B 364 -23.49 -5.98 9.37
CA VAL B 364 -23.45 -4.60 8.89
C VAL B 364 -24.66 -3.82 9.40
N ALA B 365 -25.84 -4.41 9.30
CA ALA B 365 -27.05 -3.70 9.73
C ALA B 365 -26.98 -3.38 11.22
N VAL B 366 -26.47 -4.32 12.02
CA VAL B 366 -26.39 -4.12 13.46
C VAL B 366 -25.45 -2.96 13.78
N LEU B 367 -24.25 -2.99 13.20
CA LEU B 367 -23.26 -1.93 13.43
C LEU B 367 -23.78 -0.59 12.95
N HIS B 368 -24.33 -0.56 11.73
CA HIS B 368 -24.88 0.68 11.21
C HIS B 368 -25.97 1.21 12.12
N SER B 369 -26.86 0.33 12.59
CA SER B 369 -28.01 0.78 13.38
C SER B 369 -27.59 1.32 14.74
N TYR B 370 -26.66 0.64 15.42
CA TYR B 370 -26.20 1.17 16.69
C TYR B 370 -25.47 2.49 16.51
N GLN B 371 -24.59 2.58 15.50
CA GLN B 371 -23.92 3.84 15.21
C GLN B 371 -24.92 4.93 14.86
N LEU B 372 -25.99 4.56 14.15
CA LEU B 372 -27.03 5.51 13.78
C LEU B 372 -27.77 6.01 15.01
N ALA B 373 -28.11 5.10 15.92
CA ALA B 373 -28.81 5.46 17.14
C ALA B 373 -27.89 6.01 18.21
N LYS B 374 -26.58 6.11 17.94
CA LYS B 374 -25.59 6.61 18.89
C LYS B 374 -25.55 5.76 20.17
N VAL B 375 -25.57 4.45 19.98
CA VAL B 375 -25.41 3.49 21.06
C VAL B 375 -24.08 2.79 20.85
N THR B 376 -23.24 2.81 21.89
CA THR B 376 -21.93 2.19 21.85
C THR B 376 -22.05 0.77 21.35
N ILE B 377 -21.13 0.40 20.47
CA ILE B 377 -21.04 -0.95 19.98
C ILE B 377 -19.63 -1.10 19.45
N VAL B 378 -19.12 -2.30 19.47
CA VAL B 378 -17.79 -2.56 18.94
C VAL B 378 -17.89 -3.73 17.97
N ASP B 379 -17.23 -3.59 16.83
CA ASP B 379 -17.29 -4.72 15.91
C ASP B 379 -16.20 -5.71 16.29
N HIS B 380 -16.25 -6.90 15.69
CA HIS B 380 -15.38 -7.97 16.16
C HIS B 380 -13.93 -7.79 15.72
N HIS B 381 -13.69 -7.00 14.67
CA HIS B 381 -12.30 -6.70 14.33
C HIS B 381 -11.68 -5.78 15.37
N ALA B 382 -12.40 -4.73 15.74
CA ALA B 382 -11.87 -3.81 16.74
C ALA B 382 -11.78 -4.48 18.10
N ALA B 383 -12.82 -5.23 18.50
CA ALA B 383 -12.79 -5.92 19.78
C ALA B 383 -11.60 -6.88 19.87
N THR B 384 -11.36 -7.68 18.84
CA THR B 384 -10.27 -8.64 18.95
C THR B 384 -8.91 -7.96 18.87
N ALA B 385 -8.81 -6.85 18.12
CA ALA B 385 -7.57 -6.07 18.17
C ALA B 385 -7.31 -5.51 19.57
N SER B 386 -8.34 -5.00 20.23
CA SER B 386 -8.13 -4.50 21.58
C SER B 386 -7.71 -5.63 22.51
N PHE B 387 -8.28 -6.83 22.30
CA PHE B 387 -7.94 -7.96 23.14
C PHE B 387 -6.49 -8.39 22.98
N MET B 388 -5.96 -8.34 21.74
CA MET B 388 -4.54 -8.58 21.54
C MET B 388 -3.70 -7.59 22.35
N LYS B 389 -4.15 -6.34 22.42
CA LYS B 389 -3.46 -5.36 23.24
C LYS B 389 -3.59 -5.71 24.73
N HIS B 390 -4.76 -6.24 25.12
CA HIS B 390 -4.95 -6.69 26.49
C HIS B 390 -3.97 -7.80 26.84
N LEU B 391 -3.80 -8.77 25.93
CA LEU B 391 -2.88 -9.89 26.16
C LEU B 391 -1.46 -9.39 26.36
N GLU B 392 -1.04 -8.43 25.54
CA GLU B 392 0.31 -7.91 25.68
C GLU B 392 0.49 -7.17 27.00
N ASN B 393 -0.52 -6.40 27.42
CA ASN B 393 -0.45 -5.73 28.72
C ASN B 393 -0.36 -6.74 29.85
N GLU B 394 -1.19 -7.79 29.76
CA GLU B 394 -1.26 -8.76 30.84
C GLU B 394 -0.01 -9.62 30.89
N GLN B 395 0.59 -9.90 29.73
CA GLN B 395 1.87 -10.59 29.69
C GLN B 395 2.92 -9.83 30.48
N LYS B 396 3.03 -8.51 30.28
CA LYS B 396 3.97 -7.72 31.04
C LYS B 396 3.53 -7.57 32.50
N ALA B 397 2.22 -7.41 32.73
CA ALA B 397 1.77 -7.12 34.10
C ALA B 397 1.80 -8.36 34.99
N ARG B 398 1.36 -9.51 34.46
CA ARG B 398 1.23 -10.71 35.27
C ARG B 398 1.89 -11.94 34.67
N GLY B 399 2.45 -11.87 33.46
CA GLY B 399 3.09 -13.03 32.90
C GLY B 399 2.12 -14.02 32.30
N GLY B 400 0.95 -13.55 31.91
CA GLY B 400 -0.04 -14.43 31.33
C GLY B 400 -1.42 -13.83 31.43
N CYS B 401 -2.35 -14.51 30.82
CA CYS B 401 -3.73 -14.07 30.73
C CYS B 401 -4.59 -15.28 30.44
N PRO B 402 -5.46 -15.71 31.35
CA PRO B 402 -6.33 -16.83 31.06
C PRO B 402 -7.29 -16.46 29.94
N ALA B 403 -7.32 -17.28 28.89
CA ALA B 403 -8.14 -16.94 27.75
C ALA B 403 -8.70 -18.23 27.16
N ASP B 404 -9.97 -18.19 26.82
CA ASP B 404 -10.70 -19.33 26.26
C ASP B 404 -10.86 -19.09 24.76
N TRP B 405 -9.98 -19.72 23.98
CA TRP B 405 -9.86 -19.44 22.55
C TRP B 405 -11.20 -19.51 21.82
N ALA B 406 -11.96 -20.58 22.05
CA ALA B 406 -13.23 -20.76 21.36
C ALA B 406 -14.25 -19.68 21.66
N TRP B 407 -14.11 -18.97 22.78
CA TRP B 407 -15.00 -17.87 23.09
C TRP B 407 -14.43 -16.53 22.67
N ILE B 408 -13.11 -16.42 22.62
CA ILE B 408 -12.49 -15.17 22.19
C ILE B 408 -12.60 -15.00 20.67
N VAL B 409 -12.44 -16.08 19.92
CA VAL B 409 -12.57 -16.04 18.45
C VAL B 409 -14.03 -15.77 18.12
N PRO B 410 -14.32 -14.74 17.35
CA PRO B 410 -15.72 -14.38 17.08
C PRO B 410 -16.39 -15.41 16.19
N PRO B 411 -17.74 -15.45 16.18
CA PRO B 411 -18.44 -16.55 15.51
C PRO B 411 -18.55 -16.41 14.01
N ILE B 412 -18.22 -15.26 13.44
CA ILE B 412 -17.98 -15.16 12.00
C ILE B 412 -16.57 -14.62 11.83
N SER B 413 -15.96 -14.96 10.68
CA SER B 413 -14.72 -14.33 10.24
C SER B 413 -13.56 -14.61 11.20
N GLY B 414 -13.63 -15.75 11.88
CA GLY B 414 -12.67 -16.11 12.90
C GLY B 414 -11.23 -15.83 12.53
N SER B 415 -10.73 -16.41 11.44
CA SER B 415 -9.32 -16.26 11.14
C SER B 415 -8.98 -14.91 10.54
N LEU B 416 -9.98 -14.09 10.25
CA LEU B 416 -9.68 -12.73 9.83
C LEU B 416 -9.35 -11.84 11.02
N THR B 417 -9.57 -12.31 12.23
CA THR B 417 -9.19 -11.53 13.40
C THR B 417 -7.87 -12.05 13.94
N PRO B 418 -7.14 -11.24 14.70
CA PRO B 418 -5.81 -11.68 15.11
C PRO B 418 -5.82 -12.68 16.24
N VAL B 419 -6.89 -12.74 17.04
CA VAL B 419 -6.94 -13.70 18.13
C VAL B 419 -6.99 -15.11 17.59
N PHE B 420 -7.45 -15.31 16.35
CA PHE B 420 -7.51 -16.66 15.80
C PHE B 420 -6.12 -17.29 15.80
N HIS B 421 -5.11 -16.50 15.44
CA HIS B 421 -3.74 -16.98 15.28
C HIS B 421 -2.95 -16.94 16.57
N GLN B 422 -3.60 -16.55 17.67
CA GLN B 422 -2.97 -16.45 18.98
C GLN B 422 -3.31 -17.69 19.79
N GLU B 423 -2.30 -18.49 20.11
CA GLU B 423 -2.52 -19.57 21.06
C GLU B 423 -2.85 -19.00 22.43
N MET B 424 -3.71 -19.68 23.17
CA MET B 424 -4.18 -19.18 24.45
C MET B 424 -4.19 -20.32 25.46
N VAL B 425 -4.04 -19.94 26.73
CA VAL B 425 -4.03 -20.87 27.85
C VAL B 425 -5.25 -20.52 28.70
N ASN B 426 -6.08 -21.52 28.97
CA ASN B 426 -7.31 -21.34 29.73
C ASN B 426 -7.13 -21.88 31.14
N TYR B 427 -7.38 -21.05 32.15
CA TYR B 427 -7.29 -21.50 33.55
C TYR B 427 -8.11 -20.55 34.41
N PHE B 428 -8.34 -20.97 35.64
CA PHE B 428 -9.24 -20.25 36.53
C PHE B 428 -8.42 -19.47 37.54
N LEU B 429 -8.52 -18.15 37.50
CA LEU B 429 -8.02 -17.35 38.61
C LEU B 429 -9.18 -16.81 39.43
N SER B 430 -8.89 -16.43 40.68
CA SER B 430 -9.82 -15.77 41.56
C SER B 430 -9.26 -14.42 42.00
N PRO B 431 -10.09 -13.38 42.17
CA PRO B 431 -11.56 -13.26 42.04
C PRO B 431 -12.09 -13.66 40.65
N ALA B 432 -13.35 -14.09 40.61
CA ALA B 432 -13.87 -14.72 39.41
C ALA B 432 -15.37 -14.50 39.33
N PHE B 433 -15.87 -14.43 38.11
CA PHE B 433 -17.27 -14.67 37.86
C PHE B 433 -17.47 -16.14 37.57
N ARG B 434 -18.50 -16.71 38.17
CA ARG B 434 -18.78 -18.13 38.08
C ARG B 434 -20.25 -18.35 37.76
N TYR B 435 -20.53 -19.41 37.02
CA TYR B 435 -21.90 -19.86 36.83
C TYR B 435 -22.42 -20.48 38.12
N GLN B 436 -23.75 -20.47 38.25
CA GLN B 436 -24.36 -21.00 39.46
C GLN B 436 -25.68 -21.62 39.09
N PRO B 437 -26.16 -22.59 39.87
CA PRO B 437 -27.47 -23.19 39.57
C PRO B 437 -28.54 -22.12 39.48
N ASP B 438 -29.51 -22.34 38.60
CA ASP B 438 -30.67 -21.47 38.56
C ASP B 438 -31.45 -21.58 39.86
N PRO B 439 -31.91 -20.47 40.42
CA PRO B 439 -32.44 -20.50 41.80
C PRO B 439 -33.74 -21.26 41.93
N TRP B 440 -34.36 -21.67 40.84
CA TRP B 440 -35.60 -22.43 40.89
C TRP B 440 -35.33 -23.91 40.60
N LYS C 27 3.34 37.62 -35.89
CA LYS C 27 4.36 38.17 -34.99
C LYS C 27 3.88 38.17 -33.53
N PHE C 28 2.75 37.51 -33.29
CA PHE C 28 2.26 37.30 -31.93
C PHE C 28 2.32 35.82 -31.59
N PRO C 29 3.25 35.39 -30.73
CA PRO C 29 3.45 33.95 -30.51
C PRO C 29 2.15 33.28 -30.09
N ARG C 30 1.87 32.16 -30.75
CA ARG C 30 0.76 31.31 -30.41
C ARG C 30 1.20 30.40 -29.27
N VAL C 31 0.41 30.34 -28.20
CA VAL C 31 0.76 29.64 -26.98
C VAL C 31 -0.35 28.63 -26.71
N LYS C 32 0.00 27.36 -26.67
CA LYS C 32 -0.96 26.29 -26.48
C LYS C 32 -0.84 25.69 -25.09
N ASN C 33 -1.99 25.33 -24.51
CA ASN C 33 -2.02 24.46 -23.34
C ASN C 33 -2.47 23.08 -23.79
N TRP C 34 -1.60 22.09 -23.59
CA TRP C 34 -1.79 20.75 -24.14
C TRP C 34 -2.70 19.88 -23.28
N GLU C 35 -2.91 20.22 -22.01
CA GLU C 35 -3.86 19.46 -21.21
C GLU C 35 -5.29 19.75 -21.66
N VAL C 36 -5.56 20.99 -22.06
CA VAL C 36 -6.90 21.46 -22.35
C VAL C 36 -7.09 21.61 -23.84
N GLY C 37 -6.01 21.96 -24.54
CA GLY C 37 -6.09 22.32 -25.95
C GLY C 37 -6.31 23.80 -26.21
N SER C 38 -6.46 24.60 -25.16
CA SER C 38 -6.72 26.02 -25.34
C SER C 38 -5.52 26.73 -25.93
N ILE C 39 -5.80 27.80 -26.67
CA ILE C 39 -4.79 28.59 -27.36
C ILE C 39 -4.94 30.05 -26.95
N THR C 40 -3.80 30.73 -26.74
CA THR C 40 -3.79 32.18 -26.55
C THR C 40 -2.64 32.78 -27.37
N TYR C 41 -2.63 34.10 -27.47
CA TYR C 41 -1.56 34.83 -28.13
C TYR C 41 -0.93 35.79 -27.12
N ASP C 42 0.40 35.76 -27.03
CA ASP C 42 1.11 36.65 -26.12
C ASP C 42 1.39 37.93 -26.88
N THR C 43 0.46 38.88 -26.76
CA THR C 43 0.67 40.21 -27.29
C THR C 43 1.58 41.04 -26.39
N LEU C 44 1.64 40.70 -25.09
CA LEU C 44 2.52 41.43 -24.18
C LEU C 44 3.97 41.31 -24.59
N SER C 45 4.35 40.19 -25.23
CA SER C 45 5.74 39.95 -25.62
C SER C 45 6.27 41.03 -26.54
N ALA C 46 5.39 41.78 -27.21
CA ALA C 46 5.83 42.85 -28.10
C ALA C 46 6.55 43.96 -27.37
N GLN C 47 6.26 44.16 -26.09
CA GLN C 47 6.84 45.25 -25.31
C GLN C 47 8.18 44.91 -24.69
N ALA C 48 8.79 43.76 -25.04
CA ALA C 48 10.04 43.35 -24.42
C ALA C 48 11.11 44.43 -24.56
N GLN C 49 11.45 45.10 -23.45
CA GLN C 49 12.33 46.27 -23.54
C GLN C 49 13.80 45.86 -23.67
N GLN C 50 14.27 44.91 -22.86
CA GLN C 50 15.60 44.36 -22.97
C GLN C 50 15.55 43.10 -23.84
N ASP C 51 16.73 42.59 -24.17
CA ASP C 51 16.85 41.41 -25.02
C ASP C 51 17.49 40.27 -24.25
N GLY C 52 16.89 39.09 -24.37
CA GLY C 52 17.41 37.89 -23.75
C GLY C 52 18.52 37.24 -24.55
N PRO C 53 18.92 36.04 -24.15
CA PRO C 53 20.13 35.43 -24.70
C PRO C 53 19.95 34.59 -25.95
N CYS C 54 18.72 34.45 -26.46
CA CYS C 54 18.44 33.50 -27.52
C CYS C 54 18.45 34.20 -28.87
N THR C 55 18.87 33.48 -29.90
CA THR C 55 18.87 33.93 -31.28
C THR C 55 18.16 32.88 -32.12
N PRO C 56 17.75 33.23 -33.35
CA PRO C 56 17.23 32.22 -34.28
C PRO C 56 18.15 31.03 -34.46
N ARG C 57 19.45 31.24 -34.23
CA ARG C 57 20.46 30.21 -34.42
C ARG C 57 20.51 29.19 -33.28
N ARG C 58 20.20 29.61 -32.05
CA ARG C 58 20.39 28.74 -30.89
C ARG C 58 19.60 29.31 -29.73
N CYS C 59 18.97 28.42 -28.97
CA CYS C 59 18.24 28.81 -27.79
C CYS C 59 19.08 28.57 -26.53
N LEU C 60 19.16 29.57 -25.66
CA LEU C 60 19.92 29.48 -24.42
C LEU C 60 19.00 29.56 -23.20
N GLY C 61 17.73 29.20 -23.35
CA GLY C 61 16.76 29.31 -22.27
C GLY C 61 17.10 28.51 -21.02
N SER C 62 17.96 27.50 -21.13
CA SER C 62 18.28 26.67 -19.98
C SER C 62 19.42 27.22 -19.14
N LEU C 63 20.07 28.29 -19.58
CA LEU C 63 21.22 28.82 -18.84
C LEU C 63 20.73 29.67 -17.67
N VAL C 64 21.30 29.42 -16.49
CA VAL C 64 20.93 30.18 -15.29
C VAL C 64 21.30 31.65 -15.45
N PHE C 65 22.58 31.92 -15.71
CA PHE C 65 23.08 33.24 -16.09
C PHE C 65 23.55 33.21 -17.52
N PRO C 66 23.10 34.15 -18.36
CA PRO C 66 23.45 34.11 -19.78
C PRO C 66 24.16 35.39 -20.28
N GLU C 81 22.18 59.51 -19.89
CA GLU C 81 21.29 60.68 -19.84
C GLU C 81 19.95 60.39 -20.51
N GLN C 82 19.86 59.26 -21.20
CA GLN C 82 18.59 58.68 -21.63
C GLN C 82 18.05 57.69 -20.61
N LEU C 83 18.45 57.85 -19.34
CA LEU C 83 17.65 57.37 -18.22
C LEU C 83 16.25 57.97 -18.25
N LEU C 84 16.10 59.13 -18.91
CA LEU C 84 14.79 59.70 -19.19
C LEU C 84 13.89 58.72 -19.93
N SER C 85 14.47 57.95 -20.87
CA SER C 85 13.67 57.02 -21.68
C SER C 85 12.99 55.98 -20.80
N GLN C 86 13.77 55.34 -19.92
CA GLN C 86 13.19 54.32 -19.04
C GLN C 86 12.32 54.93 -17.93
N ALA C 87 12.60 56.18 -17.54
CA ALA C 87 11.76 56.83 -16.54
C ALA C 87 10.40 57.25 -17.11
N ARG C 88 10.40 57.85 -18.30
CA ARG C 88 9.16 58.16 -19.01
C ARG C 88 8.30 56.92 -19.17
N ASP C 89 8.91 55.82 -19.63
CA ASP C 89 8.17 54.57 -19.81
C ASP C 89 7.55 54.15 -18.49
N PHE C 90 8.34 54.14 -17.42
CA PHE C 90 7.85 53.68 -16.15
C PHE C 90 6.74 54.57 -15.62
N ILE C 91 6.91 55.90 -15.73
CA ILE C 91 5.87 56.81 -15.27
C ILE C 91 4.59 56.59 -16.06
N ASN C 92 4.72 56.36 -17.37
CA ASN C 92 3.56 56.04 -18.19
C ASN C 92 2.88 54.77 -17.72
N GLN C 93 3.67 53.74 -17.38
CA GLN C 93 3.08 52.53 -16.80
C GLN C 93 2.32 52.85 -15.53
N TYR C 94 2.90 53.69 -14.66
CA TYR C 94 2.29 53.94 -13.37
C TYR C 94 0.93 54.58 -13.52
N TYR C 95 0.82 55.61 -14.37
CA TYR C 95 -0.45 56.30 -14.53
C TYR C 95 -1.43 55.49 -15.37
N SER C 96 -0.93 54.53 -16.15
CA SER C 96 -1.83 53.59 -16.82
C SER C 96 -2.56 52.73 -15.82
N SER C 97 -1.81 52.15 -14.87
CA SER C 97 -2.37 51.22 -13.90
C SER C 97 -3.36 51.85 -12.95
N ILE C 98 -3.34 53.18 -12.80
CA ILE C 98 -4.32 53.84 -11.95
C ILE C 98 -5.38 54.57 -12.79
N LYS C 99 -5.57 54.15 -14.04
CA LYS C 99 -6.64 54.67 -14.90
C LYS C 99 -6.57 56.18 -15.07
N ARG C 100 -5.37 56.76 -14.98
CA ARG C 100 -5.19 58.21 -15.05
C ARG C 100 -4.11 58.56 -16.06
N SER C 101 -4.09 57.87 -17.19
CA SER C 101 -3.25 58.26 -18.31
C SER C 101 -3.84 59.48 -18.99
N GLY C 102 -2.97 60.33 -19.53
CA GLY C 102 -3.41 61.60 -20.11
C GLY C 102 -4.07 62.51 -19.11
N SER C 103 -3.64 62.48 -17.85
CA SER C 103 -4.22 63.27 -16.78
C SER C 103 -3.25 64.35 -16.35
N GLN C 104 -3.80 65.39 -15.72
CA GLN C 104 -3.01 66.51 -15.22
C GLN C 104 -1.83 66.03 -14.39
N ALA C 105 -2.09 65.15 -13.42
CA ALA C 105 -1.01 64.65 -12.56
C ALA C 105 -0.02 63.80 -13.34
N HIS C 106 -0.48 63.11 -14.39
CA HIS C 106 0.43 62.37 -15.25
C HIS C 106 1.41 63.32 -15.95
N GLU C 107 0.89 64.34 -16.62
CA GLU C 107 1.76 65.32 -17.26
C GLU C 107 2.62 66.05 -16.23
N GLN C 108 2.02 66.41 -15.08
CA GLN C 108 2.78 66.99 -13.98
C GLN C 108 4.01 66.15 -13.65
N ARG C 109 3.80 64.86 -13.40
CA ARG C 109 4.90 63.99 -12.99
C ARG C 109 5.88 63.76 -14.13
N LEU C 110 5.43 63.83 -15.38
CA LEU C 110 6.37 63.79 -16.51
C LEU C 110 7.31 64.99 -16.49
N GLN C 111 6.76 66.18 -16.21
CA GLN C 111 7.60 67.37 -16.18
C GLN C 111 8.58 67.32 -15.02
N GLU C 112 8.12 66.81 -13.87
CA GLU C 112 8.97 66.71 -12.69
C GLU C 112 10.22 65.89 -12.94
N VAL C 113 10.07 64.66 -13.46
CA VAL C 113 11.25 63.84 -13.70
C VAL C 113 12.13 64.50 -14.75
N GLU C 114 11.54 65.12 -15.77
CA GLU C 114 12.31 65.95 -16.70
C GLU C 114 13.23 66.90 -15.95
N ALA C 115 12.65 67.70 -15.04
CA ALA C 115 13.40 68.73 -14.35
C ALA C 115 14.43 68.13 -13.38
N GLU C 116 14.03 67.10 -12.63
CA GLU C 116 14.96 66.48 -11.67
C GLU C 116 16.21 65.96 -12.37
N VAL C 117 16.04 65.31 -13.53
CA VAL C 117 17.22 64.79 -14.25
C VAL C 117 17.98 65.93 -14.90
N ALA C 118 17.28 66.83 -15.59
CA ALA C 118 17.91 68.05 -16.09
C ALA C 118 18.72 68.72 -14.98
N ALA C 119 18.15 68.81 -13.78
CA ALA C 119 18.83 69.51 -12.71
C ALA C 119 19.90 68.67 -12.03
N THR C 120 19.71 67.34 -11.94
CA THR C 120 20.59 66.50 -11.13
C THR C 120 21.13 65.26 -11.82
N GLY C 121 20.67 64.92 -13.02
CA GLY C 121 21.17 63.72 -13.68
C GLY C 121 20.67 62.41 -13.11
N THR C 122 19.49 62.44 -12.48
CA THR C 122 18.86 61.29 -11.84
C THR C 122 17.52 61.76 -11.28
N TYR C 123 16.80 60.90 -10.58
CA TYR C 123 15.56 61.35 -9.97
C TYR C 123 15.18 60.41 -8.83
N GLN C 124 14.24 60.89 -8.02
CA GLN C 124 13.67 60.13 -6.93
C GLN C 124 12.28 59.65 -7.33
N LEU C 125 11.92 58.45 -6.91
CA LEU C 125 10.57 57.93 -7.10
C LEU C 125 9.66 58.42 -5.98
N ARG C 126 8.42 58.77 -6.35
CA ARG C 126 7.37 58.89 -5.34
C ARG C 126 7.15 57.54 -4.66
N GLU C 127 6.78 57.60 -3.37
CA GLU C 127 6.59 56.38 -2.60
C GLU C 127 5.68 55.40 -3.32
N SER C 128 4.59 55.91 -3.90
CA SER C 128 3.63 55.04 -4.55
C SER C 128 4.22 54.41 -5.81
N GLU C 129 5.00 55.18 -6.58
CA GLU C 129 5.70 54.60 -7.72
C GLU C 129 6.70 53.56 -7.25
N LEU C 130 7.41 53.82 -6.15
CA LEU C 130 8.28 52.80 -5.58
C LEU C 130 7.49 51.54 -5.24
N VAL C 131 6.29 51.70 -4.67
CA VAL C 131 5.46 50.55 -4.36
C VAL C 131 5.02 49.86 -5.64
N PHE C 132 4.57 50.63 -6.63
CA PHE C 132 4.06 50.04 -7.85
C PHE C 132 5.19 49.38 -8.66
N GLY C 133 6.37 49.99 -8.66
CA GLY C 133 7.49 49.38 -9.34
C GLY C 133 7.99 48.11 -8.67
N ALA C 134 8.01 48.09 -7.32
CA ALA C 134 8.44 46.87 -6.66
C ALA C 134 7.50 45.72 -6.98
N LYS C 135 6.19 46.01 -7.00
CA LYS C 135 5.22 44.98 -7.38
C LYS C 135 5.39 44.57 -8.84
N GLN C 136 5.59 45.52 -9.75
CA GLN C 136 5.78 45.17 -11.16
C GLN C 136 7.02 44.32 -11.37
N ALA C 137 8.12 44.63 -10.67
CA ALA C 137 9.31 43.80 -10.78
C ALA C 137 9.00 42.35 -10.40
N TRP C 138 8.25 42.14 -9.31
CA TRP C 138 7.81 40.80 -8.97
C TRP C 138 6.91 40.23 -10.04
N ARG C 139 5.93 41.02 -10.47
CA ARG C 139 4.98 40.57 -11.50
C ARG C 139 5.69 40.14 -12.77
N ASN C 140 6.82 40.77 -13.08
CA ASN C 140 7.52 40.56 -14.34
C ASN C 140 8.58 39.48 -14.25
N ALA C 141 8.88 38.96 -13.06
CA ALA C 141 9.93 37.97 -12.83
C ALA C 141 9.56 36.67 -13.53
N PRO C 142 10.16 36.38 -14.69
CA PRO C 142 9.71 35.20 -15.46
C PRO C 142 9.87 33.90 -14.70
N ARG C 143 10.83 33.82 -13.79
CA ARG C 143 11.13 32.58 -13.11
C ARG C 143 10.33 32.38 -11.85
N CYS C 144 9.44 33.31 -11.50
CA CYS C 144 8.75 33.23 -10.22
C CYS C 144 7.41 32.52 -10.40
N VAL C 145 7.29 31.35 -9.79
CA VAL C 145 6.02 30.64 -9.81
C VAL C 145 5.01 31.22 -8.83
N GLY C 146 5.43 32.10 -7.92
CA GLY C 146 4.53 32.60 -6.90
C GLY C 146 3.85 33.92 -7.22
N ARG C 147 3.84 34.32 -8.49
CA ARG C 147 3.42 35.67 -8.82
C ARG C 147 1.91 35.89 -8.72
N ILE C 148 1.11 34.87 -8.43
CA ILE C 148 -0.30 35.10 -8.12
C ILE C 148 -0.40 36.09 -6.96
N GLN C 149 0.63 36.15 -6.12
CA GLN C 149 0.64 37.00 -4.94
C GLN C 149 1.17 38.40 -5.23
N TRP C 150 1.40 38.74 -6.51
CA TRP C 150 2.22 39.91 -6.80
C TRP C 150 1.57 41.20 -6.30
N GLY C 151 0.24 41.25 -6.25
CA GLY C 151 -0.42 42.47 -5.79
C GLY C 151 -0.37 42.69 -4.29
N LYS C 152 0.02 41.69 -3.52
CA LYS C 152 0.10 41.74 -2.06
C LYS C 152 1.58 41.73 -1.71
N LEU C 153 2.17 42.91 -1.61
CA LEU C 153 3.59 43.05 -1.33
C LEU C 153 3.77 44.24 -0.40
N GLN C 154 4.53 44.03 0.67
CA GLN C 154 4.80 45.10 1.63
C GLN C 154 6.14 45.75 1.28
N VAL C 155 6.10 47.04 0.93
CA VAL C 155 7.27 47.75 0.46
C VAL C 155 7.79 48.65 1.59
N PHE C 156 8.85 48.22 2.26
CA PHE C 156 9.51 49.03 3.28
C PHE C 156 10.50 49.96 2.61
N ASP C 157 10.32 51.26 2.79
CA ASP C 157 11.10 52.26 2.09
C ASP C 157 12.32 52.62 2.93
N ALA C 158 13.47 52.08 2.57
CA ALA C 158 14.72 52.34 3.28
C ALA C 158 15.62 53.30 2.52
N ARG C 159 15.04 54.18 1.70
CA ARG C 159 15.81 54.98 0.76
C ARG C 159 16.65 56.08 1.42
N ASP C 160 16.46 56.33 2.70
CA ASP C 160 17.26 57.28 3.46
C ASP C 160 18.21 56.56 4.42
N CYS C 161 18.71 55.40 4.00
CA CYS C 161 19.62 54.64 4.83
C CYS C 161 21.05 55.15 4.66
N ARG C 162 21.84 55.00 5.72
CA ARG C 162 23.29 55.17 5.65
C ARG C 162 23.90 54.47 6.85
N SER C 163 25.01 53.76 6.61
CA SER C 163 25.74 52.90 7.56
C SER C 163 25.13 51.51 7.61
N ALA C 164 26.00 50.50 7.79
CA ALA C 164 25.55 49.12 7.89
C ALA C 164 24.70 48.89 9.14
N GLN C 165 24.90 49.71 10.18
CA GLN C 165 24.07 49.57 11.36
C GLN C 165 22.62 49.93 11.06
N GLU C 166 22.40 50.96 10.24
CA GLU C 166 21.04 51.30 9.82
C GLU C 166 20.42 50.17 9.00
N MET C 167 21.16 49.68 8.00
CA MET C 167 20.74 48.53 7.23
C MET C 167 20.26 47.41 8.15
N PHE C 168 21.14 46.99 9.06
CA PHE C 168 20.84 45.86 9.94
C PHE C 168 19.50 46.03 10.63
N THR C 169 19.17 47.27 11.05
CA THR C 169 17.88 47.52 11.67
C THR C 169 16.74 47.39 10.66
N TYR C 170 16.92 47.94 9.47
CA TYR C 170 15.94 47.72 8.40
C TYR C 170 15.76 46.24 8.10
N ILE C 171 16.88 45.55 7.88
CA ILE C 171 16.81 44.13 7.57
C ILE C 171 16.15 43.37 8.71
N CYS C 172 16.37 43.83 9.95
CA CYS C 172 15.77 43.15 11.09
C CYS C 172 14.28 43.45 11.21
N ASN C 173 13.88 44.69 10.95
CA ASN C 173 12.45 44.99 10.87
C ASN C 173 11.79 44.09 9.83
N HIS C 174 12.40 44.03 8.64
CA HIS C 174 11.89 43.21 7.56
C HIS C 174 11.71 41.77 8.00
N ILE C 175 12.80 41.13 8.44
CA ILE C 175 12.74 39.73 8.86
C ILE C 175 11.63 39.52 9.89
N LYS C 176 11.59 40.37 10.91
CA LYS C 176 10.54 40.25 11.93
C LYS C 176 9.16 40.41 11.32
N TYR C 177 8.98 41.40 10.46
CA TYR C 177 7.69 41.60 9.82
C TYR C 177 7.36 40.45 8.87
N ALA C 178 8.31 40.08 8.01
CA ALA C 178 8.06 39.03 7.03
C ALA C 178 7.74 37.71 7.73
N THR C 179 8.54 37.35 8.74
CA THR C 179 8.32 36.08 9.43
C THR C 179 6.98 36.08 10.15
N ASN C 180 6.75 37.08 11.01
CA ASN C 180 5.44 37.27 11.63
C ASN C 180 4.98 36.01 12.36
N ARG C 181 5.84 35.49 13.23
CA ARG C 181 5.57 34.28 14.01
C ARG C 181 5.19 33.08 13.13
N GLY C 182 5.58 33.09 11.86
CA GLY C 182 5.31 31.98 10.97
C GLY C 182 4.19 32.23 9.98
N ASN C 183 3.41 33.29 10.16
CA ASN C 183 2.38 33.63 9.18
C ASN C 183 3.00 34.57 8.16
N LEU C 184 3.77 33.98 7.24
CA LEU C 184 4.67 34.75 6.40
C LEU C 184 3.92 35.72 5.48
N ARG C 185 4.48 36.91 5.35
CA ARG C 185 3.93 37.97 4.51
C ARG C 185 5.04 38.40 3.56
N SER C 186 4.71 38.51 2.28
CA SER C 186 5.69 38.96 1.30
C SER C 186 6.10 40.40 1.62
N ALA C 187 7.38 40.68 1.42
CA ALA C 187 7.88 42.02 1.72
C ALA C 187 9.20 42.25 0.99
N ILE C 188 9.43 43.51 0.63
CA ILE C 188 10.70 43.97 0.09
C ILE C 188 11.09 45.26 0.81
N THR C 189 12.36 45.36 1.17
CA THR C 189 12.94 46.57 1.74
C THR C 189 13.87 47.18 0.69
N VAL C 190 13.62 48.43 0.32
CA VAL C 190 14.34 49.11 -0.75
C VAL C 190 15.33 50.10 -0.13
N PHE C 191 16.61 49.73 -0.14
CA PHE C 191 17.66 50.62 0.31
C PHE C 191 17.96 51.67 -0.76
N PRO C 192 18.81 52.65 -0.46
CA PRO C 192 18.99 53.79 -1.39
C PRO C 192 19.49 53.36 -2.77
N GLN C 193 18.94 54.04 -3.79
CA GLN C 193 19.33 53.76 -5.15
C GLN C 193 20.81 54.10 -5.40
N ARG C 194 21.33 53.54 -6.48
CA ARG C 194 22.70 53.81 -6.90
C ARG C 194 22.77 55.18 -7.56
N CYS C 195 23.87 55.88 -7.32
CA CYS C 195 24.08 57.18 -7.92
C CYS C 195 25.53 57.31 -8.34
N PRO C 196 25.81 58.05 -9.41
CA PRO C 196 27.18 58.17 -9.90
C PRO C 196 28.16 58.71 -8.87
N GLY C 197 29.42 58.32 -9.03
CA GLY C 197 30.52 58.85 -8.24
C GLY C 197 30.49 58.52 -6.76
N ARG C 198 29.59 57.63 -6.38
CA ARG C 198 29.35 57.31 -4.98
C ARG C 198 29.04 55.83 -4.84
N GLY C 199 29.45 55.26 -3.71
CA GLY C 199 29.33 53.83 -3.47
C GLY C 199 27.92 53.28 -3.48
N ASP C 200 27.80 51.97 -3.34
CA ASP C 200 26.52 51.28 -3.37
C ASP C 200 26.26 50.55 -2.07
N PHE C 201 24.99 50.57 -1.65
CA PHE C 201 24.54 49.60 -0.66
C PHE C 201 24.55 48.21 -1.30
N ARG C 202 25.11 47.24 -0.59
CA ARG C 202 25.15 45.86 -1.04
C ARG C 202 25.03 44.93 0.15
N ILE C 203 24.25 43.87 -0.01
CA ILE C 203 24.23 42.76 0.93
C ILE C 203 25.05 41.64 0.31
N TRP C 204 26.11 41.23 1.01
CA TRP C 204 27.04 40.24 0.45
C TRP C 204 26.48 38.83 0.47
N ASN C 205 25.54 38.54 1.37
CA ASN C 205 24.89 37.25 1.40
C ASN C 205 23.89 37.15 0.26
N SER C 206 23.72 35.93 -0.27
CA SER C 206 22.71 35.73 -1.30
C SER C 206 21.30 35.83 -0.72
N GLN C 207 21.09 35.26 0.47
CA GLN C 207 19.84 35.38 1.18
C GLN C 207 20.11 35.95 2.56
N LEU C 208 19.05 36.45 3.20
CA LEU C 208 19.24 36.97 4.56
C LEU C 208 19.51 35.83 5.53
N VAL C 209 18.98 34.64 5.25
CA VAL C 209 19.22 33.46 6.07
C VAL C 209 19.91 32.43 5.18
N ARG C 210 21.14 32.07 5.55
CA ARG C 210 21.90 31.03 4.88
C ARG C 210 22.63 30.19 5.94
N TYR C 211 22.75 28.89 5.67
CA TYR C 211 23.49 28.00 6.54
C TYR C 211 24.95 27.95 6.14
N ALA C 212 25.83 27.87 7.13
CA ALA C 212 27.26 27.89 6.87
C ALA C 212 27.70 26.64 6.12
N GLY C 213 28.80 26.76 5.40
CA GLY C 213 29.41 25.63 4.73
C GLY C 213 30.90 25.60 4.99
N TYR C 214 31.37 24.56 5.66
CA TYR C 214 32.73 24.48 6.17
C TYR C 214 33.49 23.43 5.39
N ARG C 215 34.51 23.83 4.64
CA ARG C 215 35.34 22.83 3.99
C ARG C 215 36.14 22.05 5.03
N GLN C 216 36.63 20.90 4.63
CA GLN C 216 37.33 20.00 5.54
C GLN C 216 38.73 19.67 5.03
N GLN C 217 39.53 19.07 5.92
CA GLN C 217 40.86 18.56 5.59
C GLN C 217 40.81 17.29 4.75
N ASP C 218 39.60 16.97 4.27
CA ASP C 218 39.38 15.94 3.26
C ASP C 218 38.45 16.45 2.16
N GLY C 219 38.38 17.75 1.95
CA GLY C 219 37.60 18.33 0.86
C GLY C 219 36.11 18.54 1.07
N SER C 220 35.41 17.49 1.51
CA SER C 220 33.97 17.57 1.69
C SER C 220 33.59 18.71 2.63
N VAL C 221 32.35 19.15 2.51
CA VAL C 221 31.83 20.30 3.24
C VAL C 221 30.88 19.81 4.33
N ARG C 222 30.94 20.44 5.50
CA ARG C 222 29.93 20.28 6.53
C ARG C 222 29.05 21.52 6.50
N GLY C 223 27.74 21.31 6.44
CA GLY C 223 26.81 22.41 6.18
C GLY C 223 26.40 22.52 4.73
N ASP C 224 26.17 23.75 4.26
CA ASP C 224 25.64 23.97 2.92
C ASP C 224 26.78 24.25 1.95
N PRO C 225 27.04 23.39 0.97
CA PRO C 225 28.15 23.64 0.03
C PRO C 225 27.92 24.83 -0.87
N ALA C 226 26.67 25.27 -1.07
CA ALA C 226 26.40 26.48 -1.84
C ALA C 226 26.95 27.73 -1.18
N ASN C 227 27.20 27.70 0.13
CA ASN C 227 27.61 28.88 0.87
C ASN C 227 29.06 28.78 1.37
N VAL C 228 29.85 27.85 0.84
CA VAL C 228 31.25 27.72 1.23
C VAL C 228 31.98 29.04 1.06
N GLU C 229 31.68 29.76 -0.02
CA GLU C 229 32.37 31.03 -0.29
C GLU C 229 32.02 32.09 0.75
N ILE C 230 30.74 32.44 0.86
CA ILE C 230 30.35 33.50 1.78
C ILE C 230 30.70 33.13 3.22
N THR C 231 30.72 31.83 3.53
CA THR C 231 31.13 31.40 4.88
C THR C 231 32.59 31.78 5.14
N GLU C 232 33.46 31.62 4.15
CA GLU C 232 34.86 31.95 4.35
C GLU C 232 35.08 33.46 4.38
N LEU C 233 34.24 34.22 3.67
CA LEU C 233 34.26 35.67 3.82
C LEU C 233 33.85 36.08 5.23
N CYS C 234 32.77 35.49 5.75
CA CYS C 234 32.35 35.81 7.12
C CYS C 234 33.46 35.51 8.12
N ILE C 235 34.15 34.39 7.95
CA ILE C 235 35.27 34.08 8.82
C ILE C 235 36.40 35.09 8.62
N GLN C 236 36.70 35.40 7.35
CA GLN C 236 37.70 36.42 6.98
C GLN C 236 37.36 37.82 7.47
N HIS C 237 36.24 38.01 8.16
CA HIS C 237 35.85 39.32 8.69
C HIS C 237 35.45 39.23 10.15
N GLY C 238 35.93 38.20 10.84
CA GLY C 238 35.87 38.12 12.28
C GLY C 238 34.90 37.11 12.83
N TRP C 239 34.10 36.44 12.00
CA TRP C 239 33.10 35.53 12.53
C TRP C 239 33.78 34.31 13.13
N THR C 240 33.34 33.93 14.33
CA THR C 240 33.70 32.68 14.98
C THR C 240 32.86 31.55 14.39
N PRO C 241 33.45 30.68 13.57
CA PRO C 241 32.67 29.60 12.96
C PRO C 241 32.20 28.60 13.99
N GLY C 242 31.00 28.06 13.76
CA GLY C 242 30.52 26.92 14.50
C GLY C 242 31.09 25.64 13.93
N ASN C 243 30.48 24.53 14.32
CA ASN C 243 30.86 23.22 13.81
C ASN C 243 29.78 22.56 12.97
N GLY C 244 28.51 22.89 13.20
CA GLY C 244 27.41 22.09 12.71
C GLY C 244 27.05 22.28 11.24
N ARG C 245 26.03 21.52 10.84
CA ARG C 245 25.50 21.55 9.48
C ARG C 245 24.47 22.65 9.26
N PHE C 246 24.02 23.32 10.32
CA PHE C 246 22.93 24.30 10.22
C PHE C 246 23.20 25.52 11.06
N ASP C 247 24.44 26.01 11.02
CA ASP C 247 24.77 27.28 11.66
C ASP C 247 24.33 28.42 10.74
N VAL C 248 23.41 29.25 11.23
CA VAL C 248 22.97 30.42 10.48
C VAL C 248 24.12 31.39 10.34
N LEU C 249 24.44 31.74 9.09
CA LEU C 249 25.54 32.66 8.85
C LEU C 249 25.20 34.06 9.38
N PRO C 250 26.23 34.84 9.71
CA PRO C 250 26.02 36.27 9.96
C PRO C 250 25.79 37.01 8.65
N LEU C 251 25.31 38.25 8.80
CA LEU C 251 25.12 39.14 7.67
C LEU C 251 26.39 39.97 7.45
N LEU C 252 26.76 40.13 6.18
CA LEU C 252 27.86 41.01 5.79
C LEU C 252 27.23 42.20 5.09
N LEU C 253 27.08 43.31 5.81
CA LEU C 253 26.38 44.46 5.30
C LEU C 253 27.37 45.55 4.90
N GLN C 254 27.20 46.09 3.70
CA GLN C 254 28.13 47.04 3.10
C GLN C 254 27.42 48.36 2.89
N ALA C 255 27.79 49.36 3.69
CA ALA C 255 27.40 50.72 3.40
C ALA C 255 28.32 51.28 2.32
N PRO C 256 27.88 52.29 1.57
CA PRO C 256 28.68 52.80 0.45
C PRO C 256 30.12 53.14 0.84
N ASP C 257 31.06 52.67 0.01
CA ASP C 257 32.48 52.97 0.08
C ASP C 257 33.19 52.33 1.28
N GLU C 258 32.53 52.26 2.43
CA GLU C 258 33.15 51.59 3.56
C GLU C 258 33.09 50.07 3.34
N PRO C 259 34.04 49.33 3.90
CA PRO C 259 34.08 47.87 3.68
C PRO C 259 32.90 47.18 4.35
N PRO C 260 32.79 45.85 4.25
CA PRO C 260 31.68 45.18 4.93
C PRO C 260 31.70 45.33 6.45
N GLU C 261 30.69 44.77 7.09
CA GLU C 261 30.58 44.79 8.55
C GLU C 261 29.73 43.59 8.95
N LEU C 262 30.29 42.71 9.78
CA LEU C 262 29.57 41.53 10.21
C LEU C 262 28.48 41.87 11.23
N PHE C 263 27.34 41.21 11.10
CA PHE C 263 26.23 41.35 12.03
C PHE C 263 25.69 39.98 12.38
N LEU C 264 25.60 39.69 13.66
CA LEU C 264 24.97 38.45 14.11
C LEU C 264 23.47 38.63 14.09
N LEU C 265 22.77 37.78 13.34
CA LEU C 265 21.32 37.82 13.37
C LEU C 265 20.83 37.34 14.73
N PRO C 266 19.94 38.08 15.38
CA PRO C 266 19.43 37.64 16.69
C PRO C 266 18.73 36.30 16.56
N PRO C 267 19.11 35.32 17.38
CA PRO C 267 18.61 33.93 17.19
C PRO C 267 17.10 33.81 17.23
N GLU C 268 16.41 34.63 18.01
CA GLU C 268 14.96 34.56 18.06
C GLU C 268 14.30 35.29 16.89
N LEU C 269 15.07 35.94 16.03
CA LEU C 269 14.57 36.54 14.80
C LEU C 269 14.61 35.58 13.63
N VAL C 270 15.35 34.48 13.76
CA VAL C 270 15.52 33.52 12.67
C VAL C 270 14.63 32.33 13.02
N LEU C 271 13.40 32.36 12.53
CA LEU C 271 12.50 31.23 12.72
C LEU C 271 12.99 30.04 11.88
N GLU C 272 13.24 28.92 12.56
CA GLU C 272 13.65 27.68 11.90
C GLU C 272 12.66 26.57 12.23
N VAL C 273 12.58 25.61 11.32
CA VAL C 273 11.65 24.49 11.41
C VAL C 273 12.46 23.20 11.49
N PRO C 274 12.42 22.48 12.60
CA PRO C 274 13.04 21.14 12.61
C PRO C 274 12.22 20.18 11.80
N LEU C 275 12.90 19.31 11.06
CA LEU C 275 12.22 18.48 10.07
C LEU C 275 11.93 17.11 10.66
N GLU C 276 10.66 16.71 10.59
CA GLU C 276 10.24 15.39 10.99
C GLU C 276 9.26 14.88 9.95
N HIS C 277 9.03 13.59 9.98
CA HIS C 277 8.14 12.94 9.05
C HIS C 277 6.95 12.40 9.82
N PRO C 278 5.73 12.49 9.29
CA PRO C 278 4.57 12.07 10.09
C PRO C 278 4.54 10.58 10.41
N THR C 279 5.16 9.73 9.59
CA THR C 279 5.14 8.30 9.87
C THR C 279 6.52 7.68 10.04
N LEU C 280 7.56 8.27 9.44
CA LEU C 280 8.94 7.82 9.61
C LEU C 280 9.51 8.51 10.84
N GLU C 281 9.37 7.84 11.98
CA GLU C 281 9.76 8.41 13.27
C GLU C 281 11.25 8.70 13.36
N TRP C 282 12.09 7.91 12.68
CA TRP C 282 13.53 8.15 12.70
C TRP C 282 13.93 9.42 11.95
N PHE C 283 13.05 9.95 11.09
CA PHE C 283 13.44 11.09 10.26
C PHE C 283 13.91 12.26 11.11
N ALA C 284 13.24 12.51 12.24
CA ALA C 284 13.62 13.61 13.12
C ALA C 284 15.05 13.45 13.61
N ALA C 285 15.47 12.21 13.87
CA ALA C 285 16.81 11.93 14.40
C ALA C 285 17.91 12.27 13.40
N LEU C 286 17.59 12.42 12.11
CA LEU C 286 18.58 12.92 11.18
C LEU C 286 18.93 14.39 11.46
N GLY C 287 18.24 15.03 12.41
CA GLY C 287 18.52 16.40 12.78
C GLY C 287 18.49 17.40 11.64
N LEU C 288 17.59 17.22 10.68
CA LEU C 288 17.49 18.17 9.58
C LEU C 288 16.62 19.34 10.01
N ARG C 289 17.03 20.54 9.60
CA ARG C 289 16.26 21.77 9.81
C ARG C 289 16.29 22.59 8.52
N TRP C 290 15.34 23.51 8.39
CA TRP C 290 15.42 24.60 7.43
C TRP C 290 14.76 25.83 8.04
N TYR C 291 14.96 26.97 7.40
CA TYR C 291 14.43 28.21 7.92
C TYR C 291 13.11 28.58 7.24
N ALA C 292 12.35 29.43 7.93
CA ALA C 292 11.01 29.82 7.48
C ALA C 292 11.09 30.81 6.32
N LEU C 293 12.07 31.70 6.34
CA LEU C 293 12.01 32.89 5.51
C LEU C 293 12.90 32.77 4.27
N PRO C 294 12.32 32.72 3.06
CA PRO C 294 13.15 32.84 1.86
C PRO C 294 13.30 34.30 1.48
N ALA C 295 14.46 34.88 1.76
CA ALA C 295 14.67 36.32 1.60
C ALA C 295 15.87 36.52 0.69
N VAL C 296 15.62 36.87 -0.57
CA VAL C 296 16.66 37.03 -1.57
C VAL C 296 17.28 38.41 -1.42
N SER C 297 18.58 38.45 -1.12
CA SER C 297 19.25 39.70 -0.72
C SER C 297 20.46 40.03 -1.59
N ASN C 298 20.54 39.54 -2.81
CA ASN C 298 21.67 39.89 -3.65
C ASN C 298 21.24 40.29 -5.05
N MET C 299 19.95 40.53 -5.26
CA MET C 299 19.47 40.92 -6.57
C MET C 299 19.27 42.42 -6.63
N LEU C 300 19.24 42.92 -7.85
CA LEU C 300 19.24 44.35 -8.10
C LEU C 300 17.86 44.71 -8.62
N LEU C 301 17.14 45.51 -7.84
CA LEU C 301 15.84 46.01 -8.29
C LEU C 301 16.07 47.18 -9.23
N GLU C 302 15.36 47.16 -10.35
CA GLU C 302 15.55 48.16 -11.40
C GLU C 302 14.18 48.73 -11.75
N ILE C 303 13.96 50.00 -11.42
CA ILE C 303 12.69 50.67 -11.68
C ILE C 303 12.97 51.99 -12.40
N GLY C 304 12.25 52.23 -13.50
CA GLY C 304 12.35 53.45 -14.28
C GLY C 304 13.75 53.98 -14.51
N GLY C 305 14.69 53.11 -14.88
CA GLY C 305 16.07 53.51 -15.02
C GLY C 305 16.85 53.60 -13.73
N LEU C 306 16.18 53.56 -12.58
CA LEU C 306 16.88 53.60 -11.31
C LEU C 306 17.25 52.20 -10.87
N GLU C 307 18.39 52.09 -10.20
CA GLU C 307 18.93 50.79 -9.83
C GLU C 307 19.16 50.77 -8.32
N PHE C 308 18.58 49.78 -7.66
CA PHE C 308 18.69 49.63 -6.23
C PHE C 308 19.48 48.36 -5.94
N PRO C 309 20.80 48.43 -5.82
CA PRO C 309 21.60 47.21 -5.63
C PRO C 309 21.25 46.41 -4.37
N ALA C 310 20.67 47.05 -3.37
CA ALA C 310 20.21 46.38 -2.16
C ALA C 310 18.70 46.62 -2.04
N ALA C 311 17.92 45.58 -2.38
CA ALA C 311 16.46 45.61 -2.22
C ALA C 311 16.01 44.20 -1.87
N PRO C 312 16.34 43.72 -0.66
CA PRO C 312 16.02 42.34 -0.30
C PRO C 312 14.52 42.12 -0.27
N PHE C 313 14.08 41.02 -0.89
CA PHE C 313 12.67 40.66 -0.91
C PHE C 313 12.49 39.25 -0.37
N SER C 314 11.32 39.02 0.20
CA SER C 314 11.04 37.74 0.81
C SER C 314 9.60 37.35 0.53
N GLY C 315 9.37 36.05 0.57
CA GLY C 315 8.03 35.53 0.43
C GLY C 315 7.86 34.37 1.38
N TRP C 316 7.32 33.26 0.89
CA TRP C 316 7.37 32.01 1.62
C TRP C 316 7.82 30.92 0.66
N TYR C 317 8.29 29.83 1.23
CA TYR C 317 8.86 28.76 0.43
C TYR C 317 7.76 27.95 -0.25
N MET C 318 8.09 27.46 -1.44
CA MET C 318 7.45 26.30 -1.99
C MET C 318 8.27 25.09 -1.53
N SER C 319 7.59 24.00 -1.17
CA SER C 319 8.29 22.95 -0.43
C SER C 319 9.40 22.28 -1.24
N THR C 320 9.26 22.19 -2.56
CA THR C 320 10.31 21.55 -3.36
C THR C 320 11.62 22.33 -3.29
N GLU C 321 11.56 23.64 -3.08
CA GLU C 321 12.80 24.40 -2.97
C GLU C 321 13.66 23.86 -1.84
N ILE C 322 13.04 23.57 -0.71
CA ILE C 322 13.75 23.02 0.44
C ILE C 322 13.97 21.53 0.27
N GLY C 323 12.88 20.80 0.08
CA GLY C 323 12.96 19.35 0.11
C GLY C 323 13.73 18.79 -1.06
N THR C 324 13.54 19.34 -2.26
CA THR C 324 14.15 18.75 -3.43
C THR C 324 15.49 19.40 -3.76
N ARG C 325 15.51 20.72 -3.94
CA ARG C 325 16.74 21.38 -4.34
C ARG C 325 17.72 21.46 -3.16
N ASN C 326 17.31 22.10 -2.06
CA ASN C 326 18.25 22.40 -0.99
C ASN C 326 18.74 21.13 -0.29
N LEU C 327 17.86 20.17 -0.09
CA LEU C 327 18.25 18.96 0.64
C LEU C 327 18.74 17.83 -0.25
N CYS C 328 18.28 17.74 -1.51
CA CYS C 328 18.60 16.59 -2.34
C CYS C 328 19.53 16.87 -3.51
N ASP C 329 19.82 18.11 -3.84
CA ASP C 329 20.74 18.36 -4.94
C ASP C 329 22.09 17.72 -4.61
N PRO C 330 22.74 17.07 -5.58
CA PRO C 330 24.07 16.48 -5.29
C PRO C 330 25.04 17.49 -4.72
N HIS C 331 24.94 18.76 -5.12
CA HIS C 331 25.88 19.77 -4.68
C HIS C 331 25.33 20.61 -3.52
N ARG C 332 24.22 20.19 -2.94
CA ARG C 332 23.68 20.86 -1.76
C ARG C 332 23.82 19.89 -0.57
N TYR C 333 22.80 19.72 0.27
CA TYR C 333 22.97 18.82 1.41
C TYR C 333 23.06 17.36 1.00
N ASN C 334 22.59 17.01 -0.21
CA ASN C 334 22.79 15.68 -0.78
C ASN C 334 22.41 14.55 0.21
N ILE C 335 21.24 14.69 0.83
CA ILE C 335 20.81 13.75 1.86
C ILE C 335 20.07 12.55 1.28
N LEU C 336 19.89 12.48 -0.04
CA LEU C 336 18.93 11.56 -0.60
C LEU C 336 19.26 10.11 -0.27
N GLU C 337 20.52 9.71 -0.41
CA GLU C 337 20.83 8.31 -0.12
C GLU C 337 20.75 8.03 1.39
N ASP C 338 21.10 9.01 2.21
CA ASP C 338 20.97 8.83 3.65
C ASP C 338 19.53 8.52 4.03
N VAL C 339 18.57 9.25 3.44
CA VAL C 339 17.16 8.97 3.72
C VAL C 339 16.74 7.62 3.14
N ALA C 340 17.23 7.27 1.95
CA ALA C 340 16.83 6.01 1.34
C ALA C 340 17.41 4.83 2.10
N VAL C 341 18.59 4.98 2.69
CA VAL C 341 19.15 3.93 3.54
C VAL C 341 18.23 3.66 4.74
N CYS C 342 17.70 4.73 5.35
CA CYS C 342 16.81 4.58 6.50
C CYS C 342 15.44 4.03 6.11
N MET C 343 15.01 4.25 4.88
CA MET C 343 13.77 3.63 4.42
C MET C 343 13.98 2.21 3.94
N ASP C 344 15.19 1.65 4.08
CA ASP C 344 15.48 0.31 3.60
C ASP C 344 15.11 0.17 2.12
N LEU C 345 15.38 1.20 1.32
CA LEU C 345 15.09 1.14 -0.11
C LEU C 345 16.23 0.47 -0.86
N ASP C 346 15.89 -0.16 -1.98
CA ASP C 346 16.91 -0.82 -2.77
C ASP C 346 17.74 0.19 -3.55
N THR C 347 18.87 0.62 -3.00
CA THR C 347 19.68 1.65 -3.62
C THR C 347 20.77 1.11 -4.53
N ARG C 348 20.77 -0.19 -4.83
CA ARG C 348 21.79 -0.73 -5.71
C ARG C 348 21.28 -0.93 -7.12
N THR C 349 20.12 -0.35 -7.44
CA THR C 349 19.60 -0.35 -8.80
C THR C 349 18.77 0.91 -8.98
N THR C 350 18.99 1.61 -10.09
CA THR C 350 18.20 2.82 -10.32
C THR C 350 16.75 2.50 -10.60
N SER C 351 16.46 1.31 -11.14
CA SER C 351 15.10 1.03 -11.58
C SER C 351 14.16 0.73 -10.42
N SER C 352 14.66 0.66 -9.19
CA SER C 352 13.80 0.60 -8.02
C SER C 352 13.13 1.93 -7.74
N LEU C 353 13.59 3.00 -8.39
CA LEU C 353 13.17 4.38 -8.16
C LEU C 353 13.33 4.79 -6.70
N TRP C 354 14.38 4.25 -6.05
CA TRP C 354 14.65 4.61 -4.67
C TRP C 354 14.90 6.09 -4.53
N LYS C 355 15.51 6.72 -5.54
CA LYS C 355 15.71 8.18 -5.47
C LYS C 355 14.38 8.90 -5.43
N ASP C 356 13.47 8.54 -6.35
CA ASP C 356 12.17 9.18 -6.40
C ASP C 356 11.39 8.96 -5.10
N LYS C 357 11.41 7.73 -4.57
CA LYS C 357 10.65 7.43 -3.36
C LYS C 357 11.17 8.22 -2.16
N ALA C 358 12.49 8.30 -2.00
CA ALA C 358 13.03 9.03 -0.85
C ALA C 358 12.81 10.51 -0.99
N ALA C 359 12.85 11.01 -2.23
CA ALA C 359 12.63 12.44 -2.46
C ALA C 359 11.20 12.84 -2.12
N VAL C 360 10.23 11.99 -2.45
CA VAL C 360 8.86 12.35 -2.14
C VAL C 360 8.69 12.43 -0.62
N GLU C 361 9.30 11.49 0.10
CA GLU C 361 9.17 11.47 1.56
C GLU C 361 9.86 12.66 2.20
N ILE C 362 10.99 13.12 1.64
CA ILE C 362 11.62 14.33 2.15
C ILE C 362 10.69 15.52 1.96
N ASN C 363 10.04 15.61 0.80
CA ASN C 363 9.08 16.69 0.61
C ASN C 363 7.89 16.57 1.53
N VAL C 364 7.41 15.34 1.74
CA VAL C 364 6.32 15.14 2.67
C VAL C 364 6.72 15.66 4.05
N ALA C 365 7.95 15.36 4.46
CA ALA C 365 8.43 15.77 5.77
C ALA C 365 8.56 17.28 5.84
N VAL C 366 9.01 17.92 4.76
CA VAL C 366 9.11 19.39 4.77
C VAL C 366 7.71 19.99 4.93
N LEU C 367 6.76 19.56 4.09
CA LEU C 367 5.40 20.06 4.20
C LEU C 367 4.82 19.80 5.58
N HIS C 368 4.99 18.58 6.09
CA HIS C 368 4.47 18.24 7.40
C HIS C 368 5.07 19.13 8.48
N SER C 369 6.38 19.37 8.42
CA SER C 369 7.09 20.08 9.48
C SER C 369 6.71 21.56 9.51
N TYR C 370 6.61 22.17 8.33
CA TYR C 370 6.24 23.59 8.28
C TYR C 370 4.81 23.79 8.76
N GLN C 371 3.90 22.90 8.37
CA GLN C 371 2.52 22.99 8.83
C GLN C 371 2.43 22.80 10.34
N LEU C 372 3.17 21.85 10.88
CA LEU C 372 3.09 21.59 12.30
C LEU C 372 3.72 22.73 13.09
N ALA C 373 4.77 23.33 12.56
CA ALA C 373 5.34 24.53 13.13
C ALA C 373 4.52 25.78 12.82
N LYS C 374 3.40 25.65 12.10
CA LYS C 374 2.58 26.78 11.69
C LYS C 374 3.40 27.82 10.93
N VAL C 375 4.24 27.35 10.02
CA VAL C 375 5.03 28.22 9.16
C VAL C 375 4.48 28.09 7.75
N THR C 376 4.13 29.21 7.14
CA THR C 376 3.58 29.23 5.80
C THR C 376 4.51 28.52 4.83
N ILE C 377 3.95 27.55 4.10
CA ILE C 377 4.64 26.87 3.01
C ILE C 377 3.59 26.52 1.98
N VAL C 378 4.01 26.36 0.73
CA VAL C 378 3.09 25.94 -0.33
C VAL C 378 3.72 24.78 -1.09
N ASP C 379 2.92 23.76 -1.37
CA ASP C 379 3.45 22.65 -2.14
C ASP C 379 3.39 22.97 -3.63
N HIS C 380 4.17 22.21 -4.41
CA HIS C 380 4.32 22.56 -5.81
C HIS C 380 3.04 22.34 -6.61
N HIS C 381 2.09 21.52 -6.13
CA HIS C 381 0.81 21.41 -6.81
C HIS C 381 -0.03 22.64 -6.59
N ALA C 382 -0.19 23.07 -5.33
CA ALA C 382 -0.90 24.30 -5.04
C ALA C 382 -0.25 25.47 -5.75
N ALA C 383 1.09 25.54 -5.71
CA ALA C 383 1.80 26.64 -6.32
C ALA C 383 1.54 26.69 -7.82
N THR C 384 1.76 25.57 -8.52
CA THR C 384 1.60 25.59 -9.96
C THR C 384 0.15 25.83 -10.35
N ALA C 385 -0.80 25.28 -9.57
CA ALA C 385 -2.20 25.57 -9.86
C ALA C 385 -2.48 27.06 -9.76
N SER C 386 -1.89 27.74 -8.78
CA SER C 386 -2.10 29.18 -8.64
CA SER C 386 -2.12 29.17 -8.65
C SER C 386 -1.45 29.95 -9.77
N PHE C 387 -0.31 29.45 -10.27
CA PHE C 387 0.34 30.13 -11.38
C PHE C 387 -0.50 30.06 -12.65
N MET C 388 -1.14 28.91 -12.89
CA MET C 388 -2.05 28.82 -14.02
C MET C 388 -3.17 29.84 -13.90
N LYS C 389 -3.68 30.02 -12.68
CA LYS C 389 -4.66 31.07 -12.46
C LYS C 389 -4.05 32.44 -12.72
N HIS C 390 -2.80 32.63 -12.32
CA HIS C 390 -2.11 33.88 -12.62
C HIS C 390 -1.97 34.07 -14.12
N LEU C 391 -1.61 33.01 -14.86
CA LEU C 391 -1.50 33.12 -16.31
C LEU C 391 -2.83 33.55 -16.92
N GLU C 392 -3.94 33.00 -16.42
CA GLU C 392 -5.25 33.37 -16.91
C GLU C 392 -5.55 34.84 -16.63
N ASN C 393 -5.28 35.30 -15.38
CA ASN C 393 -5.45 36.71 -15.02
C ASN C 393 -4.62 37.61 -15.92
N GLU C 394 -3.34 37.28 -16.09
CA GLU C 394 -2.45 38.16 -16.83
C GLU C 394 -2.82 38.20 -18.30
N GLN C 395 -3.31 37.08 -18.84
CA GLN C 395 -3.79 37.08 -20.21
C GLN C 395 -4.86 38.17 -20.40
N LYS C 396 -5.84 38.22 -19.49
CA LYS C 396 -6.87 39.25 -19.57
C LYS C 396 -6.30 40.63 -19.26
N ALA C 397 -5.38 40.71 -18.29
CA ALA C 397 -4.94 42.02 -17.80
C ALA C 397 -3.93 42.67 -18.73
N ARG C 398 -2.87 41.95 -19.11
CA ARG C 398 -1.82 42.54 -19.95
C ARG C 398 -1.61 41.82 -21.27
N GLY C 399 -2.49 40.89 -21.64
CA GLY C 399 -2.29 40.19 -22.89
C GLY C 399 -1.17 39.18 -22.87
N GLY C 400 -0.76 38.72 -21.70
CA GLY C 400 0.24 37.68 -21.63
C GLY C 400 0.99 37.75 -20.32
N CYS C 401 2.04 36.97 -20.26
CA CYS C 401 2.81 36.87 -19.03
C CYS C 401 4.16 36.25 -19.34
N PRO C 402 5.27 36.95 -19.09
CA PRO C 402 6.59 36.34 -19.28
C PRO C 402 6.79 35.21 -18.27
N ALA C 403 7.08 34.03 -18.79
CA ALA C 403 7.23 32.88 -17.91
C ALA C 403 8.38 32.04 -18.44
N ASP C 404 9.17 31.51 -17.52
CA ASP C 404 10.37 30.75 -17.86
C ASP C 404 10.07 29.30 -17.52
N TRP C 405 9.66 28.55 -18.54
CA TRP C 405 9.13 27.19 -18.34
C TRP C 405 10.04 26.35 -17.45
N ALA C 406 11.35 26.39 -17.70
CA ALA C 406 12.28 25.53 -16.97
C ALA C 406 12.25 25.81 -15.47
N TRP C 407 11.92 27.04 -15.07
CA TRP C 407 11.90 27.42 -13.68
C TRP C 407 10.51 27.38 -13.08
N ILE C 408 9.47 27.47 -13.90
CA ILE C 408 8.11 27.40 -13.38
C ILE C 408 7.75 25.96 -13.04
N VAL C 409 8.09 25.03 -13.93
CA VAL C 409 7.86 23.61 -13.70
C VAL C 409 8.67 23.15 -12.48
N PRO C 410 8.07 22.50 -11.50
CA PRO C 410 8.80 22.17 -10.26
C PRO C 410 9.80 21.06 -10.49
N PRO C 411 10.81 20.91 -9.62
CA PRO C 411 11.92 19.99 -9.90
C PRO C 411 11.63 18.54 -9.59
N ILE C 412 10.45 18.23 -9.03
CA ILE C 412 9.93 16.88 -8.95
C ILE C 412 8.53 16.93 -9.54
N SER C 413 8.07 15.79 -10.06
CA SER C 413 6.68 15.63 -10.48
C SER C 413 6.27 16.65 -11.54
N GLY C 414 7.22 17.08 -12.37
CA GLY C 414 6.98 18.10 -13.38
C GLY C 414 5.68 17.93 -14.15
N SER C 415 5.51 16.84 -14.88
CA SER C 415 4.32 16.73 -15.69
C SER C 415 3.06 16.40 -14.90
N LEU C 416 3.17 16.16 -13.58
CA LEU C 416 1.97 16.06 -12.75
C LEU C 416 1.38 17.42 -12.41
N THR C 417 2.08 18.48 -12.71
CA THR C 417 1.57 19.81 -12.47
C THR C 417 1.08 20.41 -13.78
N PRO C 418 0.14 21.35 -13.74
CA PRO C 418 -0.43 21.84 -15.01
C PRO C 418 0.52 22.73 -15.80
N VAL C 419 1.46 23.42 -15.14
CA VAL C 419 2.37 24.29 -15.86
C VAL C 419 3.22 23.51 -16.87
N PHE C 420 3.45 22.22 -16.62
CA PHE C 420 4.27 21.43 -17.54
C PHE C 420 3.64 21.40 -18.93
N HIS C 421 2.32 21.38 -18.99
CA HIS C 421 1.62 21.25 -20.23
C HIS C 421 1.28 22.58 -20.84
N GLN C 422 1.73 23.67 -20.22
CA GLN C 422 1.43 25.02 -20.66
C GLN C 422 2.65 25.56 -21.39
N GLU C 423 2.51 25.81 -22.71
CA GLU C 423 3.56 26.52 -23.43
C GLU C 423 3.69 27.93 -22.87
N MET C 424 4.93 28.41 -22.80
CA MET C 424 5.21 29.71 -22.19
C MET C 424 6.18 30.48 -23.07
N VAL C 425 6.20 31.80 -22.85
CA VAL C 425 7.04 32.72 -23.60
C VAL C 425 7.87 33.52 -22.59
N ASN C 426 9.18 33.52 -22.80
CA ASN C 426 10.09 34.18 -21.89
C ASN C 426 10.61 35.46 -22.56
N TYR C 427 10.56 36.56 -21.81
CA TYR C 427 11.01 37.85 -22.30
C TYR C 427 11.11 38.78 -21.11
N PHE C 428 11.80 39.91 -21.31
CA PHE C 428 12.14 40.81 -20.23
C PHE C 428 11.26 42.05 -20.30
N LEU C 429 10.44 42.24 -19.27
CA LEU C 429 9.70 43.47 -19.06
C LEU C 429 10.33 44.24 -17.91
N SER C 430 10.18 45.56 -17.94
CA SER C 430 10.65 46.41 -16.87
C SER C 430 9.47 47.12 -16.22
N PRO C 431 9.49 47.37 -14.89
CA PRO C 431 10.44 47.09 -13.81
C PRO C 431 10.89 45.62 -13.71
N ALA C 432 12.09 45.38 -13.18
CA ALA C 432 12.58 44.02 -13.09
C ALA C 432 13.55 43.85 -11.93
N PHE C 433 13.59 42.64 -11.40
CA PHE C 433 14.73 42.15 -10.65
C PHE C 433 15.74 41.57 -11.63
N ARG C 434 17.00 42.00 -11.53
CA ARG C 434 18.08 41.47 -12.34
C ARG C 434 19.19 40.95 -11.43
N TYR C 435 19.95 39.98 -11.94
CA TYR C 435 21.18 39.59 -11.27
C TYR C 435 22.22 40.69 -11.43
N GLN C 436 23.23 40.65 -10.57
CA GLN C 436 24.24 41.68 -10.58
C GLN C 436 25.55 41.07 -10.09
N PRO C 437 26.69 41.67 -10.45
CA PRO C 437 27.98 41.08 -10.08
C PRO C 437 28.13 40.89 -8.59
N ASP C 438 28.92 39.91 -8.20
CA ASP C 438 29.21 39.67 -6.79
C ASP C 438 30.00 40.86 -6.24
N PRO C 439 29.53 41.51 -5.16
CA PRO C 439 30.08 42.82 -4.78
C PRO C 439 31.53 42.80 -4.30
N TRP C 440 32.40 42.11 -5.05
CA TRP C 440 33.83 42.08 -4.76
C TRP C 440 34.57 41.38 -5.91
N LYS D 27 33.35 34.57 -29.50
CA LYS D 27 33.26 33.35 -28.70
C LYS D 27 31.82 32.78 -28.72
N PHE D 28 31.69 31.57 -28.22
CA PHE D 28 30.52 30.72 -28.35
C PHE D 28 29.84 30.54 -27.00
N PRO D 29 28.61 30.00 -26.97
CA PRO D 29 27.87 29.91 -25.70
C PRO D 29 28.62 29.11 -24.65
N ARG D 30 28.70 29.65 -23.45
CA ARG D 30 29.31 28.94 -22.34
C ARG D 30 28.23 28.19 -21.57
N VAL D 31 28.56 26.95 -21.19
CA VAL D 31 27.58 25.99 -20.69
C VAL D 31 28.10 25.39 -19.41
N LYS D 32 27.38 25.59 -18.31
CA LYS D 32 27.81 25.13 -17.00
C LYS D 32 27.04 23.88 -16.57
N ASN D 33 27.73 22.97 -15.90
CA ASN D 33 27.09 21.91 -15.14
C ASN D 33 27.10 22.32 -13.67
N TRP D 34 25.91 22.51 -13.10
CA TRP D 34 25.81 22.97 -11.73
C TRP D 34 26.10 21.87 -10.72
N GLU D 35 25.86 20.61 -11.08
CA GLU D 35 26.18 19.55 -10.14
C GLU D 35 27.68 19.52 -9.83
N VAL D 36 28.50 19.53 -10.88
CA VAL D 36 29.95 19.39 -10.74
C VAL D 36 30.70 20.73 -10.76
N GLY D 37 30.06 21.80 -11.24
CA GLY D 37 30.74 23.08 -11.36
C GLY D 37 31.51 23.28 -12.66
N SER D 38 31.57 22.28 -13.53
CA SER D 38 32.37 22.31 -14.73
C SER D 38 31.70 23.09 -15.86
N ILE D 39 32.52 23.57 -16.79
CA ILE D 39 32.09 24.51 -17.82
C ILE D 39 32.67 24.08 -19.16
N THR D 40 31.86 24.19 -20.22
CA THR D 40 32.30 23.98 -21.59
C THR D 40 31.66 25.04 -22.47
N TYR D 41 32.17 25.18 -23.69
CA TYR D 41 31.63 26.08 -24.69
C TYR D 41 31.13 25.25 -25.85
N ASP D 42 29.92 25.54 -26.32
CA ASP D 42 29.33 24.82 -27.45
C ASP D 42 29.73 25.56 -28.72
N THR D 43 30.88 25.17 -29.29
CA THR D 43 31.28 25.74 -30.57
C THR D 43 30.45 25.18 -31.70
N LEU D 44 29.85 24.00 -31.52
CA LEU D 44 29.09 23.38 -32.60
C LEU D 44 27.85 24.21 -32.96
N SER D 45 27.28 24.93 -31.99
CA SER D 45 26.09 25.73 -32.27
C SER D 45 26.31 26.73 -33.40
N ALA D 46 27.55 27.18 -33.59
CA ALA D 46 27.84 28.14 -34.66
C ALA D 46 27.56 27.54 -36.03
N GLN D 47 27.61 26.21 -36.15
CA GLN D 47 27.30 25.51 -37.39
C GLN D 47 25.80 25.37 -37.64
N ALA D 48 24.95 25.92 -36.78
CA ALA D 48 23.51 25.71 -36.91
C ALA D 48 23.01 26.19 -38.26
N GLN D 49 22.49 25.25 -39.06
CA GLN D 49 22.02 25.53 -40.41
C GLN D 49 20.69 26.28 -40.36
N GLN D 50 19.58 25.56 -40.25
CA GLN D 50 18.29 26.22 -40.22
C GLN D 50 18.04 26.90 -38.87
N ASP D 51 17.08 27.81 -38.86
CA ASP D 51 16.88 28.71 -37.73
C ASP D 51 15.68 28.27 -36.89
N GLY D 52 15.84 28.39 -35.58
CA GLY D 52 14.79 28.03 -34.65
C GLY D 52 13.87 29.20 -34.32
N PRO D 53 13.05 29.02 -33.29
CA PRO D 53 11.91 29.91 -33.08
C PRO D 53 12.16 31.11 -32.15
N CYS D 54 13.30 31.14 -31.46
CA CYS D 54 13.59 32.23 -30.53
C CYS D 54 14.18 33.43 -31.25
N THR D 55 14.11 34.58 -30.57
CA THR D 55 14.74 35.83 -30.95
C THR D 55 15.33 36.43 -29.68
N PRO D 56 16.16 37.48 -29.76
CA PRO D 56 16.59 38.15 -28.53
C PRO D 56 15.46 38.83 -27.77
N ARG D 57 14.29 38.98 -28.40
CA ARG D 57 13.14 39.61 -27.74
C ARG D 57 12.39 38.63 -26.86
N ARG D 58 12.30 37.37 -27.29
CA ARG D 58 11.40 36.39 -26.70
C ARG D 58 11.94 34.98 -26.95
N CYS D 59 11.97 34.16 -25.91
CA CYS D 59 12.32 32.76 -26.03
C CYS D 59 11.04 31.94 -26.18
N LEU D 60 10.99 31.10 -27.21
CA LEU D 60 9.90 30.15 -27.43
C LEU D 60 10.37 28.71 -27.27
N GLY D 61 11.46 28.48 -26.54
CA GLY D 61 11.98 27.14 -26.37
C GLY D 61 10.98 26.12 -25.86
N SER D 62 9.95 26.56 -25.14
CA SER D 62 8.96 25.64 -24.60
C SER D 62 7.86 25.29 -25.58
N LEU D 63 7.83 25.89 -26.77
CA LEU D 63 6.77 25.51 -27.71
C LEU D 63 7.04 24.11 -28.25
N VAL D 64 5.99 23.28 -28.27
CA VAL D 64 6.16 21.93 -28.81
C VAL D 64 6.40 21.98 -30.32
N PHE D 65 5.59 22.77 -31.02
CA PHE D 65 5.76 22.98 -32.46
C PHE D 65 6.09 24.45 -32.70
N PRO D 66 7.37 24.79 -32.90
CA PRO D 66 7.82 26.15 -33.18
C PRO D 66 7.16 26.77 -34.43
N ALA D 79 14.36 25.09 -56.84
CA ALA D 79 15.34 25.66 -55.92
C ALA D 79 16.64 24.83 -55.88
N PRO D 80 17.35 24.75 -57.02
CA PRO D 80 18.52 23.85 -57.05
C PRO D 80 19.69 24.39 -56.26
N GLU D 81 19.85 25.71 -56.19
CA GLU D 81 21.04 26.27 -55.55
C GLU D 81 21.10 25.92 -54.07
N GLN D 82 19.95 25.88 -53.42
CA GLN D 82 19.85 25.63 -52.00
C GLN D 82 19.78 24.15 -51.68
N LEU D 83 19.20 23.36 -52.59
CA LEU D 83 19.38 21.92 -52.56
C LEU D 83 20.86 21.58 -52.69
N LEU D 84 21.57 22.27 -53.60
CA LEU D 84 22.97 21.99 -53.83
C LEU D 84 23.82 22.30 -52.59
N SER D 85 23.50 23.36 -51.86
CA SER D 85 24.33 23.71 -50.71
C SER D 85 24.08 22.76 -49.55
N GLN D 86 22.83 22.38 -49.32
CA GLN D 86 22.57 21.34 -48.32
C GLN D 86 23.25 20.04 -48.73
N ALA D 87 23.24 19.71 -50.02
CA ALA D 87 23.88 18.50 -50.49
C ALA D 87 25.38 18.56 -50.27
N ARG D 88 26.00 19.68 -50.66
CA ARG D 88 27.44 19.82 -50.51
C ARG D 88 27.85 19.71 -49.05
N ASP D 89 27.12 20.36 -48.17
CA ASP D 89 27.43 20.27 -46.75
C ASP D 89 27.34 18.83 -46.27
N PHE D 90 26.28 18.11 -46.64
CA PHE D 90 26.14 16.73 -46.18
C PHE D 90 27.25 15.83 -46.73
N ILE D 91 27.57 15.96 -48.02
CA ILE D 91 28.66 15.18 -48.59
C ILE D 91 29.96 15.50 -47.88
N ASN D 92 30.21 16.77 -47.56
CA ASN D 92 31.37 17.12 -46.76
C ASN D 92 31.34 16.38 -45.42
N GLN D 93 30.19 16.36 -44.77
CA GLN D 93 30.06 15.62 -43.52
C GLN D 93 30.39 14.16 -43.73
N TYR D 94 29.79 13.56 -44.77
CA TYR D 94 30.04 12.14 -44.98
C TYR D 94 31.53 11.87 -45.14
N TYR D 95 32.22 12.69 -45.93
CA TYR D 95 33.61 12.38 -46.21
C TYR D 95 34.55 12.70 -45.06
N SER D 96 34.18 13.60 -44.14
CA SER D 96 34.97 13.74 -42.90
C SER D 96 34.77 12.54 -42.00
N SER D 97 33.53 12.03 -41.90
CA SER D 97 33.26 10.87 -41.05
C SER D 97 34.09 9.65 -41.45
N ILE D 98 34.31 9.45 -42.75
CA ILE D 98 35.15 8.36 -43.23
C ILE D 98 36.61 8.78 -43.35
N LYS D 99 36.97 9.91 -42.73
CA LYS D 99 38.34 10.41 -42.69
C LYS D 99 38.96 10.45 -44.08
N ARG D 100 38.21 11.02 -45.04
CA ARG D 100 38.66 11.18 -46.43
C ARG D 100 38.25 12.54 -46.97
N SER D 101 38.22 13.56 -46.12
CA SER D 101 37.84 14.90 -46.57
CA SER D 101 37.84 14.90 -46.57
C SER D 101 38.82 15.40 -47.63
N GLY D 102 38.28 15.99 -48.68
CA GLY D 102 39.08 16.54 -49.75
C GLY D 102 39.85 15.52 -50.57
N SER D 103 39.49 14.25 -50.50
CA SER D 103 40.16 13.19 -51.23
C SER D 103 39.60 13.07 -52.64
N GLN D 104 40.14 12.12 -53.40
CA GLN D 104 39.67 11.79 -54.75
C GLN D 104 38.16 11.64 -54.79
N ALA D 105 37.67 10.59 -54.14
CA ALA D 105 36.24 10.32 -54.02
C ALA D 105 35.43 11.56 -53.66
N HIS D 106 35.93 12.40 -52.74
CA HIS D 106 35.14 13.52 -52.24
C HIS D 106 34.78 14.49 -53.36
N GLU D 107 35.78 14.93 -54.13
CA GLU D 107 35.52 15.82 -55.25
C GLU D 107 34.64 15.14 -56.29
N GLN D 108 34.89 13.86 -56.56
CA GLN D 108 34.04 13.09 -57.46
C GLN D 108 32.58 13.21 -57.05
N ARG D 109 32.31 12.94 -55.76
CA ARG D 109 30.93 12.92 -55.29
C ARG D 109 30.29 14.30 -55.34
N LEU D 110 31.01 15.33 -54.89
CA LEU D 110 30.53 16.69 -55.05
C LEU D 110 30.22 16.97 -56.52
N GLN D 111 31.15 16.65 -57.41
CA GLN D 111 30.95 16.85 -58.84
C GLN D 111 29.72 16.07 -59.33
N GLU D 112 29.63 14.80 -58.96
CA GLU D 112 28.50 13.96 -59.37
C GLU D 112 27.17 14.55 -58.90
N VAL D 113 27.09 14.99 -57.64
CA VAL D 113 25.82 15.51 -57.13
C VAL D 113 25.41 16.76 -57.88
N GLU D 114 26.34 17.71 -58.03
CA GLU D 114 26.08 18.91 -58.81
C GLU D 114 25.51 18.56 -60.17
N ALA D 115 26.22 17.70 -60.91
CA ALA D 115 25.76 17.27 -62.23
C ALA D 115 24.36 16.68 -62.17
N GLU D 116 24.10 15.82 -61.19
CA GLU D 116 22.81 15.15 -61.14
C GLU D 116 21.69 16.11 -60.76
N VAL D 117 21.98 17.11 -59.92
CA VAL D 117 20.97 18.12 -59.60
C VAL D 117 20.66 18.96 -60.83
N ALA D 118 21.71 19.39 -61.55
CA ALA D 118 21.51 20.13 -62.79
C ALA D 118 20.64 19.35 -63.77
N ALA D 119 20.85 18.02 -63.87
CA ALA D 119 20.20 17.25 -64.92
C ALA D 119 18.78 16.81 -64.53
N THR D 120 18.56 16.47 -63.26
CA THR D 120 17.31 15.87 -62.83
C THR D 120 16.57 16.69 -61.79
N GLY D 121 17.16 17.79 -61.29
CA GLY D 121 16.57 18.57 -60.23
C GLY D 121 16.75 17.99 -58.83
N THR D 122 17.36 16.82 -58.70
CA THR D 122 17.54 16.16 -57.42
C THR D 122 18.72 15.22 -57.57
N TYR D 123 18.97 14.39 -56.55
CA TYR D 123 20.03 13.39 -56.67
C TYR D 123 19.71 12.22 -55.75
N GLN D 124 20.45 11.14 -55.94
CA GLN D 124 20.25 9.92 -55.18
C GLN D 124 21.39 9.72 -54.20
N LEU D 125 21.05 9.32 -52.97
CA LEU D 125 22.04 8.96 -51.99
C LEU D 125 22.62 7.59 -52.29
N ARG D 126 23.93 7.45 -52.11
CA ARG D 126 24.50 6.12 -52.02
C ARG D 126 24.11 5.50 -50.69
N GLU D 127 24.13 4.15 -50.66
CA GLU D 127 23.65 3.43 -49.49
C GLU D 127 24.41 3.84 -48.23
N SER D 128 25.74 3.95 -48.32
CA SER D 128 26.53 4.31 -47.15
CA SER D 128 26.53 4.31 -47.15
C SER D 128 26.24 5.73 -46.69
N GLU D 129 25.95 6.62 -47.64
CA GLU D 129 25.55 7.98 -47.28
C GLU D 129 24.22 7.96 -46.56
N LEU D 130 23.30 7.11 -47.02
CA LEU D 130 21.99 6.98 -46.37
C LEU D 130 22.14 6.49 -44.94
N VAL D 131 22.96 5.46 -44.74
CA VAL D 131 23.17 4.93 -43.39
C VAL D 131 23.77 6.02 -42.49
N PHE D 132 24.78 6.71 -42.99
CA PHE D 132 25.39 7.80 -42.22
C PHE D 132 24.37 8.89 -41.93
N GLY D 133 23.59 9.29 -42.93
CA GLY D 133 22.63 10.36 -42.74
C GLY D 133 21.52 10.02 -41.75
N ALA D 134 21.07 8.77 -41.74
CA ALA D 134 20.05 8.38 -40.76
C ALA D 134 20.61 8.42 -39.35
N LYS D 135 21.85 7.95 -39.17
CA LYS D 135 22.47 8.01 -37.86
C LYS D 135 22.69 9.45 -37.41
N GLN D 136 23.14 10.32 -38.33
CA GLN D 136 23.38 11.70 -37.96
C GLN D 136 22.08 12.39 -37.58
N ALA D 137 20.99 12.04 -38.26
CA ALA D 137 19.71 12.64 -37.92
C ALA D 137 19.32 12.30 -36.48
N TRP D 138 19.48 11.03 -36.08
CA TRP D 138 19.23 10.65 -34.70
C TRP D 138 20.16 11.41 -33.77
N ARG D 139 21.45 11.41 -34.10
CA ARG D 139 22.45 12.10 -33.29
C ARG D 139 22.17 13.60 -33.15
N ASN D 140 21.58 14.23 -34.17
CA ASN D 140 21.29 15.66 -34.12
C ASN D 140 19.97 16.00 -33.45
N ALA D 141 19.18 14.99 -33.04
CA ALA D 141 17.82 15.24 -32.58
C ALA D 141 17.85 15.79 -31.15
N PRO D 142 17.54 17.08 -30.96
CA PRO D 142 17.81 17.71 -29.65
C PRO D 142 16.91 17.24 -28.54
N ARG D 143 15.73 16.73 -28.85
CA ARG D 143 14.80 16.30 -27.80
C ARG D 143 14.96 14.83 -27.44
N CYS D 144 15.93 14.14 -28.02
CA CYS D 144 16.08 12.71 -27.79
C CYS D 144 17.11 12.47 -26.69
N VAL D 145 16.67 11.86 -25.59
CA VAL D 145 17.59 11.50 -24.52
C VAL D 145 18.32 10.20 -24.78
N GLY D 146 17.87 9.42 -25.76
CA GLY D 146 18.51 8.14 -26.03
C GLY D 146 19.69 8.17 -26.99
N ARG D 147 20.29 9.32 -27.21
CA ARG D 147 21.26 9.46 -28.30
C ARG D 147 22.63 8.86 -27.99
N ILE D 148 22.87 8.35 -26.79
CA ILE D 148 24.11 7.58 -26.58
C ILE D 148 24.18 6.41 -27.56
N GLN D 149 23.03 5.87 -27.97
CA GLN D 149 22.88 4.75 -28.87
C GLN D 149 23.00 5.11 -30.37
N TRP D 150 23.28 6.38 -30.70
CA TRP D 150 23.05 6.87 -32.06
C TRP D 150 23.85 6.10 -33.12
N GLY D 151 25.04 5.61 -32.77
CA GLY D 151 25.84 4.85 -33.72
C GLY D 151 25.30 3.47 -34.01
N LYS D 152 24.49 2.92 -33.10
CA LYS D 152 23.97 1.56 -33.22
C LYS D 152 22.52 1.65 -33.71
N LEU D 153 22.38 1.85 -35.02
CA LEU D 153 21.07 2.04 -35.64
C LEU D 153 21.03 1.15 -36.87
N GLN D 154 20.07 0.25 -36.93
CA GLN D 154 19.92 -0.62 -38.08
C GLN D 154 19.10 0.13 -39.12
N VAL D 155 19.69 0.37 -40.29
CA VAL D 155 19.06 1.14 -41.35
C VAL D 155 18.57 0.18 -42.42
N PHE D 156 17.26 0.15 -42.64
CA PHE D 156 16.68 -0.63 -43.72
C PHE D 156 16.39 0.29 -44.91
N ASP D 157 16.97 -0.05 -46.05
CA ASP D 157 16.83 0.75 -47.26
C ASP D 157 15.60 0.25 -47.99
N ALA D 158 14.50 0.98 -47.89
CA ALA D 158 13.28 0.66 -48.60
C ALA D 158 13.02 1.63 -49.74
N ARG D 159 14.08 2.24 -50.27
CA ARG D 159 13.89 3.30 -51.26
C ARG D 159 13.42 2.74 -52.59
N ASP D 160 13.44 1.44 -52.74
CA ASP D 160 12.87 0.87 -53.96
CA ASP D 160 12.92 0.70 -53.89
C ASP D 160 11.44 0.38 -53.75
N CYS D 161 10.82 0.75 -52.63
CA CYS D 161 9.43 0.41 -52.37
C CYS D 161 8.52 0.98 -53.45
N ARG D 162 7.49 0.22 -53.77
CA ARG D 162 6.72 0.42 -54.99
C ARG D 162 5.25 0.72 -54.74
N SER D 163 4.71 0.29 -53.60
CA SER D 163 3.27 0.31 -53.37
C SER D 163 3.03 0.32 -51.87
N ALA D 164 1.76 0.50 -51.51
CA ALA D 164 1.38 0.40 -50.11
C ALA D 164 1.57 -1.03 -49.58
N GLN D 165 1.32 -2.03 -50.44
CA GLN D 165 1.45 -3.42 -49.99
C GLN D 165 2.89 -3.77 -49.70
N GLU D 166 3.81 -3.34 -50.57
CA GLU D 166 5.23 -3.54 -50.26
C GLU D 166 5.63 -2.76 -49.02
N MET D 167 5.14 -1.53 -48.92
CA MET D 167 5.44 -0.72 -47.74
C MET D 167 5.00 -1.44 -46.47
N PHE D 168 3.79 -2.01 -46.47
CA PHE D 168 3.34 -2.76 -45.30
C PHE D 168 4.30 -3.88 -44.95
N THR D 169 4.81 -4.58 -45.98
CA THR D 169 5.73 -5.69 -45.75
C THR D 169 7.02 -5.22 -45.13
N TYR D 170 7.59 -4.12 -45.64
CA TYR D 170 8.77 -3.50 -45.05
C TYR D 170 8.52 -3.08 -43.60
N ILE D 171 7.33 -2.58 -43.30
CA ILE D 171 7.06 -2.14 -41.93
C ILE D 171 6.98 -3.33 -41.01
N CYS D 172 6.32 -4.41 -41.45
CA CYS D 172 6.20 -5.60 -40.62
C CYS D 172 7.55 -6.19 -40.30
N ASN D 173 8.44 -6.22 -41.30
CA ASN D 173 9.77 -6.72 -41.03
CA ASN D 173 9.81 -6.67 -41.09
C ASN D 173 10.56 -5.75 -40.14
N HIS D 174 10.37 -4.44 -40.30
CA HIS D 174 10.96 -3.51 -39.35
C HIS D 174 10.49 -3.84 -37.93
N ILE D 175 9.17 -3.93 -37.72
CA ILE D 175 8.63 -4.24 -36.40
C ILE D 175 9.20 -5.56 -35.87
N LYS D 176 9.31 -6.57 -36.72
CA LYS D 176 9.77 -7.87 -36.24
C LYS D 176 11.26 -7.81 -35.88
N TYR D 177 12.07 -7.18 -36.73
CA TYR D 177 13.47 -7.00 -36.40
C TYR D 177 13.65 -6.20 -35.11
N ALA D 178 12.95 -5.06 -35.01
CA ALA D 178 13.18 -4.15 -33.91
C ALA D 178 12.73 -4.74 -32.59
N THR D 179 11.57 -5.40 -32.59
CA THR D 179 11.02 -5.99 -31.38
C THR D 179 11.91 -7.12 -30.89
N ASN D 180 12.23 -8.05 -31.79
CA ASN D 180 13.25 -9.07 -31.52
C ASN D 180 12.91 -9.86 -30.26
N ARG D 181 11.63 -10.18 -30.11
CA ARG D 181 11.09 -10.96 -28.98
C ARG D 181 11.29 -10.27 -27.64
N GLY D 182 11.40 -8.94 -27.61
CA GLY D 182 11.57 -8.19 -26.39
C GLY D 182 12.97 -7.66 -26.18
N ASN D 183 13.95 -8.17 -26.93
CA ASN D 183 15.32 -7.62 -26.87
C ASN D 183 15.44 -6.58 -27.98
N LEU D 184 14.93 -5.39 -27.67
CA LEU D 184 14.66 -4.40 -28.70
C LEU D 184 15.94 -3.86 -29.35
N ARG D 185 15.87 -3.61 -30.64
CA ARG D 185 16.97 -3.07 -31.42
C ARG D 185 16.53 -1.82 -32.15
N SER D 186 17.39 -0.79 -32.15
CA SER D 186 17.08 0.46 -32.82
C SER D 186 17.12 0.29 -34.33
N ALA D 187 16.12 0.82 -35.01
CA ALA D 187 16.09 0.62 -36.46
C ALA D 187 15.34 1.76 -37.09
N ILE D 188 15.61 1.95 -38.37
CA ILE D 188 14.82 2.85 -39.18
C ILE D 188 14.66 2.23 -40.57
N THR D 189 13.48 2.38 -41.14
CA THR D 189 13.25 1.98 -42.52
C THR D 189 13.01 3.23 -43.35
N VAL D 190 13.76 3.39 -44.44
CA VAL D 190 13.72 4.61 -45.22
C VAL D 190 13.03 4.31 -46.55
N PHE D 191 11.86 4.89 -46.73
CA PHE D 191 11.04 4.74 -47.91
C PHE D 191 11.46 5.77 -48.94
N PRO D 192 10.96 5.66 -50.17
CA PRO D 192 11.53 6.50 -51.23
C PRO D 192 11.40 7.98 -50.91
N GLN D 193 12.35 8.75 -51.40
CA GLN D 193 12.37 10.17 -51.07
C GLN D 193 11.30 10.92 -51.85
N ARG D 194 10.96 12.11 -51.33
CA ARG D 194 10.16 13.04 -52.09
C ARG D 194 10.85 13.34 -53.41
N CYS D 195 10.06 13.37 -54.49
CA CYS D 195 10.62 13.70 -55.79
C CYS D 195 9.56 14.42 -56.61
N PRO D 196 9.97 15.26 -57.55
CA PRO D 196 8.98 15.99 -58.36
C PRO D 196 8.27 15.06 -59.31
N GLY D 197 6.96 15.25 -59.42
CA GLY D 197 6.14 14.50 -60.34
C GLY D 197 5.52 13.26 -59.74
N ARG D 198 5.62 13.10 -58.42
CA ARG D 198 5.04 11.94 -57.75
C ARG D 198 4.67 12.38 -56.34
N GLY D 199 3.63 11.75 -55.82
CA GLY D 199 3.26 11.99 -54.45
C GLY D 199 4.24 11.37 -53.48
N ASP D 200 4.04 11.73 -52.21
CA ASP D 200 4.87 11.21 -51.13
C ASP D 200 4.35 9.84 -50.69
N PHE D 201 5.28 8.97 -50.33
CA PHE D 201 4.96 7.91 -49.39
C PHE D 201 4.69 8.53 -48.03
N ARG D 202 3.62 8.10 -47.38
CA ARG D 202 3.31 8.59 -46.03
C ARG D 202 2.74 7.47 -45.19
N ILE D 203 3.20 7.39 -43.95
CA ILE D 203 2.53 6.63 -42.91
C ILE D 203 1.66 7.61 -42.13
N TRP D 204 0.34 7.38 -42.14
CA TRP D 204 -0.57 8.34 -41.54
C TRP D 204 -0.55 8.25 -40.04
N ASN D 205 -0.34 7.05 -39.50
CA ASN D 205 -0.18 6.85 -38.06
C ASN D 205 1.05 7.58 -37.57
N SER D 206 0.92 8.20 -36.39
CA SER D 206 2.03 8.93 -35.83
C SER D 206 3.09 7.97 -35.28
N GLN D 207 2.66 6.79 -34.83
CA GLN D 207 3.55 5.71 -34.45
C GLN D 207 3.01 4.41 -35.06
N LEU D 208 3.89 3.43 -35.24
CA LEU D 208 3.45 2.17 -35.83
C LEU D 208 2.49 1.42 -34.91
N VAL D 209 2.71 1.47 -33.60
CA VAL D 209 1.82 0.84 -32.63
C VAL D 209 1.16 1.94 -31.81
N ARG D 210 -0.16 2.05 -31.91
CA ARG D 210 -0.94 2.99 -31.11
C ARG D 210 -2.22 2.31 -30.68
N TYR D 211 -2.78 2.80 -29.59
CA TYR D 211 -4.06 2.31 -29.12
C TYR D 211 -5.17 3.21 -29.61
N ALA D 212 -6.29 2.60 -29.97
CA ALA D 212 -7.42 3.35 -30.47
C ALA D 212 -7.95 4.28 -29.39
N GLY D 213 -8.54 5.38 -29.83
CA GLY D 213 -9.20 6.31 -28.96
C GLY D 213 -10.59 6.53 -29.51
N TYR D 214 -11.59 5.96 -28.84
CA TYR D 214 -12.98 5.99 -29.29
C TYR D 214 -13.71 7.10 -28.54
N ARG D 215 -14.06 8.16 -29.26
CA ARG D 215 -14.95 9.13 -28.69
C ARG D 215 -16.25 8.44 -28.29
N GLN D 216 -16.63 8.58 -27.02
CA GLN D 216 -17.86 7.98 -26.57
C GLN D 216 -19.02 8.90 -26.90
N GLN D 217 -20.24 8.40 -26.64
CA GLN D 217 -21.43 9.18 -26.93
C GLN D 217 -21.52 10.41 -26.03
N ASP D 218 -21.11 10.29 -24.77
CA ASP D 218 -21.17 11.42 -23.84
C ASP D 218 -20.02 12.40 -23.99
N GLY D 219 -18.98 12.06 -24.75
CA GLY D 219 -17.85 12.94 -24.96
C GLY D 219 -16.57 12.51 -24.28
N SER D 220 -16.63 11.52 -23.39
CA SER D 220 -15.41 10.92 -22.88
C SER D 220 -14.73 10.11 -23.99
N VAL D 221 -13.46 9.78 -23.76
CA VAL D 221 -12.73 8.94 -24.69
C VAL D 221 -12.47 7.61 -24.01
N ARG D 222 -12.70 6.52 -24.73
CA ARG D 222 -12.33 5.19 -24.29
C ARG D 222 -11.05 4.80 -25.03
N GLY D 223 -10.01 4.44 -24.28
CA GLY D 223 -8.70 4.20 -24.86
C GLY D 223 -7.85 5.45 -24.80
N ASP D 224 -7.02 5.68 -25.82
CA ASP D 224 -6.01 6.73 -25.74
C ASP D 224 -6.55 8.00 -26.37
N PRO D 225 -6.82 9.05 -25.58
CA PRO D 225 -7.35 10.29 -26.17
C PRO D 225 -6.44 10.94 -27.21
N ALA D 226 -5.14 10.71 -27.15
CA ALA D 226 -4.24 11.29 -28.15
C ALA D 226 -4.55 10.77 -29.55
N ASN D 227 -5.26 9.66 -29.68
CA ASN D 227 -5.38 8.93 -30.93
C ASN D 227 -6.80 8.98 -31.48
N VAL D 228 -7.61 9.95 -31.04
CA VAL D 228 -9.00 10.04 -31.46
C VAL D 228 -9.08 10.28 -32.98
N GLU D 229 -8.25 11.19 -33.49
CA GLU D 229 -8.35 11.56 -34.91
C GLU D 229 -7.97 10.39 -35.82
N ILE D 230 -6.80 9.80 -35.60
CA ILE D 230 -6.35 8.69 -36.43
C ILE D 230 -7.32 7.52 -36.29
N THR D 231 -7.91 7.34 -35.09
CA THR D 231 -8.93 6.31 -34.91
C THR D 231 -10.14 6.55 -35.81
N GLU D 232 -10.65 7.79 -35.82
CA GLU D 232 -11.77 8.12 -36.70
C GLU D 232 -11.37 7.94 -38.16
N LEU D 233 -10.14 8.31 -38.52
CA LEU D 233 -9.68 8.12 -39.89
C LEU D 233 -9.65 6.65 -40.27
N CYS D 234 -9.20 5.79 -39.36
CA CYS D 234 -9.19 4.35 -39.65
C CYS D 234 -10.60 3.84 -39.88
N ILE D 235 -11.51 4.16 -38.97
CA ILE D 235 -12.92 3.76 -39.12
C ILE D 235 -13.47 4.28 -40.43
N GLN D 236 -13.17 5.55 -40.74
CA GLN D 236 -13.62 6.14 -41.99
C GLN D 236 -13.09 5.37 -43.20
N HIS D 237 -11.92 4.74 -43.08
CA HIS D 237 -11.34 3.97 -44.17
C HIS D 237 -11.60 2.48 -44.03
N GLY D 238 -12.70 2.11 -43.36
CA GLY D 238 -13.17 0.75 -43.38
C GLY D 238 -12.75 -0.11 -42.19
N TRP D 239 -12.00 0.43 -41.24
CA TRP D 239 -11.64 -0.37 -40.08
C TRP D 239 -12.88 -0.60 -39.22
N THR D 240 -13.07 -1.85 -38.84
CA THR D 240 -14.13 -2.21 -37.91
C THR D 240 -13.62 -2.02 -36.48
N PRO D 241 -14.07 -0.98 -35.78
CA PRO D 241 -13.44 -0.63 -34.51
C PRO D 241 -13.71 -1.67 -33.44
N GLY D 242 -12.80 -1.75 -32.49
CA GLY D 242 -13.04 -2.46 -31.25
C GLY D 242 -13.77 -1.58 -30.29
N ASN D 243 -13.79 -1.99 -29.02
CA ASN D 243 -14.32 -1.07 -28.01
C ASN D 243 -13.55 -1.15 -26.70
N GLY D 244 -12.29 -1.58 -26.73
CA GLY D 244 -11.47 -1.65 -25.55
C GLY D 244 -10.58 -0.44 -25.38
N ARG D 245 -9.89 -0.39 -24.25
CA ARG D 245 -8.99 0.72 -23.96
C ARG D 245 -7.62 0.54 -24.60
N PHE D 246 -7.31 -0.65 -25.09
CA PHE D 246 -5.98 -0.96 -25.56
C PHE D 246 -6.06 -1.72 -26.89
N ASP D 247 -6.87 -1.22 -27.80
CA ASP D 247 -7.04 -1.82 -29.12
C ASP D 247 -5.95 -1.26 -30.04
N VAL D 248 -5.11 -2.14 -30.58
CA VAL D 248 -4.04 -1.68 -31.45
C VAL D 248 -4.62 -1.23 -32.79
N LEU D 249 -4.20 -0.05 -33.25
CA LEU D 249 -4.77 0.51 -34.47
C LEU D 249 -4.19 -0.13 -35.73
N PRO D 250 -4.98 -0.20 -36.78
CA PRO D 250 -4.41 -0.56 -38.09
C PRO D 250 -3.50 0.54 -38.63
N LEU D 251 -2.62 0.16 -39.55
CA LEU D 251 -1.81 1.11 -40.29
C LEU D 251 -2.58 1.67 -41.48
N LEU D 252 -2.54 2.99 -41.62
CA LEU D 252 -3.00 3.68 -42.83
C LEU D 252 -1.76 4.09 -43.60
N LEU D 253 -1.51 3.42 -44.71
CA LEU D 253 -0.30 3.59 -45.51
C LEU D 253 -0.66 4.21 -46.85
N GLN D 254 0.03 5.28 -47.22
CA GLN D 254 -0.26 6.00 -48.44
C GLN D 254 0.92 5.86 -49.40
N ALA D 255 0.68 5.23 -50.53
CA ALA D 255 1.58 5.22 -51.67
C ALA D 255 1.39 6.52 -52.47
N PRO D 256 2.42 6.94 -53.21
CA PRO D 256 2.30 8.18 -53.99
C PRO D 256 1.03 8.26 -54.81
N ASP D 257 0.30 9.37 -54.64
CA ASP D 257 -0.86 9.70 -55.48
C ASP D 257 -1.96 8.67 -55.36
N GLU D 258 -2.04 8.03 -54.20
CA GLU D 258 -2.99 7.00 -53.82
C GLU D 258 -3.72 7.47 -52.57
N PRO D 259 -5.00 7.13 -52.42
CA PRO D 259 -5.64 7.25 -51.11
C PRO D 259 -4.95 6.32 -50.13
N PRO D 260 -5.00 6.59 -48.82
CA PRO D 260 -4.41 5.66 -47.86
C PRO D 260 -5.09 4.31 -47.91
N GLU D 261 -4.31 3.27 -47.67
CA GLU D 261 -4.82 1.92 -47.60
C GLU D 261 -4.63 1.40 -46.19
N LEU D 262 -5.65 0.68 -45.71
CA LEU D 262 -5.70 0.20 -44.34
C LEU D 262 -5.00 -1.17 -44.23
N PHE D 263 -4.16 -1.34 -43.22
CA PHE D 263 -3.44 -2.59 -43.02
C PHE D 263 -3.48 -2.98 -41.54
N LEU D 264 -4.08 -4.13 -41.26
CA LEU D 264 -4.07 -4.68 -39.91
C LEU D 264 -2.70 -5.25 -39.60
N LEU D 265 -2.16 -4.90 -38.46
CA LEU D 265 -0.97 -5.53 -37.93
C LEU D 265 -1.32 -6.89 -37.36
N PRO D 266 -0.62 -7.96 -37.75
CA PRO D 266 -0.87 -9.26 -37.11
C PRO D 266 -0.62 -9.16 -35.62
N PRO D 267 -1.58 -9.61 -34.81
CA PRO D 267 -1.40 -9.45 -33.35
C PRO D 267 -0.12 -10.07 -32.83
N GLU D 268 0.31 -11.19 -33.40
CA GLU D 268 1.57 -11.77 -32.93
C GLU D 268 2.78 -10.94 -33.31
N LEU D 269 2.62 -9.83 -34.02
CA LEU D 269 3.74 -8.96 -34.31
C LEU D 269 3.84 -7.81 -33.32
N VAL D 270 2.76 -7.49 -32.60
CA VAL D 270 2.71 -6.39 -31.66
C VAL D 270 2.95 -6.96 -30.27
N LEU D 271 4.19 -6.88 -29.80
CA LEU D 271 4.49 -7.36 -28.47
C LEU D 271 3.96 -6.36 -27.46
N GLU D 272 3.11 -6.83 -26.54
CA GLU D 272 2.56 -5.97 -25.50
C GLU D 272 2.99 -6.48 -24.14
N VAL D 273 2.81 -5.62 -23.13
CA VAL D 273 3.24 -5.90 -21.77
C VAL D 273 2.08 -5.56 -20.83
N PRO D 274 1.42 -6.57 -20.26
CA PRO D 274 0.44 -6.29 -19.20
C PRO D 274 1.15 -5.68 -17.99
N LEU D 275 0.51 -4.71 -17.36
CA LEU D 275 1.16 -3.94 -16.32
C LEU D 275 0.76 -4.49 -14.95
N GLU D 276 1.75 -4.81 -14.14
CA GLU D 276 1.51 -5.16 -12.75
C GLU D 276 2.55 -4.48 -11.88
N HIS D 277 2.30 -4.50 -10.58
CA HIS D 277 3.19 -3.86 -9.64
C HIS D 277 3.79 -4.90 -8.72
N PRO D 278 5.10 -4.81 -8.40
CA PRO D 278 5.73 -5.88 -7.62
C PRO D 278 5.15 -6.07 -6.25
N THR D 279 4.59 -5.01 -5.66
CA THR D 279 3.97 -5.11 -4.36
C THR D 279 2.52 -4.61 -4.33
N LEU D 280 1.98 -3.99 -5.36
CA LEU D 280 0.57 -3.59 -5.30
C LEU D 280 -0.20 -4.58 -6.16
N GLU D 281 -0.70 -5.65 -5.53
CA GLU D 281 -1.24 -6.77 -6.30
C GLU D 281 -2.55 -6.42 -6.99
N TRP D 282 -3.31 -5.46 -6.44
CA TRP D 282 -4.52 -5.03 -7.12
C TRP D 282 -4.19 -4.29 -8.40
N PHE D 283 -2.93 -3.90 -8.61
CA PHE D 283 -2.57 -3.14 -9.80
C PHE D 283 -2.80 -3.94 -11.06
N ALA D 284 -2.56 -5.26 -11.01
CA ALA D 284 -2.79 -6.05 -12.22
C ALA D 284 -4.25 -5.98 -12.65
N ALA D 285 -5.17 -5.84 -11.70
CA ALA D 285 -6.59 -5.85 -12.01
C ALA D 285 -7.08 -4.55 -12.63
N LEU D 286 -6.21 -3.54 -12.76
CA LEU D 286 -6.54 -2.37 -13.56
C LEU D 286 -6.59 -2.72 -15.05
N GLY D 287 -6.02 -3.85 -15.45
CA GLY D 287 -6.07 -4.23 -16.84
C GLY D 287 -5.27 -3.35 -17.74
N LEU D 288 -4.26 -2.66 -17.20
CA LEU D 288 -3.42 -1.80 -18.01
C LEU D 288 -2.40 -2.63 -18.79
N ARG D 289 -2.04 -2.12 -19.96
CA ARG D 289 -1.09 -2.72 -20.88
C ARG D 289 -0.34 -1.58 -21.53
N TRP D 290 0.87 -1.86 -22.00
CA TRP D 290 1.47 -1.00 -23.01
C TRP D 290 2.21 -1.88 -24.00
N TYR D 291 2.61 -1.31 -25.13
CA TYR D 291 3.30 -2.06 -26.17
C TYR D 291 4.81 -1.92 -26.01
N ALA D 292 5.55 -2.90 -26.54
CA ALA D 292 7.00 -2.92 -26.38
C ALA D 292 7.68 -1.84 -27.21
N LEU D 293 7.17 -1.59 -28.41
CA LEU D 293 7.95 -0.92 -29.45
C LEU D 293 7.50 0.52 -29.65
N PRO D 294 8.30 1.51 -29.28
CA PRO D 294 8.02 2.89 -29.69
C PRO D 294 8.59 3.13 -31.08
N ALA D 295 7.71 3.34 -32.06
CA ALA D 295 8.10 3.41 -33.47
C ALA D 295 7.42 4.62 -34.09
N VAL D 296 8.14 5.75 -34.10
CA VAL D 296 7.63 7.00 -34.63
C VAL D 296 7.60 6.91 -36.15
N SER D 297 6.44 7.14 -36.74
CA SER D 297 6.23 6.94 -38.16
C SER D 297 5.75 8.18 -38.92
N ASN D 298 5.62 9.34 -38.28
CA ASN D 298 5.10 10.51 -38.99
C ASN D 298 6.14 11.61 -39.15
N MET D 299 7.41 11.33 -38.90
CA MET D 299 8.40 12.39 -39.03
C MET D 299 9.09 12.33 -40.38
N LEU D 300 9.59 13.49 -40.81
CA LEU D 300 10.33 13.60 -42.04
C LEU D 300 11.82 13.54 -41.75
N LEU D 301 12.50 12.69 -42.48
CA LEU D 301 13.95 12.57 -42.38
C LEU D 301 14.54 13.40 -43.51
N GLU D 302 15.37 14.38 -43.15
CA GLU D 302 16.02 15.22 -44.14
C GLU D 302 17.50 14.90 -44.17
N ILE D 303 18.02 14.57 -45.35
CA ILE D 303 19.44 14.30 -45.52
C ILE D 303 19.90 15.06 -46.76
N GLY D 304 20.94 15.90 -46.59
CA GLY D 304 21.52 16.69 -47.64
C GLY D 304 20.52 17.27 -48.61
N GLY D 305 19.49 17.91 -48.09
CA GLY D 305 18.45 18.50 -48.91
C GLY D 305 17.39 17.53 -49.38
N LEU D 306 17.64 16.24 -49.35
CA LEU D 306 16.61 15.28 -49.73
C LEU D 306 15.68 15.04 -48.56
N GLU D 307 14.41 14.81 -48.86
CA GLU D 307 13.39 14.67 -47.85
C GLU D 307 12.77 13.29 -47.99
N PHE D 308 12.68 12.57 -46.88
CA PHE D 308 12.09 11.24 -46.83
C PHE D 308 10.87 11.36 -45.93
N PRO D 309 9.69 11.59 -46.51
CA PRO D 309 8.50 11.80 -45.69
C PRO D 309 8.05 10.55 -44.98
N ALA D 310 8.54 9.38 -45.38
CA ALA D 310 8.19 8.16 -44.67
C ALA D 310 9.49 7.47 -44.32
N ALA D 311 9.82 7.53 -43.04
CA ALA D 311 11.03 6.87 -42.60
C ALA D 311 10.87 6.51 -41.13
N PRO D 312 10.00 5.55 -40.82
CA PRO D 312 9.71 5.26 -39.40
C PRO D 312 10.93 4.70 -38.70
N PHE D 313 11.11 5.10 -37.44
CA PHE D 313 12.24 4.67 -36.64
C PHE D 313 11.75 4.22 -35.26
N SER D 314 12.51 3.32 -34.64
CA SER D 314 12.08 2.76 -33.38
C SER D 314 13.28 2.53 -32.48
N GLY D 315 13.04 2.60 -31.17
CA GLY D 315 14.07 2.24 -30.21
C GLY D 315 13.46 1.35 -29.15
N TRP D 316 13.63 1.76 -27.90
CA TRP D 316 12.92 1.14 -26.80
C TRP D 316 12.52 2.26 -25.86
N TYR D 317 11.55 1.99 -25.01
CA TYR D 317 10.97 3.03 -24.18
C TYR D 317 11.86 3.39 -23.01
N MET D 318 11.80 4.67 -22.63
CA MET D 318 12.17 5.09 -21.28
C MET D 318 10.92 5.06 -20.41
N SER D 319 11.06 4.52 -19.19
CA SER D 319 9.86 4.15 -18.42
C SER D 319 8.93 5.32 -18.19
N THR D 320 9.46 6.54 -18.07
CA THR D 320 8.58 7.68 -17.80
C THR D 320 7.67 8.02 -18.97
N GLU D 321 8.09 7.73 -20.22
CA GLU D 321 7.15 7.99 -21.31
C GLU D 321 5.86 7.22 -21.09
N ILE D 322 5.97 5.99 -20.64
CA ILE D 322 4.79 5.17 -20.41
C ILE D 322 4.15 5.53 -19.09
N GLY D 323 4.93 5.48 -18.01
CA GLY D 323 4.32 5.57 -16.69
C GLY D 323 3.81 6.96 -16.39
N THR D 324 4.60 7.97 -16.68
CA THR D 324 4.23 9.34 -16.39
C THR D 324 3.37 9.95 -17.50
N ARG D 325 3.91 10.04 -18.70
CA ARG D 325 3.17 10.79 -19.70
C ARG D 325 1.95 10.00 -20.19
N ASN D 326 2.18 8.77 -20.66
CA ASN D 326 1.07 8.11 -21.36
C ASN D 326 -0.05 7.72 -20.40
N LEU D 327 0.29 7.27 -19.21
CA LEU D 327 -0.74 6.80 -18.30
C LEU D 327 -1.25 7.88 -17.35
N CYS D 328 -0.42 8.90 -17.02
CA CYS D 328 -0.82 9.86 -15.99
C CYS D 328 -1.18 11.25 -16.53
N ASP D 329 -0.86 11.55 -17.78
CA ASP D 329 -1.26 12.84 -18.33
C ASP D 329 -2.78 12.97 -18.19
N PRO D 330 -3.27 14.12 -17.71
CA PRO D 330 -4.73 14.31 -17.61
C PRO D 330 -5.44 14.12 -18.95
N HIS D 331 -4.76 14.38 -20.06
CA HIS D 331 -5.36 14.24 -21.37
C HIS D 331 -4.97 12.92 -22.05
N ARG D 332 -4.33 12.01 -21.32
CA ARG D 332 -4.11 10.67 -21.86
C ARG D 332 -4.92 9.68 -21.00
N TYR D 333 -4.31 8.59 -20.56
CA TYR D 333 -5.11 7.61 -19.83
C TYR D 333 -5.53 8.12 -18.46
N ASN D 334 -4.83 9.10 -17.91
CA ASN D 334 -5.31 9.86 -16.75
C ASN D 334 -5.69 8.93 -15.60
N ILE D 335 -4.80 7.97 -15.29
CA ILE D 335 -5.12 6.97 -14.26
C ILE D 335 -4.69 7.41 -12.86
N LEU D 336 -4.02 8.57 -12.72
CA LEU D 336 -3.30 8.89 -11.49
C LEU D 336 -4.22 8.86 -10.28
N GLU D 337 -5.37 9.50 -10.39
CA GLU D 337 -6.26 9.57 -9.24
C GLU D 337 -6.79 8.19 -8.87
N ASP D 338 -7.10 7.36 -9.86
CA ASP D 338 -7.64 6.04 -9.55
C ASP D 338 -6.59 5.18 -8.86
N VAL D 339 -5.32 5.34 -9.26
CA VAL D 339 -4.26 4.62 -8.58
C VAL D 339 -4.07 5.14 -7.15
N ALA D 340 -4.07 6.47 -6.97
CA ALA D 340 -3.90 7.01 -5.62
C ALA D 340 -5.04 6.57 -4.71
N VAL D 341 -6.26 6.52 -5.24
CA VAL D 341 -7.40 6.05 -4.46
C VAL D 341 -7.21 4.60 -4.05
N CYS D 342 -6.86 3.72 -5.02
CA CYS D 342 -6.58 2.34 -4.67
C CYS D 342 -5.44 2.22 -3.66
N MET D 343 -4.41 3.06 -3.80
CA MET D 343 -3.34 3.06 -2.83
C MET D 343 -3.78 3.57 -1.48
N ASP D 344 -5.02 4.07 -1.37
CA ASP D 344 -5.55 4.65 -0.14
C ASP D 344 -4.72 5.85 0.32
N LEU D 345 -4.32 6.68 -0.63
CA LEU D 345 -3.72 7.96 -0.28
C LEU D 345 -4.81 8.99 0.00
N ASP D 346 -4.45 10.01 0.78
CA ASP D 346 -5.38 11.11 1.02
C ASP D 346 -5.36 12.00 -0.21
N THR D 347 -6.36 11.84 -1.08
CA THR D 347 -6.44 12.60 -2.32
C THR D 347 -7.19 13.92 -2.15
N ARG D 348 -7.57 14.29 -0.93
CA ARG D 348 -8.29 15.54 -0.76
C ARG D 348 -7.39 16.76 -0.58
N THR D 349 -6.16 16.55 -0.10
CA THR D 349 -5.19 17.63 0.04
C THR D 349 -4.02 17.36 -0.89
N THR D 350 -3.51 18.41 -1.54
CA THR D 350 -2.35 18.22 -2.40
C THR D 350 -1.09 18.03 -1.56
N SER D 351 -1.06 18.61 -0.35
CA SER D 351 0.17 18.62 0.43
C SER D 351 0.56 17.24 0.97
N SER D 352 -0.29 16.22 0.81
CA SER D 352 0.12 14.85 1.09
C SER D 352 0.96 14.26 -0.04
N LEU D 353 1.04 14.93 -1.20
CA LEU D 353 1.82 14.49 -2.35
C LEU D 353 1.34 13.13 -2.87
N TRP D 354 0.03 12.92 -2.83
CA TRP D 354 -0.54 11.69 -3.35
C TRP D 354 -0.25 11.54 -4.84
N LYS D 355 -0.27 12.65 -5.56
CA LYS D 355 0.02 12.58 -6.99
C LYS D 355 1.42 12.03 -7.22
N ASP D 356 2.41 12.60 -6.54
CA ASP D 356 3.79 12.15 -6.69
C ASP D 356 3.95 10.70 -6.27
N LYS D 357 3.30 10.29 -5.18
CA LYS D 357 3.40 8.91 -4.70
C LYS D 357 2.74 7.94 -5.66
N ALA D 358 1.54 8.25 -6.14
CA ALA D 358 0.91 7.36 -7.11
C ALA D 358 1.75 7.28 -8.38
N ALA D 359 2.29 8.41 -8.85
CA ALA D 359 3.04 8.40 -10.11
C ALA D 359 4.30 7.58 -9.98
N VAL D 360 4.98 7.66 -8.84
CA VAL D 360 6.19 6.86 -8.64
C VAL D 360 5.87 5.37 -8.73
N GLU D 361 4.76 4.95 -8.12
CA GLU D 361 4.44 3.54 -8.16
C GLU D 361 4.00 3.08 -9.55
N ILE D 362 3.32 3.95 -10.29
CA ILE D 362 2.98 3.60 -11.66
C ILE D 362 4.25 3.40 -12.47
N ASN D 363 5.26 4.23 -12.24
CA ASN D 363 6.53 4.02 -12.94
C ASN D 363 7.21 2.73 -12.49
N VAL D 364 7.23 2.47 -11.18
CA VAL D 364 7.74 1.20 -10.67
C VAL D 364 7.08 0.03 -11.39
N ALA D 365 5.75 0.07 -11.48
CA ALA D 365 5.00 -0.98 -12.16
C ALA D 365 5.43 -1.13 -13.62
N VAL D 366 5.67 -0.03 -14.31
CA VAL D 366 6.07 -0.12 -15.72
C VAL D 366 7.40 -0.84 -15.83
N LEU D 367 8.38 -0.41 -15.02
CA LEU D 367 9.72 -1.01 -15.05
C LEU D 367 9.66 -2.48 -14.67
N HIS D 368 9.02 -2.77 -13.55
CA HIS D 368 8.90 -4.15 -13.12
C HIS D 368 8.24 -4.99 -14.20
N SER D 369 7.20 -4.45 -14.84
CA SER D 369 6.43 -5.24 -15.77
C SER D 369 7.23 -5.55 -17.04
N TYR D 370 7.94 -4.55 -17.57
CA TYR D 370 8.75 -4.76 -18.76
C TYR D 370 9.90 -5.70 -18.46
N GLN D 371 10.55 -5.53 -17.31
CA GLN D 371 11.60 -6.45 -16.90
C GLN D 371 11.04 -7.85 -16.72
N LEU D 372 9.84 -7.97 -16.18
CA LEU D 372 9.23 -9.28 -16.00
C LEU D 372 8.96 -9.94 -17.35
N ALA D 373 8.44 -9.16 -18.30
CA ALA D 373 8.16 -9.65 -19.64
C ALA D 373 9.41 -9.75 -20.51
N LYS D 374 10.58 -9.38 -19.98
CA LYS D 374 11.84 -9.41 -20.74
C LYS D 374 11.74 -8.54 -21.99
N VAL D 375 11.29 -7.30 -21.79
CA VAL D 375 11.21 -6.31 -22.84
C VAL D 375 12.11 -5.16 -22.44
N THR D 376 13.06 -4.82 -23.30
CA THR D 376 13.96 -3.70 -23.07
C THR D 376 13.19 -2.47 -22.62
N ILE D 377 13.69 -1.86 -21.55
CA ILE D 377 13.18 -0.59 -21.03
C ILE D 377 14.32 0.04 -20.25
N VAL D 378 14.31 1.37 -20.17
CA VAL D 378 15.33 2.09 -19.42
C VAL D 378 14.62 3.09 -18.52
N ASP D 379 15.03 3.14 -17.26
CA ASP D 379 14.45 4.13 -16.36
C ASP D 379 15.11 5.49 -16.60
N HIS D 380 14.43 6.54 -16.14
CA HIS D 380 14.91 7.90 -16.39
C HIS D 380 16.25 8.19 -15.71
N HIS D 381 16.65 7.42 -14.68
CA HIS D 381 17.96 7.63 -14.09
C HIS D 381 19.07 7.07 -14.97
N ALA D 382 18.93 5.82 -15.40
CA ALA D 382 19.92 5.27 -16.32
C ALA D 382 19.96 6.07 -17.61
N ALA D 383 18.81 6.47 -18.14
CA ALA D 383 18.77 7.16 -19.42
C ALA D 383 19.45 8.51 -19.37
N THR D 384 19.16 9.30 -18.32
CA THR D 384 19.76 10.62 -18.20
C THR D 384 21.24 10.52 -17.85
N ALA D 385 21.64 9.51 -17.08
CA ALA D 385 23.05 9.31 -16.83
C ALA D 385 23.76 8.94 -18.13
N SER D 386 23.10 8.13 -18.96
CA SER D 386 23.75 7.79 -20.23
C SER D 386 23.74 9.00 -21.17
N PHE D 387 22.74 9.88 -21.06
CA PHE D 387 22.77 11.07 -21.91
C PHE D 387 23.89 12.01 -21.50
N MET D 388 24.18 12.10 -20.19
CA MET D 388 25.35 12.85 -19.76
C MET D 388 26.63 12.29 -20.37
N LYS D 389 26.70 10.97 -20.54
CA LYS D 389 27.85 10.43 -21.23
C LYS D 389 27.84 10.81 -22.71
N HIS D 390 26.66 10.84 -23.32
CA HIS D 390 26.55 11.33 -24.68
C HIS D 390 27.07 12.77 -24.80
N LEU D 391 26.65 13.65 -23.88
CA LEU D 391 27.09 15.04 -23.93
C LEU D 391 28.60 15.14 -23.89
N GLU D 392 29.22 14.36 -23.01
CA GLU D 392 30.67 14.36 -22.90
C GLU D 392 31.32 13.82 -24.17
N ASN D 393 30.80 12.71 -24.72
CA ASN D 393 31.36 12.22 -25.99
C ASN D 393 31.21 13.26 -27.09
N GLU D 394 30.06 13.93 -27.16
CA GLU D 394 29.79 14.83 -28.28
C GLU D 394 30.59 16.10 -28.15
N GLN D 395 30.80 16.57 -26.92
CA GLN D 395 31.68 17.71 -26.69
C GLN D 395 33.09 17.44 -27.22
N LYS D 396 33.56 16.20 -27.10
CA LYS D 396 34.88 15.86 -27.62
C LYS D 396 34.87 15.67 -29.14
N ALA D 397 33.83 15.02 -29.67
CA ALA D 397 33.80 14.73 -31.10
C ALA D 397 33.51 15.97 -31.94
N ARG D 398 32.62 16.84 -31.46
CA ARG D 398 32.05 17.88 -32.29
C ARG D 398 32.08 19.26 -31.65
N GLY D 399 32.47 19.35 -30.38
CA GLY D 399 32.50 20.62 -29.69
C GLY D 399 31.16 21.09 -29.21
N GLY D 400 30.25 20.18 -28.95
CA GLY D 400 28.92 20.56 -28.52
C GLY D 400 27.92 19.48 -28.84
N CYS D 401 26.68 19.73 -28.45
CA CYS D 401 25.61 18.80 -28.70
C CYS D 401 24.28 19.53 -28.57
N PRO D 402 23.47 19.57 -29.64
CA PRO D 402 22.15 20.21 -29.52
C PRO D 402 21.26 19.40 -28.58
N ALA D 403 20.79 20.07 -27.53
CA ALA D 403 19.92 19.41 -26.56
C ALA D 403 18.81 20.37 -26.14
N ASP D 404 17.61 19.82 -26.04
CA ASP D 404 16.42 20.57 -25.67
C ASP D 404 16.09 20.22 -24.23
N TRP D 405 16.53 21.09 -23.31
CA TRP D 405 16.52 20.78 -21.87
C TRP D 405 15.16 20.33 -21.41
N ALA D 406 14.11 21.08 -21.77
CA ALA D 406 12.76 20.75 -21.32
C ALA D 406 12.32 19.35 -21.74
N TRP D 407 12.86 18.82 -22.84
CA TRP D 407 12.51 17.48 -23.29
C TRP D 407 13.46 16.42 -22.76
N ILE D 408 14.70 16.80 -22.46
CA ILE D 408 15.72 15.91 -21.94
C ILE D 408 15.47 15.62 -20.46
N VAL D 409 15.07 16.63 -19.70
CA VAL D 409 14.77 16.46 -18.29
C VAL D 409 13.49 15.65 -18.14
N PRO D 410 13.53 14.53 -17.43
CA PRO D 410 12.37 13.61 -17.35
C PRO D 410 11.18 14.27 -16.67
N PRO D 411 9.96 13.79 -16.94
CA PRO D 411 8.76 14.47 -16.44
C PRO D 411 8.45 14.20 -14.98
N ILE D 412 9.09 13.23 -14.34
CA ILE D 412 9.11 13.14 -12.88
C ILE D 412 10.56 13.17 -12.45
N SER D 413 10.77 13.56 -11.19
CA SER D 413 12.08 13.50 -10.54
C SER D 413 13.17 14.26 -11.31
N GLY D 414 12.79 15.31 -12.04
CA GLY D 414 13.70 16.10 -12.83
C GLY D 414 15.05 16.40 -12.20
N SER D 415 15.05 17.08 -11.06
CA SER D 415 16.33 17.49 -10.48
C SER D 415 17.04 16.36 -9.76
N LEU D 416 16.41 15.20 -9.63
CA LEU D 416 17.12 14.02 -9.15
C LEU D 416 17.99 13.39 -10.22
N THR D 417 17.86 13.81 -11.47
CA THR D 417 18.67 13.28 -12.55
C THR D 417 19.75 14.29 -12.89
N PRO D 418 20.88 13.85 -13.48
CA PRO D 418 21.98 14.78 -13.68
C PRO D 418 21.74 15.79 -14.80
N VAL D 419 20.84 15.51 -15.75
CA VAL D 419 20.63 16.43 -16.86
C VAL D 419 19.94 17.70 -16.40
N PHE D 420 19.18 17.64 -15.30
CA PHE D 420 18.59 18.84 -14.75
C PHE D 420 19.64 19.91 -14.48
N HIS D 421 20.79 19.52 -13.94
CA HIS D 421 21.81 20.48 -13.56
C HIS D 421 22.76 20.81 -14.69
N GLN D 422 22.43 20.37 -15.90
CA GLN D 422 23.26 20.58 -17.08
C GLN D 422 22.58 21.64 -17.95
N GLU D 423 23.21 22.80 -18.08
CA GLU D 423 22.78 23.76 -19.08
C GLU D 423 22.97 23.16 -20.47
N MET D 424 22.06 23.50 -21.36
CA MET D 424 22.06 22.93 -22.70
C MET D 424 21.76 24.02 -23.71
N VAL D 425 22.23 23.78 -24.92
CA VAL D 425 22.09 24.72 -26.04
C VAL D 425 21.30 24.00 -27.11
N ASN D 426 20.19 24.60 -27.52
CA ASN D 426 19.28 23.98 -28.45
C ASN D 426 19.43 24.66 -29.81
N TYR D 427 19.65 23.87 -30.84
CA TYR D 427 19.83 24.39 -32.19
C TYR D 427 19.64 23.25 -33.18
N PHE D 428 19.48 23.61 -34.44
CA PHE D 428 19.10 22.67 -35.49
C PHE D 428 20.31 22.38 -36.35
N LEU D 429 20.71 21.10 -36.38
CA LEU D 429 21.68 20.59 -37.34
C LEU D 429 20.98 19.69 -38.35
N SER D 430 21.55 19.60 -39.54
CA SER D 430 21.07 18.64 -40.51
C SER D 430 22.19 17.64 -40.81
N PRO D 431 21.86 16.37 -41.11
CA PRO D 431 20.55 15.67 -41.22
C PRO D 431 19.69 15.74 -39.98
N ALA D 432 18.38 15.63 -40.19
CA ALA D 432 17.46 15.89 -39.11
C ALA D 432 16.18 15.12 -39.33
N PHE D 433 15.54 14.78 -38.22
CA PHE D 433 14.13 14.44 -38.23
C PHE D 433 13.36 15.72 -37.96
N ARG D 434 12.35 15.99 -38.77
CA ARG D 434 11.51 17.17 -38.63
C ARG D 434 10.06 16.74 -38.57
N TYR D 435 9.24 17.53 -37.89
CA TYR D 435 7.81 17.39 -38.00
C TYR D 435 7.36 17.78 -39.39
N GLN D 436 6.21 17.24 -39.80
CA GLN D 436 5.61 17.60 -41.07
C GLN D 436 4.11 17.64 -40.86
N PRO D 437 3.38 18.35 -41.71
CA PRO D 437 1.92 18.37 -41.54
C PRO D 437 1.34 16.97 -41.68
N ASP D 438 0.24 16.74 -40.98
CA ASP D 438 -0.50 15.51 -41.17
C ASP D 438 -1.00 15.44 -42.61
N PRO D 439 -0.96 14.27 -43.24
CA PRO D 439 -1.28 14.20 -44.68
C PRO D 439 -2.75 14.40 -44.99
N TRP D 440 -3.63 14.46 -43.99
CA TRP D 440 -5.04 14.67 -44.25
C TRP D 440 -5.51 16.09 -43.91
CHA HEM E . -6.73 -32.04 9.00
CHB HEM E . -10.20 -31.55 5.64
CHC HEM E . -8.87 -35.87 3.97
CHD HEM E . -5.91 -36.66 7.71
C1A HEM E . -7.70 -31.48 8.19
C2A HEM E . -8.19 -30.10 8.21
C3A HEM E . -9.14 -29.97 7.28
C4A HEM E . -9.31 -31.25 6.64
CMA HEM E . -9.92 -28.70 6.94
CAA HEM E . -7.67 -28.95 9.10
CBA HEM E . -6.25 -28.68 8.60
CGA HEM E . -5.86 -27.23 8.73
O1A HEM E . -6.72 -26.34 8.53
O2A HEM E . -4.66 -26.98 9.00
C1B HEM E . -10.15 -32.69 4.88
C2B HEM E . -10.98 -32.98 3.73
C3B HEM E . -10.63 -34.19 3.27
C4B HEM E . -9.55 -34.69 4.11
CMB HEM E . -12.10 -32.07 3.17
CAB HEM E . -11.29 -34.87 2.04
CBB HEM E . -11.05 -36.13 1.67
C1C HEM E . -7.94 -36.45 4.81
C2C HEM E . -7.27 -37.71 4.60
C3C HEM E . -6.44 -37.94 5.63
C4C HEM E . -6.58 -36.83 6.53
CMC HEM E . -7.50 -38.60 3.36
CAC HEM E . -5.53 -39.14 5.92
CBC HEM E . -5.81 -40.38 5.49
C1D HEM E . -5.86 -35.45 8.39
C2D HEM E . -5.05 -35.16 9.55
C3D HEM E . -5.29 -33.91 9.89
C4D HEM E . -6.25 -33.33 8.97
CMD HEM E . -4.10 -36.14 10.25
CAD HEM E . -4.63 -33.19 11.09
CBD HEM E . -3.53 -32.29 10.60
CGD HEM E . -3.43 -31.12 11.52
O1D HEM E . -3.36 -31.35 12.76
O2D HEM E . -3.41 -29.96 11.02
NA HEM E . -8.43 -32.15 7.23
NB HEM E . -9.29 -33.73 5.07
NC HEM E . -7.49 -35.93 6.01
ND HEM E . -6.58 -34.33 8.05
FE HEM E . -8.23 -34.19 6.84
N1 H4B F . -8.02 -24.56 12.51
C2 H4B F . -7.63 -25.06 11.31
N2 H4B F . -8.53 -25.75 10.54
N3 H4B F . -6.37 -24.86 10.86
C4 H4B F . -5.46 -24.18 11.61
O4 H4B F . -4.30 -24.02 11.18
C4A H4B F . -5.86 -23.68 12.84
C8A H4B F . -7.15 -23.87 13.29
N5 H4B F . -4.99 -23.00 13.61
N8 H4B F . -7.56 -23.41 14.49
C6 H4B F . -5.23 -22.92 15.04
C7 H4B F . -6.70 -22.61 15.34
C9 H4B F . -4.26 -21.93 15.69
O9 H4B F . -4.08 -20.76 14.91
C10 H4B F . -4.79 -21.52 17.05
C11 H4B F . -3.83 -20.56 17.71
O10 H4B F . -4.97 -22.72 17.81
C17 A1CN8 G . -1.59 -26.98 8.31
C22 A1CN8 G . 1.74 -25.45 9.04
C11 A1CN8 G . -2.91 -30.46 7.38
C18 A1CN8 G . -0.11 -26.64 8.19
C23 A1CN8 G . 2.25 -24.53 10.14
F12 A1CN8 G . -2.08 -32.59 7.83
F13 A1CN8 G . 0.06 -31.48 9.20
C02 A1CN8 G . -7.32 -31.41 3.37
C03 A1CN8 G . -6.98 -32.73 3.09
C04 A1CN8 G . -5.85 -33.29 3.67
C05 A1CN8 G . -5.09 -32.53 4.54
C06 A1CN8 G . -5.46 -31.21 4.81
C07 A1CN8 G . -5.47 -34.71 3.36
C08 A1CN8 G . -4.67 -30.32 5.73
C12 A1CN8 G . -1.95 -31.25 7.95
C13 A1CN8 G . -0.88 -30.69 8.64
C14 A1CN8 G . -0.78 -29.31 8.74
C15 A1CN8 G . -1.75 -28.49 8.18
C16 A1CN8 G . -2.81 -29.06 7.49
C24 A1CN8 G . 2.32 -25.28 11.46
C25 A1CN8 G . 0.99 -26.00 11.74
C26 A1CN8 G . 0.45 -26.79 10.55
F27 A1CN8 G . 3.37 -26.16 11.38
N01 A1CN8 G . -6.56 -30.69 4.21
N02 A1CN8 G . -8.41 -30.84 2.81
N21 A1CN8 G . 0.39 -25.93 9.36
O09 A1CN8 G . -3.95 -31.05 6.71
C1 BTB H . -2.47 1.72 4.38
O1 BTB H . -2.98 1.25 3.12
C2 BTB H . -2.97 0.76 5.43
C3 BTB H . -2.81 -0.61 4.79
O3 BTB H . -3.87 -1.48 5.16
C4 BTB H . -2.12 0.84 6.68
O4 BTB H . -2.04 -0.45 7.31
N BTB H . -4.37 1.04 5.74
C5 BTB H . -4.62 2.48 5.65
C6 BTB H . -6.10 2.77 5.88
O6 BTB H . -6.87 2.10 4.87
C7 BTB H . -4.73 0.67 7.14
C8 BTB H . -5.78 -0.45 7.14
O8 BTB H . -6.04 -0.79 5.77
C1 GOL I . 0.54 -56.32 -2.43
O1 GOL I . 1.24 -55.09 -2.49
C2 GOL I . -0.71 -56.21 -3.30
O2 GOL I . -1.37 -55.01 -2.97
C3 GOL I . -1.61 -57.43 -3.11
O3 GOL I . -2.79 -57.06 -2.44
C1 GOL J . 26.74 -41.58 0.05
O1 GOL J . 27.86 -40.76 0.30
C2 GOL J . 27.18 -42.96 -0.41
O2 GOL J . 26.91 -43.12 -1.79
C3 GOL J . 26.40 -44.03 0.34
O3 GOL J . 25.39 -43.41 1.10
CL CL K . -3.28 -26.32 2.47
ZN ZN L . -8.25 -28.70 27.30
CA CA M . 18.30 -3.15 2.08
CA CA N . -13.23 3.75 -1.79
CHA HEM O . -18.14 -12.82 28.11
CHB HEM O . -17.62 -8.82 25.48
CHC HEM O . -17.79 -6.13 29.48
CHD HEM O . -17.57 -10.16 32.16
C1A HEM O . -18.11 -11.98 27.02
C2A HEM O . -18.32 -12.32 25.64
C3A HEM O . -18.19 -11.22 24.92
C4A HEM O . -17.87 -10.12 25.82
CMA HEM O . -18.34 -11.09 23.40
CAA HEM O . -18.71 -13.72 25.11
CBA HEM O . -20.14 -13.91 25.61
CGA HEM O . -20.92 -14.92 24.83
O1A HEM O . -20.74 -15.02 23.60
O2A HEM O . -21.76 -15.64 25.44
C1B HEM O . -17.60 -7.74 26.31
C2B HEM O . -17.45 -6.36 25.89
C3B HEM O . -17.48 -5.59 26.99
C4B HEM O . -17.67 -6.46 28.15
CMB HEM O . -17.26 -5.89 24.43
CAB HEM O . -17.35 -4.06 26.92
CBB HEM O . -17.19 -3.27 27.99
C1C HEM O . -17.76 -6.99 30.56
C2C HEM O . -17.80 -6.59 31.96
C3C HEM O . -17.74 -7.70 32.71
C4C HEM O . -17.65 -8.83 31.81
CMC HEM O . -17.92 -5.10 32.37
CAC HEM O . -17.72 -7.85 34.24
CBC HEM O . -17.42 -6.82 35.04
C1D HEM O . -17.71 -11.22 31.28
C2D HEM O . -17.75 -12.59 31.66
C3D HEM O . -17.92 -13.32 30.57
C4D HEM O . -17.98 -12.43 29.43
CMD HEM O . -17.64 -13.13 33.11
CAD HEM O . -17.96 -14.85 30.54
CBD HEM O . -19.33 -15.44 30.76
CGD HEM O . -19.09 -16.90 30.51
O1D HEM O . -18.14 -17.50 31.12
O2D HEM O . -19.87 -17.48 29.70
NA HEM O . -17.83 -10.64 27.08
NB HEM O . -17.72 -7.76 27.69
NC HEM O . -17.67 -8.36 30.53
ND HEM O . -17.84 -11.14 29.90
FE HEM O . -17.33 -9.52 28.71
N1 H4B P . -18.08 -18.39 21.98
C2 H4B P . -18.79 -17.33 22.44
N2 H4B P . -18.22 -16.11 22.52
N3 H4B P . -20.08 -17.52 22.84
C4 H4B P . -20.68 -18.73 22.79
O4 H4B P . -21.87 -18.88 23.15
C4A H4B P . -19.95 -19.80 22.33
C8A H4B P . -18.64 -19.62 21.91
N5 H4B P . -20.52 -21.02 22.26
N8 H4B P . -17.90 -20.67 21.46
C6 H4B P . -19.64 -22.17 22.33
C7 H4B P . -18.46 -22.02 21.36
C9 H4B P . -20.41 -23.48 22.15
O9 H4B P . -21.42 -23.38 21.13
C10 H4B P . -19.45 -24.61 21.86
C11 H4B P . -20.16 -25.97 21.73
O10 H4B P . -18.46 -24.64 22.90
C17 A1CN8 Q . -24.61 -16.00 26.74
C22 A1CN8 Q . -25.70 -19.17 26.21
C11 A1CN8 Q . -22.42 -13.54 28.61
C18 A1CN8 Q . -25.55 -17.07 27.29
C23 A1CN8 Q . -25.47 -20.68 26.25
F12 A1CN8 Q . -21.50 -13.59 30.80
F13 A1CN8 Q . -22.63 -16.02 31.24
C02 A1CN8 Q . -21.04 -8.13 26.38
C03 A1CN8 Q . -20.89 -7.46 27.60
C04 A1CN8 Q . -21.18 -8.18 28.76
C05 A1CN8 Q . -21.58 -9.52 28.68
C06 A1CN8 Q . -21.69 -10.11 27.44
C07 A1CN8 Q . -21.08 -7.55 30.13
C08 A1CN8 Q . -22.14 -11.54 27.25
C12 A1CN8 Q . -22.23 -14.17 29.83
C13 A1CN8 Q . -22.81 -15.42 30.05
C14 A1CN8 Q . -23.58 -16.02 29.06
C15 A1CN8 Q . -23.78 -15.38 27.83
C16 A1CN8 Q . -23.19 -14.14 27.62
C24 A1CN8 Q . -25.63 -21.20 27.68
C25 A1CN8 Q . -24.61 -20.44 28.51
C26 A1CN8 Q . -25.01 -18.98 28.56
F27 A1CN8 Q . -26.91 -20.96 28.15
N01 A1CN8 Q . -21.44 -9.40 26.35
N02 A1CN8 Q . -20.80 -7.55 25.20
N21 A1CN8 Q . -24.93 -18.40 27.21
O09 A1CN8 Q . -21.84 -12.31 28.40
C1 BTB R . -28.40 3.87 -3.39
O1 BTB R . -27.82 3.74 -4.69
C2 BTB R . -28.84 2.49 -2.87
C3 BTB R . -27.71 1.46 -3.06
O3 BTB R . -27.95 0.31 -2.25
C4 BTB R . -29.10 2.57 -1.37
O4 BTB R . -30.44 2.14 -1.10
N BTB R . -30.09 2.03 -3.57
C5 BTB R . -29.82 1.12 -4.69
C6 BTB R . -31.09 0.34 -4.95
O6 BTB R . -30.96 -1.01 -4.51
C7 BTB R . -31.01 3.09 -4.03
C8 BTB R . -32.34 3.09 -3.26
O8 BTB R . -32.79 1.78 -2.88
C1 BTB S . -43.71 -11.49 55.11
O1 BTB S . -44.05 -10.17 54.64
C2 BTB S . -43.26 -12.30 53.89
C3 BTB S . -44.44 -12.58 52.96
O3 BTB S . -44.03 -13.70 52.14
C4 BTB S . -42.29 -11.45 53.08
O4 BTB S . -41.17 -10.94 53.83
N BTB S . -42.80 -13.66 54.24
C5 BTB S . -43.67 -14.21 55.32
C6 BTB S . -43.71 -15.74 55.34
O6 BTB S . -43.73 -16.24 53.99
C7 BTB S . -41.39 -13.71 54.66
C8 BTB S . -40.79 -14.90 53.95
O8 BTB S . -41.76 -15.20 52.93
C1 GOL T . -38.57 -18.77 7.12
O1 GOL T . -38.68 -18.95 5.72
C2 GOL T . -39.89 -18.34 7.76
O2 GOL T . -39.92 -16.93 7.86
C3 GOL T . -39.96 -18.95 9.15
O3 GOL T . -39.58 -20.30 9.04
CL CL U . -26.69 -11.35 24.39
GD GD V . -30.62 -0.21 -1.93
CHA HEM W . 11.94 32.94 -8.24
CHB HEM W . 8.55 31.00 -5.36
CHC HEM W . 7.59 35.44 -3.69
CHD HEM W . 10.76 37.41 -6.80
C1A HEM W . 11.16 32.03 -7.56
C2A HEM W . 11.31 30.59 -7.59
C3A HEM W . 10.39 30.05 -6.79
C4A HEM W . 9.61 31.13 -6.23
CMA HEM W . 10.16 28.55 -6.53
CAA HEM W . 12.37 29.79 -8.38
CBA HEM W . 13.74 30.17 -7.83
CGA HEM W . 14.61 28.94 -7.72
O1A HEM W . 14.07 27.81 -7.55
O2A HEM W . 15.86 29.12 -7.79
C1B HEM W . 7.96 32.04 -4.68
C2B HEM W . 6.84 31.92 -3.78
C3B HEM W . 6.54 33.14 -3.31
C4B HEM W . 7.49 34.09 -3.90
CMB HEM W . 6.10 30.61 -3.44
CAB HEM W . 5.39 33.41 -2.30
CBB HEM W . 4.90 34.62 -2.02
C1C HEM W . 8.39 36.36 -4.34
C2C HEM W . 8.51 37.78 -4.05
C3C HEM W . 9.40 38.32 -4.90
C4C HEM W . 9.86 37.25 -5.78
CMC HEM W . 7.75 38.50 -2.91
CAC HEM W . 9.88 39.78 -5.04
CBC HEM W . 9.09 40.82 -4.75
C1D HEM W . 11.36 36.38 -7.49
C2D HEM W . 12.32 36.49 -8.56
C3D HEM W . 12.62 35.26 -8.95
C4D HEM W . 11.87 34.32 -8.15
CMD HEM W . 12.89 37.80 -9.14
CAD HEM W . 13.61 34.90 -10.06
CBD HEM W . 14.99 34.83 -9.45
CGD HEM W . 15.85 34.14 -10.46
O1D HEM W . 15.98 34.67 -11.60
O2D HEM W . 16.40 33.06 -10.13
NA HEM W . 10.12 32.32 -6.72
NB HEM W . 8.34 33.36 -4.74
NC HEM W . 9.23 36.08 -5.41
ND HEM W . 11.12 35.04 -7.27
FE HEM W . 9.45 34.26 -6.40
N1 H4B X . 14.25 25.87 -11.77
C2 H4B X . 14.19 26.42 -10.52
N2 H4B X . 12.98 26.66 -9.96
N3 H4B X . 15.34 26.71 -9.85
C4 H4B X . 16.55 26.46 -10.41
O4 H4B X . 17.61 26.73 -9.80
C4A H4B X . 16.61 25.92 -11.69
C8A H4B X . 15.43 25.62 -12.36
N5 H4B X . 17.80 25.67 -12.26
N8 H4B X . 15.47 25.10 -13.61
C6 H4B X . 17.90 25.51 -13.70
C7 H4B X . 16.71 24.75 -14.29
C9 H4B X . 19.25 24.87 -14.06
O9 H4B X . 19.49 23.70 -13.28
C10 H4B X . 19.28 24.50 -15.53
C11 H4B X . 20.67 24.02 -15.93
O10 H4B X . 18.89 25.64 -16.29
C17 A1CN8 Y . 18.35 30.11 -6.13
C22 A1CN8 Y . 21.18 28.93 -7.45
C11 A1CN8 Y . 15.62 32.72 -5.81
C18 A1CN8 Y . 19.84 30.36 -6.10
C23 A1CN8 Y . 21.76 28.66 -8.83
F12 A1CN8 Y . 15.57 35.02 -6.34
F13 A1CN8 Y . 18.16 34.88 -7.20
C02 A1CN8 Y . 10.62 31.70 -2.66
C03 A1CN8 Y . 10.37 33.03 -2.37
C04 A1CN8 Y . 11.28 33.98 -2.82
C05 A1CN8 Y . 12.39 33.61 -3.55
C06 A1CN8 Y . 12.59 32.26 -3.81
C07 A1CN8 Y . 11.02 35.43 -2.50
C08 A1CN8 Y . 13.78 31.78 -4.58
C12 A1CN8 Y . 16.24 33.85 -6.30
C13 A1CN8 Y . 17.56 33.78 -6.74
C14 A1CN8 Y . 18.25 32.58 -6.68
C15 A1CN8 Y . 17.62 31.43 -6.20
C16 A1CN8 Y . 16.30 31.51 -5.76
C24 A1CN8 Y . 22.56 29.86 -9.32
C25 A1CN8 Y . 21.70 31.10 -9.21
C26 A1CN8 Y . 21.23 31.30 -7.78
F27 A1CN8 Y . 23.69 30.00 -8.57
N01 A1CN8 Y . 11.70 31.35 -3.36
N02 A1CN8 Y . 9.77 30.73 -2.25
N21 A1CN8 Y . 20.38 30.15 -7.45
O09 A1CN8 Y . 14.32 32.81 -5.39
C1 BTB Z . 28.10 1.97 -3.23
O1 BTB Z . 27.67 1.28 -2.05
C2 BTB Z . 27.19 3.16 -3.53
C3 BTB Z . 26.74 3.72 -2.22
O3 BTB Z . 26.50 5.11 -2.48
C4 BTB Z . 28.09 4.29 -4.02
O4 BTB Z . 27.89 4.80 -5.33
N BTB Z . 25.94 2.71 -4.25
C5 BTB Z . 25.92 1.25 -4.50
C6 BTB Z . 24.71 0.71 -3.76
O6 BTB Z . 24.69 1.39 -2.49
C7 BTB Z . 25.53 3.36 -5.51
C8 BTB Z . 24.20 4.06 -5.32
O8 BTB Z . 24.30 4.86 -4.13
C1 GOL AA . 5.91 58.43 4.88
O1 GOL AA . 7.24 58.13 4.55
C2 GOL AA . 5.05 57.16 4.91
O2 GOL AA . 5.58 56.18 4.04
C3 GOL AA . 3.64 57.52 4.43
O3 GOL AA . 3.48 56.89 3.19
C1 GOL BA . 38.24 55.64 5.59
O1 GOL BA . 36.98 56.05 5.12
C2 GOL BA . 38.09 54.97 6.95
O2 GOL BA . 36.87 54.23 7.00
C3 GOL BA . 38.07 56.02 8.06
O3 GOL BA . 36.75 56.50 8.23
CL CL CA . 16.48 28.56 -0.88
ZN ZN DA . 15.08 30.28 -26.39
CHA HEM EA . 12.56 11.86 -28.67
CHB HEM EA . 14.17 8.30 -25.85
CHC HEM EA . 15.70 6.02 -29.83
CHD HEM EA . 14.80 9.93 -32.53
C1A HEM EA . 12.75 11.05 -27.59
C2A HEM EA . 12.16 11.22 -26.27
C3A HEM EA . 12.57 10.23 -25.50
C4A HEM EA . 13.48 9.41 -26.27
CMA HEM EA . 12.18 10.00 -24.02
CAA HEM EA . 11.15 12.32 -25.93
CBA HEM EA . 9.83 11.67 -26.33
CGA HEM EA . 8.63 12.41 -25.82
O1A HEM EA . 8.54 12.68 -24.60
O2A HEM EA . 7.73 12.70 -26.65
C1B HEM EA . 14.72 7.37 -26.68
C2B HEM EA . 15.26 6.09 -26.27
C3B HEM EA . 15.69 5.45 -27.35
C4B HEM EA . 15.44 6.30 -28.51
CMB HEM EA . 15.33 5.55 -24.83
CAB HEM EA . 16.33 4.04 -27.27
CBB HEM EA . 17.14 3.51 -28.18
C1C HEM EA . 15.57 6.86 -30.93
C2C HEM EA . 15.82 6.51 -32.31
C3C HEM EA . 15.56 7.60 -33.07
C4C HEM EA . 15.16 8.65 -32.17
CMC HEM EA . 16.29 5.13 -32.79
CAC HEM EA . 15.69 7.85 -34.58
CBC HEM EA . 16.62 7.29 -35.36
C1D HEM EA . 14.08 10.76 -31.72
C2D HEM EA . 13.51 12.02 -32.11
C3D HEM EA . 12.91 12.56 -31.07
C4D HEM EA . 13.06 11.67 -29.94
CMD HEM EA . 13.57 12.65 -33.50
CAD HEM EA . 12.19 13.92 -31.13
CBD HEM EA . 10.79 13.81 -30.59
CGD HEM EA . 10.03 15.02 -31.03
O1D HEM EA . 10.59 15.79 -31.86
O2D HEM EA . 8.88 15.24 -30.56
NA HEM EA . 13.55 9.95 -27.54
NB HEM EA . 14.85 7.47 -28.06
NC HEM EA . 15.15 8.17 -30.89
ND HEM EA . 13.80 10.58 -30.39
FE HEM EA . 14.63 9.23 -29.14
N1 H4B FA . 9.39 16.75 -22.78
C2 H4B FA . 9.25 15.53 -23.36
N2 H4B FA . 10.27 14.62 -23.33
N3 H4B FA . 8.09 15.20 -23.97
C4 H4B FA . 7.06 16.07 -24.03
O4 H4B FA . 5.99 15.75 -24.60
C4A H4B FA . 7.21 17.33 -23.45
C8A H4B FA . 8.39 17.67 -22.82
N5 H4B FA . 6.21 18.22 -23.48
N8 H4B FA . 8.56 18.89 -22.23
C6 H4B FA . 6.53 19.63 -23.34
C7 H4B FA . 7.48 19.89 -22.17
C9 H4B FA . 5.23 20.46 -23.34
O9 H4B FA . 4.20 19.88 -22.52
C10 H4B FA . 5.44 21.89 -22.92
C11 H4B FA . 4.15 22.65 -23.18
O10 H4B FA . 6.53 22.45 -23.64
C17 A1CN8 GA . 5.30 12.36 -28.76
C22 A1CN8 GA . 2.48 14.27 -28.46
C11 A1CN8 GA . 8.56 10.97 -30.09
C18 A1CN8 GA . 4.16 12.96 -29.54
C23 A1CN8 GA . 2.15 15.61 -27.83
F12 A1CN8 GA . 9.70 11.33 -32.14
F13 A1CN8 GA . 7.73 13.02 -32.97
C02 A1CN8 GA . 11.46 6.41 -27.45
C03 A1CN8 GA . 12.07 5.92 -28.62
C04 A1CN8 GA . 11.76 6.52 -29.84
C05 A1CN8 GA . 10.86 7.56 -29.90
C06 A1CN8 GA . 10.28 8.00 -28.71
C07 A1CN8 GA . 12.40 6.02 -31.13
C08 A1CN8 GA . 9.26 9.11 -28.70
C12 A1CN8 GA . 8.63 11.57 -31.33
C13 A1CN8 GA . 7.65 12.44 -31.75
C14 A1CN8 GA . 6.55 12.70 -30.92
C15 A1CN8 GA . 6.48 12.09 -29.67
C16 A1CN8 GA . 7.47 11.23 -29.26
C24 A1CN8 GA . 2.30 16.73 -28.86
C25 A1CN8 GA . 3.69 16.64 -29.50
C26 A1CN8 GA . 3.95 15.27 -30.09
F27 A1CN8 GA . 1.34 16.60 -29.84
N01 A1CN8 GA . 10.58 7.40 -27.54
N02 A1CN8 GA . 11.71 5.87 -26.23
N21 A1CN8 GA . 3.85 14.29 -29.00
O09 A1CN8 GA . 9.55 10.11 -29.67
C1 BTB HA . 3.81 -9.19 0.70
O1 BTB HA . 3.94 -9.05 2.12
C2 BTB HA . 3.14 -7.94 0.13
C3 BTB HA . 3.92 -6.69 0.53
O3 BTB HA . 3.56 -5.62 -0.36
C4 BTB HA . 3.27 -7.95 -1.39
O4 BTB HA . 2.05 -8.28 -2.04
N BTB HA . 1.72 -7.83 0.60
C5 BTB HA . 1.58 -6.99 1.81
C6 BTB HA . 0.72 -5.75 1.59
O6 BTB HA . -0.58 -6.15 1.15
C7 BTB HA . 0.93 -9.07 0.70
C8 BTB HA . 0.04 -9.24 -0.54
O8 BTB HA . -0.74 -8.06 -0.79
C1 BTB IA . -5.75 0.95 -59.17
O1 BTB IA . -5.86 -0.23 -58.36
C2 BTB IA . -5.11 2.11 -58.38
C3 BTB IA . -5.90 2.26 -57.09
O3 BTB IA . -5.86 3.64 -56.72
C4 BTB IA . -3.71 1.65 -57.93
O4 BTB IA . -2.56 2.15 -58.62
N BTB IA . -5.30 3.46 -59.02
C5 BTB IA . -6.16 3.35 -60.23
C6 BTB IA . -7.13 4.53 -60.34
O6 BTB IA . -7.56 4.97 -59.04
C7 BTB IA . -4.14 4.32 -59.36
C8 BTB IA . -4.32 5.69 -58.72
O8 BTB IA . -5.43 5.54 -57.82
C1 GOL JA . -12.63 7.54 -11.80
O1 GOL JA . -11.73 8.03 -10.85
C2 GOL JA . -12.07 7.84 -13.18
O2 GOL JA . -12.71 8.99 -13.71
C3 GOL JA . -12.35 6.62 -14.05
O3 GOL JA . -12.80 7.04 -15.31
CL CL KA . 4.82 6.86 -26.55
GD GD LA . 0.97 -5.98 -1.21
#